data_6XO6
# 
_entry.id   6XO6 
# 
_audit_conform.dict_name       mmcif_pdbx.dic 
_audit_conform.dict_version    5.380 
_audit_conform.dict_location   http://mmcif.pdb.org/dictionaries/ascii/mmcif_pdbx.dic 
# 
loop_
_database_2.database_id 
_database_2.database_code 
_database_2.pdbx_database_accession 
_database_2.pdbx_DOI 
PDB   6XO6         pdb_00006xo6 10.2210/pdb6xo6/pdb 
WWPDB D_1000250250 ?            ?                   
# 
_pdbx_database_status.status_code                     REL 
_pdbx_database_status.status_code_sf                  REL 
_pdbx_database_status.status_code_mr                  ? 
_pdbx_database_status.entry_id                        6XO6 
_pdbx_database_status.recvd_initial_deposition_date   2020-07-06 
_pdbx_database_status.SG_entry                        N 
_pdbx_database_status.deposit_site                    RCSB 
_pdbx_database_status.process_site                    RCSB 
_pdbx_database_status.status_code_cs                  ? 
_pdbx_database_status.status_code_nmr_data            ? 
_pdbx_database_status.methods_development_category    ? 
_pdbx_database_status.pdb_format_compatible           Y 
# 
loop_
_audit_author.name 
_audit_author.pdbx_ordinal 
_audit_author.identifier_ORCID 
'Simmons, C.R.'      1 0000-0002-2290-6132 
'MacCulloch, T.'     2 0000-0001-5875-3361 
'Stephanopoulos, N.' 3 0000-0001-7859-410X 
'Yan, H.'            4 0000-0001-7397-9852 
# 
_citation.abstract                  ? 
_citation.abstract_id_CAS           ? 
_citation.book_id_ISBN              ? 
_citation.book_publisher            ? 
_citation.book_publisher_city       ? 
_citation.book_title                ? 
_citation.coordinate_linkage        ? 
_citation.country                   UK 
_citation.database_id_Medline       ? 
_citation.details                   ? 
_citation.id                        primary 
_citation.journal_abbrev            'Nat Commun' 
_citation.journal_id_ASTM           ? 
_citation.journal_id_CSD            ? 
_citation.journal_id_ISSN           2041-1723 
_citation.journal_full              ? 
_citation.journal_issue             ? 
_citation.journal_volume            13 
_citation.language                  ? 
_citation.page_first                3112 
_citation.page_last                 3112 
_citation.title                     'The influence of Holliday junction sequence and dynamics on DNA crystal self-assembly.' 
_citation.year                      2022 
_citation.database_id_CSD           ? 
_citation.pdbx_database_id_DOI      10.1038/s41467-022-30779-6 
_citation.pdbx_database_id_PubMed   35662248 
_citation.unpublished_flag          ? 
# 
loop_
_citation_author.citation_id 
_citation_author.name 
_citation_author.ordinal 
_citation_author.identifier_ORCID 
primary 'Simmons, C.R.'      1  ?                   
primary 'MacCulloch, T.'     2  ?                   
primary 'Krepl, M.'          3  0000-0002-9833-4281 
primary 'Matthies, M.'       4  ?                   
primary 'Buchberger, A.'     5  ?                   
primary 'Crawford, I.'       6  ?                   
primary 'Sponer, J.'         7  0000-0001-6558-6186 
primary 'Sulc, P.'           8  0000-0003-1565-6769 
primary 'Stephanopoulos, N.' 9  0000-0001-7859-410X 
primary 'Yan, H.'            10 0000-0001-7397-9852 
# 
_cell.angle_alpha                  90.000 
_cell.angle_alpha_esd              ? 
_cell.angle_beta                   90.000 
_cell.angle_beta_esd               ? 
_cell.angle_gamma                  120.000 
_cell.angle_gamma_esd              ? 
_cell.entry_id                     6XO6 
_cell.details                      ? 
_cell.formula_units_Z              ? 
_cell.length_a                     67.903 
_cell.length_a_esd                 ? 
_cell.length_b                     67.903 
_cell.length_b_esd                 ? 
_cell.length_c                     59.509 
_cell.length_c_esd                 ? 
_cell.volume                       ? 
_cell.volume_esd                   ? 
_cell.Z_PDB                        3 
_cell.reciprocal_angle_alpha       ? 
_cell.reciprocal_angle_beta        ? 
_cell.reciprocal_angle_gamma       ? 
_cell.reciprocal_angle_alpha_esd   ? 
_cell.reciprocal_angle_beta_esd    ? 
_cell.reciprocal_angle_gamma_esd   ? 
_cell.reciprocal_length_a          ? 
_cell.reciprocal_length_b          ? 
_cell.reciprocal_length_c          ? 
_cell.reciprocal_length_a_esd      ? 
_cell.reciprocal_length_b_esd      ? 
_cell.reciprocal_length_c_esd      ? 
_cell.pdbx_unique_axis             ? 
# 
_symmetry.entry_id                         6XO6 
_symmetry.cell_setting                     ? 
_symmetry.Int_Tables_number                145 
_symmetry.space_group_name_Hall            ? 
_symmetry.space_group_name_H-M             'P 32' 
_symmetry.pdbx_full_space_group_name_H-M   ? 
# 
loop_
_entity.id 
_entity.type 
_entity.src_method 
_entity.pdbx_description 
_entity.formula_weight 
_entity.pdbx_number_of_molecules 
_entity.pdbx_ec 
_entity.pdbx_mutation 
_entity.pdbx_fragment 
_entity.details 
1 polymer     syn 
;DNA (5'-D(*GP*AP*GP*CP*AP*GP*AP*CP*AP*TP*GP*A)-3')
;
3720.456 1 ? ? ? ? 
2 polymer     syn 
;DNA (5'-D(P*CP*GP*TP*CP*AP*CP*TP*CP*A)-3')
;
2675.775 1 ? ? ? ? 
3 polymer     syn 
;DNA (5'-D(P*TP*CP*AP*AP*CP*G)-3')
;
1793.218 1 ? ? ? ? 
4 polymer     syn 
;DNA (5'-D(*TP*CP*TP*GP*AP*GP*TP*GP*TP*GP*TP*CP*TP*GP*C)-3')
;
4606.980 1 ? ? ? ? 
5 non-polymer syn 'CACODYLATE ION'                                              136.989  1 ? ? ? ? 
# 
loop_
_entity_poly.entity_id 
_entity_poly.type 
_entity_poly.nstd_linkage 
_entity_poly.nstd_monomer 
_entity_poly.pdbx_seq_one_letter_code 
_entity_poly.pdbx_seq_one_letter_code_can 
_entity_poly.pdbx_strand_id 
_entity_poly.pdbx_target_identifier 
1 polydeoxyribonucleotide no no '(DG)(DA)(DG)(DC)(DA)(DG)(DA)(DC)(DA)(DT)(DG)(DA)'             GAGCAGACATGA    A ? 
2 polydeoxyribonucleotide no no '(DC)(DG)(DT)(DC)(DA)(DC)(DT)(DC)(DA)'                         CGTCACTCA       B ? 
3 polydeoxyribonucleotide no no '(DT)(DC)(DA)(DA)(DC)(DG)'                                     TCAACG          C ? 
4 polydeoxyribonucleotide no no '(DT)(DC)(DT)(DG)(DA)(DG)(DT)(DG)(DT)(DG)(DT)(DC)(DT)(DG)(DC)' TCTGAGTGTGTCTGC D ? 
# 
loop_
_entity_poly_seq.entity_id 
_entity_poly_seq.num 
_entity_poly_seq.mon_id 
_entity_poly_seq.hetero 
1 1  DG n 
1 2  DA n 
1 3  DG n 
1 4  DC n 
1 5  DA n 
1 6  DG n 
1 7  DA n 
1 8  DC n 
1 9  DA n 
1 10 DT n 
1 11 DG n 
1 12 DA n 
2 1  DC n 
2 2  DG n 
2 3  DT n 
2 4  DC n 
2 5  DA n 
2 6  DC n 
2 7  DT n 
2 8  DC n 
2 9  DA n 
3 1  DT n 
3 2  DC n 
3 3  DA n 
3 4  DA n 
3 5  DC n 
3 6  DG n 
4 1  DT n 
4 2  DC n 
4 3  DT n 
4 4  DG n 
4 5  DA n 
4 6  DG n 
4 7  DT n 
4 8  DG n 
4 9  DT n 
4 10 DG n 
4 11 DT n 
4 12 DC n 
4 13 DT n 
4 14 DG n 
4 15 DC n 
# 
loop_
_pdbx_entity_src_syn.entity_id 
_pdbx_entity_src_syn.pdbx_src_id 
_pdbx_entity_src_syn.pdbx_alt_source_flag 
_pdbx_entity_src_syn.pdbx_beg_seq_num 
_pdbx_entity_src_syn.pdbx_end_seq_num 
_pdbx_entity_src_syn.organism_scientific 
_pdbx_entity_src_syn.organism_common_name 
_pdbx_entity_src_syn.ncbi_taxonomy_id 
_pdbx_entity_src_syn.details 
1 1 sample 1 12 'synthetic construct' ? 32630 ? 
2 1 sample 1 9  'synthetic construct' ? 32630 ? 
3 1 sample 1 6  'synthetic construct' ? 32630 ? 
4 1 sample 1 15 'synthetic construct' ? 32630 ? 
# 
loop_
_struct_ref.id 
_struct_ref.db_name 
_struct_ref.db_code 
_struct_ref.pdbx_db_accession 
_struct_ref.pdbx_db_isoform 
_struct_ref.entity_id 
_struct_ref.pdbx_seq_one_letter_code 
_struct_ref.pdbx_align_begin 
1 PDB 6XO6 6XO6 ? 1 ? 1 
2 PDB 6XO6 6XO6 ? 2 ? 1 
3 PDB 6XO6 6XO6 ? 3 ? 1 
4 PDB 6XO6 6XO6 ? 4 ? 1 
# 
loop_
_struct_ref_seq.align_id 
_struct_ref_seq.ref_id 
_struct_ref_seq.pdbx_PDB_id_code 
_struct_ref_seq.pdbx_strand_id 
_struct_ref_seq.seq_align_beg 
_struct_ref_seq.pdbx_seq_align_beg_ins_code 
_struct_ref_seq.seq_align_end 
_struct_ref_seq.pdbx_seq_align_end_ins_code 
_struct_ref_seq.pdbx_db_accession 
_struct_ref_seq.db_align_beg 
_struct_ref_seq.pdbx_db_align_beg_ins_code 
_struct_ref_seq.db_align_end 
_struct_ref_seq.pdbx_db_align_end_ins_code 
_struct_ref_seq.pdbx_auth_seq_align_beg 
_struct_ref_seq.pdbx_auth_seq_align_end 
1 1 6XO6 A 1 ? 12 ? 6XO6 1  ? 12 ? 1  12 
2 2 6XO6 B 1 ? 9  ? 6XO6 12 ? 20 ? 12 20 
3 3 6XO6 C 1 ? 6  ? 6XO6 0  ? 5  ? 0  5  
4 4 6XO6 D 1 ? 15 ? 6XO6 2  ? 16 ? 2  16 
# 
loop_
_chem_comp.id 
_chem_comp.type 
_chem_comp.mon_nstd_flag 
_chem_comp.name 
_chem_comp.pdbx_synonyms 
_chem_comp.formula 
_chem_comp.formula_weight 
CAC non-polymer   . 'CACODYLATE ION'                     dimethylarsinate 'C2 H6 As O2 -1'  136.989 
DA  'DNA linking' y "2'-DEOXYADENOSINE-5'-MONOPHOSPHATE" ?                'C10 H14 N5 O6 P' 331.222 
DC  'DNA linking' y "2'-DEOXYCYTIDINE-5'-MONOPHOSPHATE"  ?                'C9 H14 N3 O7 P'  307.197 
DG  'DNA linking' y "2'-DEOXYGUANOSINE-5'-MONOPHOSPHATE" ?                'C10 H14 N5 O7 P' 347.221 
DT  'DNA linking' y "THYMIDINE-5'-MONOPHOSPHATE"         ?                'C10 H15 N2 O8 P' 322.208 
# 
_exptl.absorpt_coefficient_mu     ? 
_exptl.absorpt_correction_T_max   ? 
_exptl.absorpt_correction_T_min   ? 
_exptl.absorpt_correction_type    ? 
_exptl.absorpt_process_details    ? 
_exptl.entry_id                   6XO6 
_exptl.crystals_number            1 
_exptl.details                    ? 
_exptl.method                     'X-RAY DIFFRACTION' 
_exptl.method_details             ? 
# 
_exptl_crystal.colour                      ? 
_exptl_crystal.density_diffrn              ? 
_exptl_crystal.density_Matthews            6.19 
_exptl_crystal.density_method              ? 
_exptl_crystal.density_percent_sol         80.13 
_exptl_crystal.description                 ? 
_exptl_crystal.F_000                       ? 
_exptl_crystal.id                          1 
_exptl_crystal.preparation                 ? 
_exptl_crystal.size_max                    ? 
_exptl_crystal.size_mid                    ? 
_exptl_crystal.size_min                    ? 
_exptl_crystal.size_rad                    ? 
_exptl_crystal.colour_lustre               ? 
_exptl_crystal.colour_modifier             ? 
_exptl_crystal.colour_primary              ? 
_exptl_crystal.density_meas                ? 
_exptl_crystal.density_meas_esd            ? 
_exptl_crystal.density_meas_gt             ? 
_exptl_crystal.density_meas_lt             ? 
_exptl_crystal.density_meas_temp           ? 
_exptl_crystal.density_meas_temp_esd       ? 
_exptl_crystal.density_meas_temp_gt        ? 
_exptl_crystal.density_meas_temp_lt        ? 
_exptl_crystal.pdbx_crystal_image_url      ? 
_exptl_crystal.pdbx_crystal_image_format   ? 
_exptl_crystal.pdbx_mosaicity              ? 
_exptl_crystal.pdbx_mosaicity_esd          ? 
# 
_exptl_crystal_grow.apparatus       ? 
_exptl_crystal_grow.atmosphere      ? 
_exptl_crystal_grow.crystal_id      1 
_exptl_crystal_grow.details         ? 
_exptl_crystal_grow.method          'VAPOR DIFFUSION, SITTING DROP' 
_exptl_crystal_grow.method_ref      ? 
_exptl_crystal_grow.pH              ? 
_exptl_crystal_grow.pressure        ? 
_exptl_crystal_grow.pressure_esd    ? 
_exptl_crystal_grow.seeding         ? 
_exptl_crystal_grow.seeding_ref     ? 
_exptl_crystal_grow.temp            298 
_exptl_crystal_grow.temp_details    'temperature gradient generated from 60 to 25 C at 0.3 degrees per hour' 
_exptl_crystal_grow.temp_esd        ? 
_exptl_crystal_grow.time            ? 
_exptl_crystal_grow.pdbx_details    
;0.5 mL of 0.05 M Cacodylate pH 6.5 with 1.0 mM spermine, 2.0 mM CoH18N6, 30 mM CaCl2, and 2.0 M LiCl was added to the reservoir with 2 uL added to the drop containing 4 uL of DNA stock
;
_exptl_crystal_grow.pdbx_pH_range   ? 
# 
_diffrn.ambient_environment              ? 
_diffrn.ambient_temp                     100 
_diffrn.ambient_temp_details             ? 
_diffrn.ambient_temp_esd                 ? 
_diffrn.crystal_id                       1 
_diffrn.crystal_support                  ? 
_diffrn.crystal_treatment                ? 
_diffrn.details                          ? 
_diffrn.id                               1 
_diffrn.ambient_pressure                 ? 
_diffrn.ambient_pressure_esd             ? 
_diffrn.ambient_pressure_gt              ? 
_diffrn.ambient_pressure_lt              ? 
_diffrn.ambient_temp_gt                  ? 
_diffrn.ambient_temp_lt                  ? 
_diffrn.pdbx_serial_crystal_experiment   N 
# 
_diffrn_detector.details                      ? 
_diffrn_detector.detector                     PIXEL 
_diffrn_detector.diffrn_id                    1 
_diffrn_detector.type                         'DECTRIS EIGER X 9M' 
_diffrn_detector.area_resol_mean              ? 
_diffrn_detector.dtime                        ? 
_diffrn_detector.pdbx_frames_total            ? 
_diffrn_detector.pdbx_collection_time_total   ? 
_diffrn_detector.pdbx_collection_date         2017-07-15 
_diffrn_detector.pdbx_frequency               ? 
# 
_diffrn_radiation.collimation                      ? 
_diffrn_radiation.diffrn_id                        1 
_diffrn_radiation.filter_edge                      ? 
_diffrn_radiation.inhomogeneity                    ? 
_diffrn_radiation.monochromator                    ? 
_diffrn_radiation.polarisn_norm                    ? 
_diffrn_radiation.polarisn_ratio                   ? 
_diffrn_radiation.probe                            ? 
_diffrn_radiation.type                             ? 
_diffrn_radiation.xray_symbol                      ? 
_diffrn_radiation.wavelength_id                    1 
_diffrn_radiation.pdbx_monochromatic_or_laue_m_l   M 
_diffrn_radiation.pdbx_wavelength_list             ? 
_diffrn_radiation.pdbx_wavelength                  ? 
_diffrn_radiation.pdbx_diffrn_protocol             'SINGLE WAVELENGTH' 
_diffrn_radiation.pdbx_analyzer                    ? 
_diffrn_radiation.pdbx_scattering_type             x-ray 
# 
_diffrn_radiation_wavelength.id           1 
_diffrn_radiation_wavelength.wavelength   0.92 
_diffrn_radiation_wavelength.wt           1.0 
# 
_diffrn_source.current                     ? 
_diffrn_source.details                     ? 
_diffrn_source.diffrn_id                   1 
_diffrn_source.power                       ? 
_diffrn_source.size                        ? 
_diffrn_source.source                      SYNCHROTRON 
_diffrn_source.target                      ? 
_diffrn_source.type                        'NSLS-II BEAMLINE 17-ID-1' 
_diffrn_source.voltage                     ? 
_diffrn_source.take-off_angle              ? 
_diffrn_source.pdbx_wavelength_list        0.92 
_diffrn_source.pdbx_wavelength             ? 
_diffrn_source.pdbx_synchrotron_beamline   17-ID-1 
_diffrn_source.pdbx_synchrotron_site       NSLS-II 
# 
_reflns.B_iso_Wilson_estimate            71.440 
_reflns.entry_id                         6XO6 
_reflns.data_reduction_details           ? 
_reflns.data_reduction_method            ? 
_reflns.d_resolution_high                3.100 
_reflns.d_resolution_low                 50.000 
_reflns.details                          ? 
_reflns.limit_h_max                      ? 
_reflns.limit_h_min                      ? 
_reflns.limit_k_max                      ? 
_reflns.limit_k_min                      ? 
_reflns.limit_l_max                      ? 
_reflns.limit_l_min                      ? 
_reflns.number_all                       ? 
_reflns.number_obs                       4995 
_reflns.observed_criterion               ? 
_reflns.observed_criterion_F_max         ? 
_reflns.observed_criterion_F_min         ? 
_reflns.observed_criterion_I_max         ? 
_reflns.observed_criterion_I_min         ? 
_reflns.observed_criterion_sigma_F       ? 
_reflns.observed_criterion_sigma_I       ? 
_reflns.percent_possible_obs             90.300 
_reflns.R_free_details                   ? 
_reflns.Rmerge_F_all                     ? 
_reflns.Rmerge_F_obs                     ? 
_reflns.Friedel_coverage                 ? 
_reflns.number_gt                        ? 
_reflns.threshold_expression             ? 
_reflns.pdbx_redundancy                  8.600 
_reflns.pdbx_Rmerge_I_obs                0.153 
_reflns.pdbx_Rmerge_I_all                ? 
_reflns.pdbx_Rsym_value                  ? 
_reflns.pdbx_netI_over_av_sigmaI         ? 
_reflns.pdbx_netI_over_sigmaI            4.600 
_reflns.pdbx_res_netI_over_av_sigmaI_2   ? 
_reflns.pdbx_res_netI_over_sigmaI_2      ? 
_reflns.pdbx_chi_squared                 1.343 
_reflns.pdbx_scaling_rejects             ? 
_reflns.pdbx_d_res_high_opt              ? 
_reflns.pdbx_d_res_low_opt               ? 
_reflns.pdbx_d_res_opt_method            ? 
_reflns.phase_calculation_details        ? 
_reflns.pdbx_Rrim_I_all                  0.163 
_reflns.pdbx_Rpim_I_all                  0.054 
_reflns.pdbx_d_opt                       ? 
_reflns.pdbx_number_measured_all         43008 
_reflns.pdbx_diffrn_id                   1 
_reflns.pdbx_ordinal                     1 
_reflns.pdbx_CC_half                     ? 
_reflns.pdbx_CC_star                     ? 
_reflns.pdbx_R_split                     ? 
# 
loop_
_reflns_shell.d_res_high 
_reflns_shell.d_res_low 
_reflns_shell.meanI_over_sigI_all 
_reflns_shell.meanI_over_sigI_obs 
_reflns_shell.number_measured_all 
_reflns_shell.number_measured_obs 
_reflns_shell.number_possible 
_reflns_shell.number_unique_all 
_reflns_shell.number_unique_obs 
_reflns_shell.percent_possible_all 
_reflns_shell.percent_possible_obs 
_reflns_shell.Rmerge_F_all 
_reflns_shell.Rmerge_F_obs 
_reflns_shell.Rmerge_I_all 
_reflns_shell.Rmerge_I_obs 
_reflns_shell.meanI_over_sigI_gt 
_reflns_shell.meanI_over_uI_all 
_reflns_shell.meanI_over_uI_gt 
_reflns_shell.number_measured_gt 
_reflns_shell.number_unique_gt 
_reflns_shell.percent_possible_gt 
_reflns_shell.Rmerge_F_gt 
_reflns_shell.Rmerge_I_gt 
_reflns_shell.pdbx_redundancy 
_reflns_shell.pdbx_Rsym_value 
_reflns_shell.pdbx_chi_squared 
_reflns_shell.pdbx_netI_over_sigmaI_all 
_reflns_shell.pdbx_netI_over_sigmaI_obs 
_reflns_shell.pdbx_Rrim_I_all 
_reflns_shell.pdbx_Rpim_I_all 
_reflns_shell.pdbx_rejects 
_reflns_shell.pdbx_ordinal 
_reflns_shell.pdbx_diffrn_id 
_reflns_shell.pdbx_CC_half 
_reflns_shell.pdbx_CC_star 
_reflns_shell.pdbx_R_split 
3.100 3.150  ? ? ? ? ? ? 167 63.500  ? ? ? ? 0.548 ? ? ? ? ? ? ? ? 6.100  ? 0.387 ? ? 0.585 0.200 ? 1  1 0.962 ? ? 
3.150 3.210  ? ? ? ? ? ? 203 69.000  ? ? ? ? 0.279 ? ? ? ? ? ? ? ? 5.700  ? 0.593 ? ? 0.300 0.107 ? 2  1 0.982 ? ? 
3.210 3.270  ? ? ? ? ? ? 175 69.200  ? ? ? ? 0.258 ? ? ? ? ? ? ? ? 5.800  ? 0.872 ? ? 0.276 0.096 ? 3  1 0.987 ? ? 
3.270 3.340  ? ? ? ? ? ? 206 72.800  ? ? ? ? 0.223 ? ? ? ? ? ? ? ? 5.200  ? 1.079 ? ? 0.240 0.088 ? 4  1 0.988 ? ? 
3.340 3.410  ? ? ? ? ? ? 223 81.700  ? ? ? ? 0.216 ? ? ? ? ? ? ? ? 6.000  ? 0.976 ? ? 0.232 0.083 ? 5  1 0.994 ? ? 
3.410 3.490  ? ? ? ? ? ? 222 79.600  ? ? ? ? 0.334 ? ? ? ? ? ? ? ? 6.000  ? 0.486 ? ? 0.360 0.130 ? 6  1 0.984 ? ? 
3.490 3.580  ? ? ? ? ? ? 241 86.400  ? ? ? ? 0.388 ? ? ? ? ? ? ? ? 6.700  ? 0.537 ? ? 0.415 0.146 ? 7  1 0.978 ? ? 
3.580 3.680  ? ? ? ? ? ? 242 89.300  ? ? ? ? 0.387 ? ? ? ? ? ? ? ? 7.300  ? 0.443 ? ? 0.410 0.135 ? 8  1 0.977 ? ? 
3.680 3.780  ? ? ? ? ? ? 287 95.700  ? ? ? ? 0.411 ? ? ? ? ? ? ? ? 8.300  ? 0.427 ? ? 0.434 0.137 ? 9  1 0.977 ? ? 
3.780 3.910  ? ? ? ? ? ? 270 98.500  ? ? ? ? 0.444 ? ? ? ? ? ? ? ? 8.200  ? 0.445 ? ? 0.468 0.148 ? 10 1 0.968 ? ? 
3.910 4.040  ? ? ? ? ? ? 260 100.000 ? ? ? ? 0.397 ? ? ? ? ? ? ? ? 9.100  ? 0.471 ? ? 0.418 0.129 ? 11 1 0.976 ? ? 
4.040 4.210  ? ? ? ? ? ? 285 100.000 ? ? ? ? 0.343 ? ? ? ? ? ? ? ? 10.000 ? 0.547 ? ? 0.360 0.110 ? 12 1 0.976 ? ? 
4.210 4.400  ? ? ? ? ? ? 268 100.000 ? ? ? ? 0.330 ? ? ? ? ? ? ? ? 10.000 ? 0.552 ? ? 0.347 0.106 ? 13 1 0.977 ? ? 
4.400 4.630  ? ? ? ? ? ? 274 100.000 ? ? ? ? 0.323 ? ? ? ? ? ? ? ? 10.300 ? 0.538 ? ? 0.339 0.103 ? 14 1 0.986 ? ? 
4.630 4.920  ? ? ? ? ? ? 280 100.000 ? ? ? ? 0.252 ? ? ? ? ? ? ? ? 10.800 ? 0.655 ? ? 0.264 0.079 ? 15 1 0.989 ? ? 
4.920 5.300  ? ? ? ? ? ? 285 100.000 ? ? ? ? 0.204 ? ? ? ? ? ? ? ? 10.600 ? 0.900 ? ? 0.214 0.065 ? 16 1 0.990 ? ? 
5.300 5.830  ? ? ? ? ? ? 262 99.600  ? ? ? ? 0.153 ? ? ? ? ? ? ? ? 10.200 ? 1.361 ? ? 0.161 0.050 ? 17 1 0.991 ? ? 
5.830 6.670  ? ? ? ? ? ? 282 100.000 ? ? ? ? 0.132 ? ? ? ? ? ? ? ? 9.300  ? 1.983 ? ? 0.140 0.045 ? 18 1 0.989 ? ? 
6.670 8.400  ? ? ? ? ? ? 286 100.000 ? ? ? ? 0.087 ? ? ? ? ? ? ? ? 10.500 ? 2.016 ? ? 0.092 0.028 ? 19 1 0.997 ? ? 
8.400 50.000 ? ? ? ? ? ? 277 100.000 ? ? ? ? 0.101 ? ? ? ? ? ? ? ? 11.100 ? 7.527 ? ? 0.108 0.036 ? 20 1 0.948 ? ? 
# 
_refine.aniso_B[1][1]                            ? 
_refine.aniso_B[1][2]                            ? 
_refine.aniso_B[1][3]                            ? 
_refine.aniso_B[2][2]                            ? 
_refine.aniso_B[2][3]                            ? 
_refine.aniso_B[3][3]                            ? 
_refine.B_iso_max                                168.010 
_refine.B_iso_mean                               76.6585 
_refine.B_iso_min                                36.420 
_refine.correlation_coeff_Fo_to_Fc               ? 
_refine.correlation_coeff_Fo_to_Fc_free          ? 
_refine.details                                  ? 
_refine.diff_density_max                         ? 
_refine.diff_density_max_esd                     ? 
_refine.diff_density_min                         ? 
_refine.diff_density_min_esd                     ? 
_refine.diff_density_rms                         ? 
_refine.diff_density_rms_esd                     ? 
_refine.entry_id                                 6XO6 
_refine.pdbx_refine_id                           'X-RAY DIFFRACTION' 
_refine.ls_abs_structure_details                 ? 
_refine.ls_abs_structure_Flack                   ? 
_refine.ls_abs_structure_Flack_esd               ? 
_refine.ls_abs_structure_Rogers                  ? 
_refine.ls_abs_structure_Rogers_esd              ? 
_refine.ls_d_res_high                            3.1080 
_refine.ls_d_res_low                             33.9520 
_refine.ls_extinction_coef                       ? 
_refine.ls_extinction_coef_esd                   ? 
_refine.ls_extinction_expression                 ? 
_refine.ls_extinction_method                     ? 
_refine.ls_goodness_of_fit_all                   ? 
_refine.ls_goodness_of_fit_all_esd               ? 
_refine.ls_goodness_of_fit_obs                   ? 
_refine.ls_goodness_of_fit_obs_esd               ? 
_refine.ls_hydrogen_treatment                    ? 
_refine.ls_matrix_type                           ? 
_refine.ls_number_constraints                    ? 
_refine.ls_number_parameters                     ? 
_refine.ls_number_reflns_all                     ? 
_refine.ls_number_reflns_obs                     4916 
_refine.ls_number_reflns_R_free                  239 
_refine.ls_number_reflns_R_work                  4677 
_refine.ls_number_restraints                     ? 
_refine.ls_percent_reflns_obs                    89.1400 
_refine.ls_percent_reflns_R_free                 4.8600 
_refine.ls_R_factor_all                          ? 
_refine.ls_R_factor_obs                          0.1996 
_refine.ls_R_factor_R_free                       0.2252 
_refine.ls_R_factor_R_free_error                 ? 
_refine.ls_R_factor_R_free_error_details         ? 
_refine.ls_R_factor_R_work                       0.1983 
_refine.ls_R_Fsqd_factor_obs                     ? 
_refine.ls_R_I_factor_obs                        ? 
_refine.ls_redundancy_reflns_all                 ? 
_refine.ls_redundancy_reflns_obs                 ? 
_refine.ls_restrained_S_all                      ? 
_refine.ls_restrained_S_obs                      ? 
_refine.ls_shift_over_esd_max                    ? 
_refine.ls_shift_over_esd_mean                   ? 
_refine.ls_structure_factor_coef                 ? 
_refine.ls_weighting_details                     ? 
_refine.ls_weighting_scheme                      ? 
_refine.ls_wR_factor_all                         ? 
_refine.ls_wR_factor_obs                         ? 
_refine.ls_wR_factor_R_free                      ? 
_refine.ls_wR_factor_R_work                      ? 
_refine.occupancy_max                            ? 
_refine.occupancy_min                            ? 
_refine.solvent_model_details                    'FLAT BULK SOLVENT MODEL' 
_refine.solvent_model_param_bsol                 ? 
_refine.solvent_model_param_ksol                 ? 
_refine.pdbx_R_complete                          ? 
_refine.ls_R_factor_gt                           ? 
_refine.ls_goodness_of_fit_gt                    ? 
_refine.ls_goodness_of_fit_ref                   ? 
_refine.ls_shift_over_su_max                     ? 
_refine.ls_shift_over_su_max_lt                  ? 
_refine.ls_shift_over_su_mean                    ? 
_refine.ls_shift_over_su_mean_lt                 ? 
_refine.pdbx_ls_sigma_I                          ? 
_refine.pdbx_ls_sigma_F                          2.020 
_refine.pdbx_ls_sigma_Fsqd                       ? 
_refine.pdbx_data_cutoff_high_absF               ? 
_refine.pdbx_data_cutoff_high_rms_absF           ? 
_refine.pdbx_data_cutoff_low_absF                ? 
_refine.pdbx_isotropic_thermal_model             ? 
_refine.pdbx_ls_cross_valid_method               THROUGHOUT 
_refine.pdbx_method_to_determine_struct          'MOLECULAR REPLACEMENT' 
_refine.pdbx_starting_model                      6XNA 
_refine.pdbx_stereochemistry_target_values       ML 
_refine.pdbx_R_Free_selection_details            ? 
_refine.pdbx_stereochem_target_val_spec_case     ? 
_refine.pdbx_overall_ESU_R                       ? 
_refine.pdbx_overall_ESU_R_Free                  ? 
_refine.pdbx_solvent_vdw_probe_radii             1.1100 
_refine.pdbx_solvent_ion_probe_radii             ? 
_refine.pdbx_solvent_shrinkage_radii             0.9000 
_refine.pdbx_real_space_R                        ? 
_refine.pdbx_density_correlation                 ? 
_refine.pdbx_pd_number_of_powder_patterns        ? 
_refine.pdbx_pd_number_of_points                 ? 
_refine.pdbx_pd_meas_number_of_points            ? 
_refine.pdbx_pd_proc_ls_prof_R_factor            ? 
_refine.pdbx_pd_proc_ls_prof_wR_factor           ? 
_refine.pdbx_pd_Marquardt_correlation_coeff      ? 
_refine.pdbx_pd_Fsqrd_R_factor                   ? 
_refine.pdbx_pd_ls_matrix_band_width             ? 
_refine.pdbx_overall_phase_error                 24.3300 
_refine.pdbx_overall_SU_R_free_Cruickshank_DPI   ? 
_refine.pdbx_overall_SU_R_free_Blow_DPI          ? 
_refine.pdbx_overall_SU_R_Blow_DPI               ? 
_refine.pdbx_TLS_residual_ADP_flag               ? 
_refine.pdbx_diffrn_id                           1 
_refine.overall_SU_B                             ? 
_refine.overall_SU_ML                            0.1700 
_refine.overall_SU_R_Cruickshank_DPI             ? 
_refine.overall_SU_R_free                        ? 
_refine.overall_FOM_free_R_set                   ? 
_refine.overall_FOM_work_R_set                   ? 
_refine.pdbx_average_fsc_overall                 ? 
_refine.pdbx_average_fsc_work                    ? 
_refine.pdbx_average_fsc_free                    ? 
# 
_refine_hist.pdbx_refine_id                   'X-RAY DIFFRACTION' 
_refine_hist.cycle_id                         final 
_refine_hist.details                          ? 
_refine_hist.d_res_high                       3.1080 
_refine_hist.d_res_low                        33.9520 
_refine_hist.number_atoms_solvent             0 
_refine_hist.number_atoms_total               856 
_refine_hist.number_reflns_all                ? 
_refine_hist.number_reflns_obs                ? 
_refine_hist.number_reflns_R_free             ? 
_refine_hist.number_reflns_R_work             ? 
_refine_hist.R_factor_all                     ? 
_refine_hist.R_factor_obs                     ? 
_refine_hist.R_factor_R_free                  ? 
_refine_hist.R_factor_R_work                  ? 
_refine_hist.pdbx_number_residues_total       42 
_refine_hist.pdbx_B_iso_mean_ligand           168.01 
_refine_hist.pdbx_B_iso_mean_solvent          ? 
_refine_hist.pdbx_number_atoms_protein        0 
_refine_hist.pdbx_number_atoms_nucleic_acid   855 
_refine_hist.pdbx_number_atoms_ligand         1 
_refine_hist.pdbx_number_atoms_lipid          ? 
_refine_hist.pdbx_number_atoms_carb           ? 
_refine_hist.pdbx_pseudo_atom_details         ? 
# 
loop_
_refine_ls_restr.pdbx_refine_id 
_refine_ls_restr.criterion 
_refine_ls_restr.dev_ideal 
_refine_ls_restr.dev_ideal_target 
_refine_ls_restr.number 
_refine_ls_restr.rejects 
_refine_ls_restr.type 
_refine_ls_restr.weight 
_refine_ls_restr.pdbx_restraint_function 
'X-RAY DIFFRACTION' ? 0.005  ? 956  ? f_bond_d           ? ? 
'X-RAY DIFFRACTION' ? 0.660  ? 1467 ? f_angle_d          ? ? 
'X-RAY DIFFRACTION' ? 0.034  ? 166  ? f_chiral_restr     ? ? 
'X-RAY DIFFRACTION' ? 0.004  ? 42   ? f_plane_restr      ? ? 
'X-RAY DIFFRACTION' ? 33.912 ? 406  ? f_dihedral_angle_d ? ? 
# 
loop_
_refine_ls_shell.pdbx_refine_id 
_refine_ls_shell.d_res_high 
_refine_ls_shell.d_res_low 
_refine_ls_shell.number_reflns_all 
_refine_ls_shell.number_reflns_obs 
_refine_ls_shell.number_reflns_R_free 
_refine_ls_shell.number_reflns_R_work 
_refine_ls_shell.percent_reflns_obs 
_refine_ls_shell.percent_reflns_R_free 
_refine_ls_shell.R_factor_all 
_refine_ls_shell.R_factor_obs 
_refine_ls_shell.R_factor_R_free 
_refine_ls_shell.R_factor_R_free_error 
_refine_ls_shell.R_factor_R_work 
_refine_ls_shell.redundancy_reflns_all 
_refine_ls_shell.redundancy_reflns_obs 
_refine_ls_shell.wR_factor_all 
_refine_ls_shell.wR_factor_obs 
_refine_ls_shell.wR_factor_R_free 
_refine_ls_shell.wR_factor_R_work 
_refine_ls_shell.pdbx_R_complete 
_refine_ls_shell.pdbx_total_number_of_bins_used 
_refine_ls_shell.pdbx_phase_error 
_refine_ls_shell.pdbx_fsc_work 
_refine_ls_shell.pdbx_fsc_free 
'X-RAY DIFFRACTION' 3.108  3.9143 . . 103 2071 79.0000  . . . 0.2932 0.0000 0.2904 . . . . . . . . . . . 
'X-RAY DIFFRACTION' 3.9143 33.952 . . 136 2606 100.0000 . . . 0.1988 0.0000 0.1666 . . . . . . . . . . . 
# 
_struct.entry_id                     6XO6 
_struct.title                        
'Self-assembly of a 3D DNA crystal lattice (4x6 junction version) containing the J28 immobile Holliday junction' 
_struct.pdbx_model_details           ? 
_struct.pdbx_formula_weight          ? 
_struct.pdbx_formula_weight_method   ? 
_struct.pdbx_model_type_details      ? 
_struct.pdbx_CASP_flag               N 
# 
_struct_keywords.entry_id        6XO6 
_struct_keywords.text            
'Structural DNA nanotechnology, immobile Holliday junctions, 3D DNA self-assembly, designer DNA crystals, DNA' 
_struct_keywords.pdbx_keywords   DNA 
# 
loop_
_struct_asym.id 
_struct_asym.pdbx_blank_PDB_chainid_flag 
_struct_asym.pdbx_modified 
_struct_asym.entity_id 
_struct_asym.details 
A N N 1 ? 
B N N 2 ? 
C N N 3 ? 
D N N 4 ? 
E N N 5 ? 
# 
loop_
_struct_conn.id 
_struct_conn.conn_type_id 
_struct_conn.pdbx_leaving_atom_flag 
_struct_conn.pdbx_PDB_id 
_struct_conn.ptnr1_label_asym_id 
_struct_conn.ptnr1_label_comp_id 
_struct_conn.ptnr1_label_seq_id 
_struct_conn.ptnr1_label_atom_id 
_struct_conn.pdbx_ptnr1_label_alt_id 
_struct_conn.pdbx_ptnr1_PDB_ins_code 
_struct_conn.pdbx_ptnr1_standard_comp_id 
_struct_conn.ptnr1_symmetry 
_struct_conn.ptnr2_label_asym_id 
_struct_conn.ptnr2_label_comp_id 
_struct_conn.ptnr2_label_seq_id 
_struct_conn.ptnr2_label_atom_id 
_struct_conn.pdbx_ptnr2_label_alt_id 
_struct_conn.pdbx_ptnr2_PDB_ins_code 
_struct_conn.ptnr1_auth_asym_id 
_struct_conn.ptnr1_auth_comp_id 
_struct_conn.ptnr1_auth_seq_id 
_struct_conn.ptnr2_auth_asym_id 
_struct_conn.ptnr2_auth_comp_id 
_struct_conn.ptnr2_auth_seq_id 
_struct_conn.ptnr2_symmetry 
_struct_conn.pdbx_ptnr3_label_atom_id 
_struct_conn.pdbx_ptnr3_label_seq_id 
_struct_conn.pdbx_ptnr3_label_comp_id 
_struct_conn.pdbx_ptnr3_label_asym_id 
_struct_conn.pdbx_ptnr3_label_alt_id 
_struct_conn.pdbx_ptnr3_PDB_ins_code 
_struct_conn.details 
_struct_conn.pdbx_dist_value 
_struct_conn.pdbx_value_order 
_struct_conn.pdbx_role 
hydrog1  hydrog ? ? A DG 3  N1 ? ? ? 1_555 D DC 15 N3 ? ? A DG 3  D DC 16 1_555 ? ? ? ? ? ? WATSON-CRICK ? ? ? 
hydrog2  hydrog ? ? A DG 3  N2 ? ? ? 1_555 D DC 15 O2 ? ? A DG 3  D DC 16 1_555 ? ? ? ? ? ? WATSON-CRICK ? ? ? 
hydrog3  hydrog ? ? A DG 3  O6 ? ? ? 1_555 D DC 15 N4 ? ? A DG 3  D DC 16 1_555 ? ? ? ? ? ? WATSON-CRICK ? ? ? 
hydrog4  hydrog ? ? A DC 4  N3 ? ? ? 1_555 D DG 14 N1 ? ? A DC 4  D DG 15 1_555 ? ? ? ? ? ? WATSON-CRICK ? ? ? 
hydrog5  hydrog ? ? A DC 4  N4 ? ? ? 1_555 D DG 14 O6 ? ? A DC 4  D DG 15 1_555 ? ? ? ? ? ? WATSON-CRICK ? ? ? 
hydrog6  hydrog ? ? A DC 4  O2 ? ? ? 1_555 D DG 14 N2 ? ? A DC 4  D DG 15 1_555 ? ? ? ? ? ? WATSON-CRICK ? ? ? 
hydrog7  hydrog ? ? A DA 5  N1 ? ? ? 1_555 D DT 13 N3 ? ? A DA 5  D DT 14 1_555 ? ? ? ? ? ? WATSON-CRICK ? ? ? 
hydrog8  hydrog ? ? A DA 5  N6 ? ? ? 1_555 D DT 13 O4 ? ? A DA 5  D DT 14 1_555 ? ? ? ? ? ? WATSON-CRICK ? ? ? 
hydrog9  hydrog ? ? A DG 6  N1 ? ? ? 1_555 D DC 12 N3 ? ? A DG 6  D DC 13 1_555 ? ? ? ? ? ? WATSON-CRICK ? ? ? 
hydrog10 hydrog ? ? A DG 6  N2 ? ? ? 1_555 D DC 12 O2 ? ? A DG 6  D DC 13 1_555 ? ? ? ? ? ? WATSON-CRICK ? ? ? 
hydrog11 hydrog ? ? A DG 6  O6 ? ? ? 1_555 D DC 12 N4 ? ? A DG 6  D DC 13 1_555 ? ? ? ? ? ? WATSON-CRICK ? ? ? 
hydrog12 hydrog ? ? A DA 7  N1 ? ? ? 1_555 D DT 11 N3 ? ? A DA 7  D DT 12 1_555 ? ? ? ? ? ? WATSON-CRICK ? ? ? 
hydrog13 hydrog ? ? A DA 7  N6 ? ? ? 1_555 D DT 11 O4 ? ? A DA 7  D DT 12 1_555 ? ? ? ? ? ? WATSON-CRICK ? ? ? 
hydrog14 hydrog ? ? A DC 8  N3 ? ? ? 1_555 D DG 10 N1 ? ? A DC 8  D DG 11 1_555 ? ? ? ? ? ? WATSON-CRICK ? ? ? 
hydrog15 hydrog ? ? A DC 8  N4 ? ? ? 1_555 D DG 10 O6 ? ? A DC 8  D DG 11 1_555 ? ? ? ? ? ? WATSON-CRICK ? ? ? 
hydrog16 hydrog ? ? A DC 8  O2 ? ? ? 1_555 D DG 10 N2 ? ? A DC 8  D DG 11 1_555 ? ? ? ? ? ? WATSON-CRICK ? ? ? 
hydrog17 hydrog ? ? A DA 9  N1 ? ? ? 1_555 D DT 9  N3 ? ? A DA 9  D DT 10 1_555 ? ? ? ? ? ? WATSON-CRICK ? ? ? 
hydrog18 hydrog ? ? A DA 9  N6 ? ? ? 1_555 D DT 9  O4 ? ? A DA 9  D DT 10 1_555 ? ? ? ? ? ? WATSON-CRICK ? ? ? 
hydrog19 hydrog ? ? A DT 10 N3 ? ? ? 1_555 C DA 3  N1 ? ? A DT 10 C DA 2  1_555 ? ? ? ? ? ? 'DT-DA PAIR' ? ? ? 
hydrog20 hydrog ? ? A DG 11 N1 ? ? ? 1_555 C DC 2  N3 ? ? A DG 11 C DC 1  1_555 ? ? ? ? ? ? WATSON-CRICK ? ? ? 
hydrog21 hydrog ? ? A DG 11 N2 ? ? ? 1_555 C DC 2  O2 ? ? A DG 11 C DC 1  1_555 ? ? ? ? ? ? WATSON-CRICK ? ? ? 
hydrog22 hydrog ? ? A DG 11 O6 ? ? ? 1_555 C DC 2  N4 ? ? A DG 11 C DC 1  1_555 ? ? ? ? ? ? WATSON-CRICK ? ? ? 
hydrog23 hydrog ? ? A DA 12 N1 ? ? ? 1_555 C DT 1  N3 ? ? A DA 12 C DT 0  1_555 ? ? ? ? ? ? WATSON-CRICK ? ? ? 
hydrog24 hydrog ? ? A DA 12 N6 ? ? ? 1_555 C DT 1  O4 ? ? A DA 12 C DT 0  1_555 ? ? ? ? ? ? WATSON-CRICK ? ? ? 
hydrog25 hydrog ? ? B DC 1  N3 ? ? ? 1_555 C DG 6  N1 ? ? B DC 12 C DG 5  1_555 ? ? ? ? ? ? WATSON-CRICK ? ? ? 
hydrog26 hydrog ? ? B DC 1  N4 ? ? ? 1_555 C DG 6  O6 ? ? B DC 12 C DG 5  1_555 ? ? ? ? ? ? WATSON-CRICK ? ? ? 
hydrog27 hydrog ? ? B DC 1  O2 ? ? ? 1_555 C DG 6  N2 ? ? B DC 12 C DG 5  1_555 ? ? ? ? ? ? WATSON-CRICK ? ? ? 
hydrog28 hydrog ? ? B DG 2  O6 ? ? ? 1_555 C DC 5  N4 ? ? B DG 13 C DC 4  1_555 ? ? ? ? ? ? 'DG-DC PAIR' ? ? ? 
hydrog29 hydrog ? ? B DT 3  N3 ? ? ? 1_555 C DA 4  N1 ? ? B DT 14 C DA 3  1_555 ? ? ? ? ? ? WATSON-CRICK ? ? ? 
hydrog30 hydrog ? ? B DT 3  O4 ? ? ? 1_555 C DA 4  N6 ? ? B DT 14 C DA 3  1_555 ? ? ? ? ? ? WATSON-CRICK ? ? ? 
hydrog31 hydrog ? ? B DC 4  N3 ? ? ? 1_555 D DG 8  N1 ? ? B DC 15 D DG 9  1_555 ? ? ? ? ? ? WATSON-CRICK ? ? ? 
hydrog32 hydrog ? ? B DC 4  N4 ? ? ? 1_555 D DG 8  O6 ? ? B DC 15 D DG 9  1_555 ? ? ? ? ? ? WATSON-CRICK ? ? ? 
hydrog33 hydrog ? ? B DC 4  O2 ? ? ? 1_555 D DG 8  N2 ? ? B DC 15 D DG 9  1_555 ? ? ? ? ? ? WATSON-CRICK ? ? ? 
hydrog34 hydrog ? ? B DA 5  N1 ? ? ? 1_555 D DT 7  N3 ? ? B DA 16 D DT 8  1_555 ? ? ? ? ? ? WATSON-CRICK ? ? ? 
hydrog35 hydrog ? ? B DA 5  N6 ? ? ? 1_555 D DT 7  O4 ? ? B DA 16 D DT 8  1_555 ? ? ? ? ? ? WATSON-CRICK ? ? ? 
hydrog36 hydrog ? ? B DC 6  N3 ? ? ? 1_555 D DG 6  N1 ? ? B DC 17 D DG 7  1_555 ? ? ? ? ? ? WATSON-CRICK ? ? ? 
hydrog37 hydrog ? ? B DC 6  N4 ? ? ? 1_555 D DG 6  O6 ? ? B DC 17 D DG 7  1_555 ? ? ? ? ? ? WATSON-CRICK ? ? ? 
hydrog38 hydrog ? ? B DC 6  O2 ? ? ? 1_555 D DG 6  N2 ? ? B DC 17 D DG 7  1_555 ? ? ? ? ? ? WATSON-CRICK ? ? ? 
hydrog39 hydrog ? ? B DT 7  N3 ? ? ? 1_555 D DA 5  N1 ? ? B DT 18 D DA 6  1_555 ? ? ? ? ? ? WATSON-CRICK ? ? ? 
hydrog40 hydrog ? ? B DT 7  O4 ? ? ? 1_555 D DA 5  N6 ? ? B DT 18 D DA 6  1_555 ? ? ? ? ? ? WATSON-CRICK ? ? ? 
hydrog41 hydrog ? ? B DC 8  N3 ? ? ? 1_555 D DG 4  N1 ? ? B DC 19 D DG 5  1_555 ? ? ? ? ? ? WATSON-CRICK ? ? ? 
hydrog42 hydrog ? ? B DC 8  N4 ? ? ? 1_555 D DG 4  O6 ? ? B DC 19 D DG 5  1_555 ? ? ? ? ? ? WATSON-CRICK ? ? ? 
hydrog43 hydrog ? ? B DC 8  O2 ? ? ? 1_555 D DG 4  N2 ? ? B DC 19 D DG 5  1_555 ? ? ? ? ? ? WATSON-CRICK ? ? ? 
# 
_struct_conn_type.id          hydrog 
_struct_conn_type.criteria    ? 
_struct_conn_type.reference   ? 
# 
_atom_sites.entry_id                    6XO6 
_atom_sites.Cartn_transf_matrix[1][1]   ? 
_atom_sites.Cartn_transf_matrix[1][2]   ? 
_atom_sites.Cartn_transf_matrix[1][3]   ? 
_atom_sites.Cartn_transf_matrix[2][1]   ? 
_atom_sites.Cartn_transf_matrix[2][2]   ? 
_atom_sites.Cartn_transf_matrix[2][3]   ? 
_atom_sites.Cartn_transf_matrix[3][1]   ? 
_atom_sites.Cartn_transf_matrix[3][2]   ? 
_atom_sites.Cartn_transf_matrix[3][3]   ? 
_atom_sites.Cartn_transf_vector[1]      ? 
_atom_sites.Cartn_transf_vector[2]      ? 
_atom_sites.Cartn_transf_vector[3]      ? 
_atom_sites.fract_transf_matrix[1][1]   -0.01572493 
_atom_sites.fract_transf_matrix[1][2]   0.00647305 
_atom_sites.fract_transf_matrix[1][3]   0.00010865 
_atom_sites.fract_transf_matrix[2][1]   -0.00563879 
_atom_sites.fract_transf_matrix[2][2]   0.00841020 
_atom_sites.fract_transf_matrix[2][3]   0.01366172 
_atom_sites.fract_transf_matrix[3][1]   0.00587254 
_atom_sites.fract_transf_matrix[3][2]   0.01437393 
_atom_sites.fract_transf_matrix[3][3]   -0.00642479 
_atom_sites.fract_transf_vector[1]      0.200678 
_atom_sites.fract_transf_vector[2]      0.844848 
_atom_sites.fract_transf_vector[3]      0.116235 
_atom_sites.solution_primary            ? 
_atom_sites.solution_secondary          ? 
_atom_sites.solution_hydrogens          ? 
_atom_sites.special_details             ? 
# 
loop_
_atom_type.symbol 
AS 
C  
CO 
N  
O  
P  
# 
loop_
_atom_site.group_PDB 
_atom_site.id 
_atom_site.type_symbol 
_atom_site.label_atom_id 
_atom_site.label_alt_id 
_atom_site.label_comp_id 
_atom_site.label_asym_id 
_atom_site.label_entity_id 
_atom_site.label_seq_id 
_atom_site.pdbx_PDB_ins_code 
_atom_site.Cartn_x 
_atom_site.Cartn_y 
_atom_site.Cartn_z 
_atom_site.occupancy 
_atom_site.B_iso_or_equiv 
_atom_site.pdbx_formal_charge 
_atom_site.auth_seq_id 
_atom_site.auth_comp_id 
_atom_site.auth_asym_id 
_atom_site.auth_atom_id 
_atom_site.pdbx_PDB_model_num 
ATOM   1   O  "O5'" . DG  A 1 1  ? -9.931  -3.983  23.794  1.00 103.06 ? 1   DG  A "O5'" 1 
ATOM   2   C  "C5'" . DG  A 1 1  ? -10.174 -2.768  24.492  1.00 107.30 ? 1   DG  A "C5'" 1 
ATOM   3   C  "C4'" . DG  A 1 1  ? -9.024  -1.794  24.299  1.00 103.22 ? 1   DG  A "C4'" 1 
ATOM   4   O  "O4'" . DG  A 1 1  ? -7.812  -2.391  24.778  1.00 92.99  ? 1   DG  A "O4'" 1 
ATOM   5   C  "C3'" . DG  A 1 1  ? -8.724  -1.436  22.851  1.00 110.74 ? 1   DG  A "C3'" 1 
ATOM   6   O  "O3'" . DG  A 1 1  ? -9.453  -0.276  22.474  1.00 116.99 ? 1   DG  A "O3'" 1 
ATOM   7   C  "C2'" . DG  A 1 1  ? -7.209  -1.174  22.839  1.00 100.56 ? 1   DG  A "C2'" 1 
ATOM   8   C  "C1'" . DG  A 1 1  ? -6.726  -1.727  24.184  1.00 92.13  ? 1   DG  A "C1'" 1 
ATOM   9   N  N9    . DG  A 1 1  ? -5.607  -2.660  24.082  1.00 86.51  ? 1   DG  A N9    1 
ATOM   10  C  C8    . DG  A 1 1  ? -5.640  -4.020  24.279  1.00 84.45  ? 1   DG  A C8    1 
ATOM   11  N  N7    . DG  A 1 1  ? -4.477  -4.594  24.136  1.00 80.28  ? 1   DG  A N7    1 
ATOM   12  C  C5    . DG  A 1 1  ? -3.617  -3.547  23.830  1.00 80.70  ? 1   DG  A C5    1 
ATOM   13  C  C6    . DG  A 1 1  ? -2.225  -3.555  23.566  1.00 81.53  ? 1   DG  A C6    1 
ATOM   14  O  O6    . DG  A 1 1  ? -1.450  -4.523  23.553  1.00 76.39  ? 1   DG  A O6    1 
ATOM   15  N  N1    . DG  A 1 1  ? -1.745  -2.274  23.299  1.00 84.66  ? 1   DG  A N1    1 
ATOM   16  C  C2    . DG  A 1 1  ? -2.514  -1.131  23.288  1.00 86.73  ? 1   DG  A C2    1 
ATOM   17  N  N2    . DG  A 1 1  ? -1.875  0.015   23.008  1.00 85.68  ? 1   DG  A N2    1 
ATOM   18  N  N3    . DG  A 1 1  ? -3.817  -1.112  23.535  1.00 81.89  ? 1   DG  A N3    1 
ATOM   19  C  C4    . DG  A 1 1  ? -4.299  -2.350  23.796  1.00 82.51  ? 1   DG  A C4    1 
ATOM   20  P  P     . DA  A 1 2  ? -9.881  -0.056  20.941  1.00 122.26 ? 2   DA  A P     1 
ATOM   21  O  OP1   . DA  A 1 2  ? -10.932 0.985   20.927  1.00 119.35 ? 2   DA  A OP1   1 
ATOM   22  O  OP2   . DA  A 1 2  ? -10.148 -1.389  20.350  1.00 111.83 ? 2   DA  A OP2   1 
ATOM   23  O  "O5'" . DA  A 1 2  ? -8.565  0.540   20.252  1.00 103.32 ? 2   DA  A "O5'" 1 
ATOM   24  C  "C5'" . DA  A 1 2  ? -8.136  1.857   20.571  1.00 99.80  ? 2   DA  A "C5'" 1 
ATOM   25  C  "C4'" . DA  A 1 2  ? -6.679  2.059   20.195  1.00 103.64 ? 2   DA  A "C4'" 1 
ATOM   26  O  "O4'" . DA  A 1 2  ? -5.892  0.932   20.668  1.00 95.79  ? 2   DA  A "O4'" 1 
ATOM   27  C  "C3'" . DA  A 1 2  ? -6.398  2.168   18.692  1.00 111.30 ? 2   DA  A "C3'" 1 
ATOM   28  O  "O3'" . DA  A 1 2  ? -5.449  3.205   18.456  1.00 118.00 ? 2   DA  A "O3'" 1 
ATOM   29  C  "C2'" . DA  A 1 2  ? -5.815  0.798   18.354  1.00 104.44 ? 2   DA  A "C2'" 1 
ATOM   30  C  "C1'" . DA  A 1 2  ? -5.049  0.498   19.628  1.00 91.98  ? 2   DA  A "C1'" 1 
ATOM   31  N  N9    . DA  A 1 2  ? -4.754  -0.917  19.819  1.00 86.26  ? 2   DA  A N9    1 
ATOM   32  C  C8    . DA  A 1 2  ? -5.648  -1.927  20.032  1.00 89.11  ? 2   DA  A C8    1 
ATOM   33  N  N7    . DA  A 1 2  ? -5.089  -3.106  20.172  1.00 88.23  ? 2   DA  A N7    1 
ATOM   34  C  C5    . DA  A 1 2  ? -3.736  -2.850  20.038  1.00 82.00  ? 2   DA  A C5    1 
ATOM   35  C  C6    . DA  A 1 2  ? -2.600  -3.683  20.084  1.00 79.62  ? 2   DA  A C6    1 
ATOM   36  N  N6    . DA  A 1 2  ? -2.661  -5.004  20.286  1.00 74.29  ? 2   DA  A N6    1 
ATOM   37  N  N1    . DA  A 1 2  ? -1.395  -3.105  19.911  1.00 84.77  ? 2   DA  A N1    1 
ATOM   38  C  C2    . DA  A 1 2  ? -1.338  -1.783  19.704  1.00 86.02  ? 2   DA  A C2    1 
ATOM   39  N  N3    . DA  A 1 2  ? -2.330  -0.899  19.645  1.00 83.23  ? 2   DA  A N3    1 
ATOM   40  C  C4    . DA  A 1 2  ? -3.513  -1.503  19.820  1.00 83.11  ? 2   DA  A C4    1 
ATOM   41  P  P     . DG  A 1 3  ? -5.346  3.907   17.013  1.00 115.77 ? 3   DG  A P     1 
ATOM   42  O  OP1   . DG  A 1 3  ? -4.178  4.817   17.040  1.00 113.49 ? 3   DG  A OP1   1 
ATOM   43  O  OP2   . DG  A 1 3  ? -6.687  4.431   16.669  1.00 114.75 ? 3   DG  A OP2   1 
ATOM   44  O  "O5'" . DG  A 1 3  ? -5.028  2.699   16.018  1.00 102.27 ? 3   DG  A "O5'" 1 
ATOM   45  C  "C5'" . DG  A 1 3  ? -4.062  2.859   14.996  1.00 105.70 ? 3   DG  A "C5'" 1 
ATOM   46  C  "C4'" . DG  A 1 3  ? -2.707  2.358   15.456  1.00 105.33 ? 3   DG  A "C4'" 1 
ATOM   47  O  "O4'" . DG  A 1 3  ? -2.881  1.183   16.274  1.00 97.54  ? 3   DG  A "O4'" 1 
ATOM   48  C  "C3'" . DG  A 1 3  ? -1.763  1.966   14.322  1.00 107.51 ? 3   DG  A "C3'" 1 
ATOM   49  O  "O3'" . DG  A 1 3  ? -0.641  2.828   14.309  1.00 117.16 ? 3   DG  A "O3'" 1 
ATOM   50  C  "C2'" . DG  A 1 3  ? -1.363  0.511   14.610  1.00 98.82  ? 3   DG  A "C2'" 1 
ATOM   51  C  "C1'" . DG  A 1 3  ? -1.829  0.279   16.041  1.00 92.49  ? 3   DG  A "C1'" 1 
ATOM   52  N  N9    . DG  A 1 3  ? -2.336  -1.074  16.282  1.00 89.12  ? 3   DG  A N9    1 
ATOM   53  C  C8    . DG  A 1 3  ? -3.651  -1.443  16.451  1.00 89.27  ? 3   DG  A C8    1 
ATOM   54  N  N7    . DG  A 1 3  ? -3.812  -2.719  16.662  1.00 82.70  ? 3   DG  A N7    1 
ATOM   55  C  C5    . DG  A 1 3  ? -2.521  -3.234  16.633  1.00 83.94  ? 3   DG  A C5    1 
ATOM   56  C  C6    . DG  A 1 3  ? -2.070  -4.565  16.802  1.00 85.32  ? 3   DG  A C6    1 
ATOM   57  O  O6    . DG  A 1 3  ? -2.744  -5.583  17.018  1.00 86.86  ? 3   DG  A O6    1 
ATOM   58  N  N1    . DG  A 1 3  ? -0.683  -4.655  16.699  1.00 79.83  ? 3   DG  A N1    1 
ATOM   59  C  C2    . DG  A 1 3  ? 0.158   -3.594  16.465  1.00 79.08  ? 3   DG  A C2    1 
ATOM   60  N  N2    . DG  A 1 3  ? 1.467   -3.880  16.396  1.00 79.40  ? 3   DG  A N2    1 
ATOM   61  N  N3    . DG  A 1 3  ? -0.250  -2.340  16.306  1.00 78.41  ? 3   DG  A N3    1 
ATOM   62  C  C4    . DG  A 1 3  ? -1.599  -2.235  16.400  1.00 82.11  ? 3   DG  A C4    1 
ATOM   63  P  P     . DC  A 1 4  ? -0.073  3.366   12.909  1.00 123.41 ? 4   DC  A P     1 
ATOM   64  O  OP1   . DC  A 1 4  ? 0.889   4.456   13.192  1.00 120.73 ? 4   DC  A OP1   1 
ATOM   65  O  OP2   . DC  A 1 4  ? -1.245  3.615   12.037  1.00 114.27 ? 4   DC  A OP2   1 
ATOM   66  O  "O5'" . DC  A 1 4  ? 0.724   2.111   12.322  1.00 108.14 ? 4   DC  A "O5'" 1 
ATOM   67  C  "C5'" . DC  A 1 4  ? 1.720   1.476   13.112  1.00 106.62 ? 4   DC  A "C5'" 1 
ATOM   68  C  "C4'" . DC  A 1 4  ? 2.062   0.106   12.553  1.00 104.85 ? 4   DC  A "C4'" 1 
ATOM   69  O  "O4'" . DC  A 1 4  ? 1.166   -0.900  13.098  1.00 99.82  ? 4   DC  A "O4'" 1 
ATOM   70  C  "C3'" . DC  A 1 4  ? 1.957   -0.018  11.028  1.00 107.71 ? 4   DC  A "C3'" 1 
ATOM   71  O  "O3'" . DC  A 1 4  ? 3.160   -0.565  10.512  1.00 108.74 ? 4   DC  A "O3'" 1 
ATOM   72  C  "C2'" . DC  A 1 4  ? 0.777   -0.974  10.827  1.00 102.40 ? 4   DC  A "C2'" 1 
ATOM   73  C  "C1'" . DC  A 1 4  ? 0.880   -1.822  12.079  1.00 93.95  ? 4   DC  A "C1'" 1 
ATOM   74  N  N1    . DC  A 1 4  ? -0.377  -2.574  12.421  1.00 92.42  ? 4   DC  A N1    1 
ATOM   75  C  C2    . DC  A 1 4  ? -0.294  -3.919  12.814  1.00 87.61  ? 4   DC  A C2    1 
ATOM   76  O  O2    . DC  A 1 4  ? 0.818   -4.463  12.880  1.00 81.77  ? 4   DC  A O2    1 
ATOM   77  N  N3    . DC  A 1 4  ? -1.437  -4.588  13.115  1.00 81.66  ? 4   DC  A N3    1 
ATOM   78  C  C4    . DC  A 1 4  ? -2.615  -3.967  13.033  1.00 80.40  ? 4   DC  A C4    1 
ATOM   79  N  N4    . DC  A 1 4  ? -3.713  -4.667  13.340  1.00 78.01  ? 4   DC  A N4    1 
ATOM   80  C  C5    . DC  A 1 4  ? -2.720  -2.601  12.632  1.00 81.67  ? 4   DC  A C5    1 
ATOM   81  C  C6    . DC  A 1 4  ? -1.588  -1.951  12.332  1.00 86.35  ? 4   DC  A C6    1 
ATOM   82  P  P     . DA  A 1 5  ? 3.648   -0.193  9.028   1.00 115.99 ? 5   DA  A P     1 
ATOM   83  O  OP1   . DA  A 1 5  ? 4.594   0.941   9.131   1.00 121.83 ? 5   DA  A OP1   1 
ATOM   84  O  OP2   . DA  A 1 5  ? 2.438   -0.059  8.183   1.00 99.10  ? 5   DA  A OP2   1 
ATOM   85  O  "O5'" . DA  A 1 5  ? 4.455   -1.494  8.561   1.00 105.84 ? 5   DA  A "O5'" 1 
ATOM   86  C  "C5'" . DA  A 1 5  ? 5.571   -1.947  9.318   1.00 94.96  ? 5   DA  A "C5'" 1 
ATOM   87  C  "C4'" . DA  A 1 5  ? 5.641   -3.465  9.326   1.00 96.47  ? 5   DA  A "C4'" 1 
ATOM   88  O  "O4'" . DA  A 1 5  ? 4.417   -4.007  9.887   1.00 92.86  ? 5   DA  A "O4'" 1 
ATOM   89  C  "C3'" . DA  A 1 5  ? 5.801   -4.117  7.956   1.00 98.18  ? 5   DA  A "C3'" 1 
ATOM   90  O  "O3'" . DA  A 1 5  ? 6.651   -5.251  8.063   1.00 106.90 ? 5   DA  A "O3'" 1 
ATOM   91  C  "C2'" . DA  A 1 5  ? 4.373   -4.517  7.595   1.00 98.83  ? 5   DA  A "C2'" 1 
ATOM   92  C  "C1'" . DA  A 1 5  ? 3.796   -4.871  8.958   1.00 90.25  ? 5   DA  A "C1'" 1 
ATOM   93  N  N9    . DA  A 1 5  ? 2.355   -4.668  9.049   1.00 85.75  ? 5   DA  A N9    1 
ATOM   94  C  C8    . DA  A 1 5  ? 1.671   -3.515  8.789   1.00 88.37  ? 5   DA  A C8    1 
ATOM   95  N  N7    . DA  A 1 5  ? 0.376   -3.616  8.962   1.00 87.44  ? 5   DA  A N7    1 
ATOM   96  C  C5    . DA  A 1 5  ? 0.196   -4.926  9.368   1.00 83.69  ? 5   DA  A C5    1 
ATOM   97  C  C6    . DA  A 1 5  ? -0.956  -5.662  9.713   1.00 79.41  ? 5   DA  A C6    1 
ATOM   98  N  N6    . DA  A 1 5  ? -2.189  -5.149  9.700   1.00 78.95  ? 5   DA  A N6    1 
ATOM   99  N  N1    . DA  A 1 5  ? -0.788  -6.951  10.074  1.00 78.48  ? 5   DA  A N1    1 
ATOM   100 C  C2    . DA  A 1 5  ? 0.451   -7.461  10.086  1.00 85.05  ? 5   DA  A C2    1 
ATOM   101 N  N3    . DA  A 1 5  ? 1.606   -6.868  9.781   1.00 85.09  ? 5   DA  A N3    1 
ATOM   102 C  C4    . DA  A 1 5  ? 1.406   -5.590  9.428   1.00 84.86  ? 5   DA  A C4    1 
ATOM   103 P  P     . DG  A 1 6  ? 7.002   -6.131  6.766   1.00 114.31 ? 6   DG  A P     1 
ATOM   104 O  OP1   . DG  A 1 6  ? 8.317   -6.769  7.000   1.00 109.87 ? 6   DG  A OP1   1 
ATOM   105 O  OP2   . DG  A 1 6  ? 6.799   -5.275  5.577   1.00 111.87 ? 6   DG  A OP2   1 
ATOM   106 O  "O5'" . DG  A 1 6  ? 5.875   -7.265  6.763   1.00 100.67 ? 6   DG  A "O5'" 1 
ATOM   107 C  "C5'" . DG  A 1 6  ? 5.612   -7.993  7.952   1.00 101.77 ? 6   DG  A "C5'" 1 
ATOM   108 C  "C4'" . DG  A 1 6  ? 4.821   -9.255  7.657   1.00 104.93 ? 6   DG  A "C4'" 1 
ATOM   109 O  "O4'" . DG  A 1 6  ? 3.410   -9.022  7.903   1.00 100.55 ? 6   DG  A "O4'" 1 
ATOM   110 C  "C3'" . DG  A 1 6  ? 4.917   -9.768  6.225   1.00 100.72 ? 6   DG  A "C3'" 1 
ATOM   111 O  "O3'" . DG  A 1 6  ? 4.902   -11.188 6.238   1.00 107.64 ? 6   DG  A "O3'" 1 
ATOM   112 C  "C2'" . DG  A 1 6  ? 3.651   -9.200  5.587   1.00 94.23  ? 6   DG  A "C2'" 1 
ATOM   113 C  "C1'" . DG  A 1 6  ? 2.670   -9.323  6.740   1.00 87.95  ? 6   DG  A "C1'" 1 
ATOM   114 N  N9    . DG  A 1 6  ? 1.550   -8.395  6.670   1.00 84.84  ? 6   DG  A N9    1 
ATOM   115 C  C8    . DG  A 1 6  ? 1.588   -7.072  6.297   1.00 83.18  ? 6   DG  A C8    1 
ATOM   116 N  N7    . DG  A 1 6  ? 0.424   -6.485  6.347   1.00 82.54  ? 6   DG  A N7    1 
ATOM   117 C  C5    . DG  A 1 6  ? -0.441  -7.482  6.788   1.00 82.45  ? 6   DG  A C5    1 
ATOM   118 C  C6    . DG  A 1 6  ? -1.834  -7.439  7.035   1.00 79.92  ? 6   DG  A C6    1 
ATOM   119 O  O6    . DG  A 1 6  ? -2.606  -6.480  6.906   1.00 83.40  ? 6   DG  A O6    1 
ATOM   120 N  N1    . DG  A 1 6  ? -2.320  -8.670  7.473   1.00 80.70  ? 6   DG  A N1    1 
ATOM   121 C  C2    . DG  A 1 6  ? -1.554  -9.801  7.649   1.00 86.58  ? 6   DG  A C2    1 
ATOM   122 N  N2    . DG  A 1 6  ? -2.199  -10.897 8.078   1.00 86.87  ? 6   DG  A N2    1 
ATOM   123 N  N3    . DG  A 1 6  ? -0.246  -9.854  7.421   1.00 82.76  ? 6   DG  A N3    1 
ATOM   124 C  C4    . DG  A 1 6  ? 0.240   -8.661  6.994   1.00 84.62  ? 6   DG  A C4    1 
ATOM   125 P  P     . DA  A 1 7  ? 5.255   -12.022 4.912   1.00 114.06 ? 7   DA  A P     1 
ATOM   126 O  OP1   . DA  A 1 7  ? 5.534   -13.421 5.310   1.00 99.40  ? 7   DA  A OP1   1 
ATOM   127 O  OP2   . DA  A 1 7  ? 6.264   -11.251 4.149   1.00 109.28 ? 7   DA  A OP2   1 
ATOM   128 O  "O5'" . DA  A 1 7  ? 3.893   -12.003 4.085   1.00 102.85 ? 7   DA  A "O5'" 1 
ATOM   129 C  "C5'" . DA  A 1 7  ? 3.466   -13.165 3.415   1.00 95.90  ? 7   DA  A "C5'" 1 
ATOM   130 C  "C4'" . DA  A 1 7  ? 2.433   -13.909 4.237   1.00 91.66  ? 7   DA  A "C4'" 1 
ATOM   131 O  "O4'" . DA  A 1 7  ? 1.625   -12.953 4.977   1.00 91.28  ? 7   DA  A "O4'" 1 
ATOM   132 C  "C3'" . DA  A 1 7  ? 1.462   -14.729 3.409   1.00 94.81  ? 7   DA  A "C3'" 1 
ATOM   133 O  "O3'" . DA  A 1 7  ? 1.074   -15.900 4.101   1.00 104.34 ? 7   DA  A "O3'" 1 
ATOM   134 C  "C2'" . DA  A 1 7  ? 0.292   -13.779 3.206   1.00 94.30  ? 7   DA  A "C2'" 1 
ATOM   135 C  "C1'" . DA  A 1 7  ? 0.300   -12.935 4.477   1.00 90.19  ? 7   DA  A "C1'" 1 
ATOM   136 N  N9    . DA  A 1 7  ? -0.096  -11.542 4.233   1.00 89.53  ? 7   DA  A N9    1 
ATOM   137 C  C8    . DA  A 1 7  ? 0.700   -10.528 3.769   1.00 87.33  ? 7   DA  A C8    1 
ATOM   138 N  N7    . DA  A 1 7  ? 0.074   -9.381  3.628   1.00 78.57  ? 7   DA  A N7    1 
ATOM   139 C  C5    . DA  A 1 7  ? -1.225  -9.658  4.019   1.00 78.77  ? 7   DA  A C5    1 
ATOM   140 C  C6    . DA  A 1 7  ? -2.383  -8.857  4.100   1.00 74.97  ? 7   DA  A C6    1 
ATOM   141 N  N6    . DA  A 1 7  ? -2.405  -7.561  3.775   1.00 72.16  ? 7   DA  A N6    1 
ATOM   142 N  N1    . DA  A 1 7  ? -3.521  -9.442  4.530   1.00 74.37  ? 7   DA  A N1    1 
ATOM   143 C  C2    . DA  A 1 7  ? -3.495  -10.741 4.858   1.00 79.72  ? 7   DA  A C2    1 
ATOM   144 N  N3    . DA  A 1 7  ? -2.470  -11.596 4.824   1.00 83.11  ? 7   DA  A N3    1 
ATOM   145 C  C4    . DA  A 1 7  ? -1.352  -10.986 4.392   1.00 85.40  ? 7   DA  A C4    1 
ATOM   146 P  P     . DC  A 1 8  ? 0.682   -17.217 3.266   1.00 110.23 ? 8   DC  A P     1 
ATOM   147 O  OP1   . DC  A 1 8  ? 0.947   -18.397 4.119   1.00 123.87 ? 8   DC  A OP1   1 
ATOM   148 O  OP2   . DC  A 1 8  ? 1.332   -17.098 1.941   1.00 101.92 ? 8   DC  A OP2   1 
ATOM   149 O  "O5'" . DC  A 1 8  ? -0.895  -17.078 3.042   1.00 90.85  ? 8   DC  A "O5'" 1 
ATOM   150 C  "C5'" . DC  A 1 8  ? -1.397  -16.551 1.821   1.00 90.41  ? 8   DC  A "C5'" 1 
ATOM   151 C  "C4'" . DC  A 1 8  ? -2.761  -15.931 2.033   1.00 89.65  ? 8   DC  A "C4'" 1 
ATOM   152 O  "O4'" . DC  A 1 8  ? -2.608  -14.592 2.538   1.00 91.14  ? 8   DC  A "O4'" 1 
ATOM   153 C  "C3'" . DC  A 1 8  ? -3.591  -15.766 0.778   1.00 88.72  ? 8   DC  A "C3'" 1 
ATOM   154 O  "O3'" . DC  A 1 8  ? -4.295  -16.983 0.506   1.00 96.37  ? 8   DC  A "O3'" 1 
ATOM   155 C  "C2'" . DC  A 1 8  ? -4.540  -14.627 1.162   1.00 86.14  ? 8   DC  A "C2'" 1 
ATOM   156 C  "C1'" . DC  A 1 8  ? -3.750  -13.830 2.197   1.00 84.86  ? 8   DC  A "C1'" 1 
ATOM   157 N  N1    . DC  A 1 8  ? -3.311  -12.472 1.727   1.00 81.28  ? 8   DC  A N1    1 
ATOM   158 C  C2    . DC  A 1 8  ? -4.238  -11.423 1.667   1.00 76.47  ? 8   DC  A C2    1 
ATOM   159 O  O2    . DC  A 1 8  ? -5.414  -11.635 1.985   1.00 77.73  ? 8   DC  A O2    1 
ATOM   160 N  N3    . DC  A 1 8  ? -3.816  -10.200 1.256   1.00 71.44  ? 8   DC  A N3    1 
ATOM   161 C  C4    . DC  A 1 8  ? -2.539  -10.010 0.922   1.00 72.18  ? 8   DC  A C4    1 
ATOM   162 N  N4    . DC  A 1 8  ? -2.170  -8.789  0.524   1.00 72.39  ? 8   DC  A N4    1 
ATOM   163 C  C5    . DC  A 1 8  ? -1.583  -11.064 0.981   1.00 74.21  ? 8   DC  A C5    1 
ATOM   164 C  C6    . DC  A 1 8  ? -2.010  -12.265 1.383   1.00 79.65  ? 8   DC  A C6    1 
ATOM   165 P  P     . DA  A 1 9  ? -5.717  -16.976 -0.250  1.00 115.26 ? 9   DA  A P     1 
ATOM   166 O  OP1   . DA  A 1 9  ? -6.018  -18.384 -0.588  1.00 113.95 ? 9   DA  A OP1   1 
ATOM   167 O  OP2   . DA  A 1 9  ? -5.673  -15.976 -1.342  1.00 92.52  ? 9   DA  A OP2   1 
ATOM   168 O  "O5'" . DA  A 1 9  ? -6.754  -16.490 0.876   1.00 94.62  ? 9   DA  A "O5'" 1 
ATOM   169 C  "C5'" . DA  A 1 9  ? -8.148  -16.594 0.662   1.00 90.93  ? 9   DA  A "C5'" 1 
ATOM   170 C  "C4'" . DA  A 1 9  ? -8.751  -15.261 0.242   1.00 88.84  ? 9   DA  A "C4'" 1 
ATOM   171 O  "O4'" . DA  A 1 9  ? -7.755  -14.194 0.295   1.00 82.10  ? 9   DA  A "O4'" 1 
ATOM   172 C  "C3'" . DA  A 1 9  ? -9.318  -15.231 -1.187  1.00 83.03  ? 9   DA  A "C3'" 1 
ATOM   173 O  "O3'" . DA  A 1 9  ? -10.641 -14.714 -1.177  1.00 85.98  ? 9   DA  A "O3'" 1 
ATOM   174 C  "C2'" . DA  A 1 9  ? -8.376  -14.274 -1.906  1.00 84.40  ? 9   DA  A "C2'" 1 
ATOM   175 C  "C1'" . DA  A 1 9  ? -8.038  -13.330 -0.775  1.00 76.83  ? 9   DA  A "C1'" 1 
ATOM   176 N  N9    . DA  A 1 9  ? -6.902  -12.456 -1.071  1.00 72.81  ? 9   DA  A N9    1 
ATOM   177 C  C8    . DA  A 1 9  ? -5.594  -12.813 -1.231  1.00 75.25  ? 9   DA  A C8    1 
ATOM   178 N  N7    . DA  A 1 9  ? -4.801  -11.808 -1.524  1.00 66.47  ? 9   DA  A N7    1 
ATOM   179 C  C5    . DA  A 1 9  ? -5.654  -10.721 -1.587  1.00 60.96  ? 9   DA  A C5    1 
ATOM   180 C  C6    . DA  A 1 9  ? -5.435  -9.359  -1.860  1.00 62.55  ? 9   DA  A C6    1 
ATOM   181 N  N6    . DA  A 1 9  ? -4.228  -8.849  -2.134  1.00 65.16  ? 9   DA  A N6    1 
ATOM   182 N  N1    . DA  A 1 9  ? -6.505  -8.537  -1.841  1.00 61.33  ? 9   DA  A N1    1 
ATOM   183 C  C2    . DA  A 1 9  ? -7.710  -9.053  -1.572  1.00 62.05  ? 9   DA  A C2    1 
ATOM   184 N  N3    . DA  A 1 9  ? -8.038  -10.314 -1.294  1.00 63.23  ? 9   DA  A N3    1 
ATOM   185 C  C4    . DA  A 1 9  ? -6.953  -11.104 -1.320  1.00 63.75  ? 9   DA  A C4    1 
ATOM   186 P  P     . DT  A 1 10 ? -11.816 -15.459 -1.982  1.00 104.02 ? 10  DT  A P     1 
ATOM   187 O  OP1   . DT  A 1 10 ? -13.094 -14.817 -1.592  1.00 90.52  ? 10  DT  A OP1   1 
ATOM   188 O  OP2   . DT  A 1 10 ? -11.624 -16.911 -1.776  1.00 106.62 ? 10  DT  A OP2   1 
ATOM   189 O  "O5'" . DT  A 1 10 ? -11.516 -15.156 -3.531  1.00 85.70  ? 10  DT  A "O5'" 1 
ATOM   190 C  "C5'" . DT  A 1 10 ? -11.026 -13.883 -3.944  1.00 78.55  ? 10  DT  A "C5'" 1 
ATOM   191 C  "C4'" . DT  A 1 10 ? -12.065 -12.794 -3.756  1.00 75.13  ? 10  DT  A "C4'" 1 
ATOM   192 O  "O4'" . DT  A 1 10 ? -11.430 -11.615 -3.210  1.00 66.38  ? 10  DT  A "O4'" 1 
ATOM   193 C  "C3'" . DT  A 1 10 ? -12.768 -12.370 -5.035  1.00 77.06  ? 10  DT  A "C3'" 1 
ATOM   194 O  "O3'" . DT  A 1 10 ? -14.168 -12.313 -4.843  1.00 79.63  ? 10  DT  A "O3'" 1 
ATOM   195 C  "C2'" . DT  A 1 10 ? -12.190 -10.995 -5.386  1.00 76.70  ? 10  DT  A "C2'" 1 
ATOM   196 C  "C1'" . DT  A 1 10 ? -11.390 -10.570 -4.161  1.00 67.67  ? 10  DT  A "C1'" 1 
ATOM   197 N  N1    . DT  A 1 10 ? -9.948  -10.231 -4.464  1.00 61.80  ? 10  DT  A N1    1 
ATOM   198 C  C2    . DT  A 1 10 ? -9.611  -8.930  -4.762  1.00 58.25  ? 10  DT  A C2    1 
ATOM   199 O  O2    . DT  A 1 10 ? -10.421 -8.024  -4.800  1.00 61.48  ? 10  DT  A O2    1 
ATOM   200 N  N3    . DT  A 1 10 ? -8.281  -8.727  -5.013  1.00 56.56  ? 10  DT  A N3    1 
ATOM   201 C  C4    . DT  A 1 10 ? -7.272  -9.674  -4.998  1.00 61.18  ? 10  DT  A C4    1 
ATOM   202 O  O4    . DT  A 1 10 ? -6.102  -9.395  -5.238  1.00 60.61  ? 10  DT  A O4    1 
ATOM   203 C  C5    . DT  A 1 10 ? -7.691  -11.013 -4.683  1.00 59.51  ? 10  DT  A C5    1 
ATOM   204 C  C7    . DT  A 1 10 ? -6.683  -12.120 -4.637  1.00 60.17  ? 10  DT  A C7    1 
ATOM   205 C  C6    . DT  A 1 10 ? -8.992  -11.226 -4.433  1.00 60.61  ? 10  DT  A C6    1 
ATOM   206 P  P     . DG  A 1 11 ? -15.146 -12.595 -6.085  1.00 90.26  ? 11  DG  A P     1 
ATOM   207 O  OP1   . DG  A 1 11 ? -16.538 -12.579 -5.582  1.00 86.63  ? 11  DG  A OP1   1 
ATOM   208 O  OP2   . DG  A 1 11 ? -14.616 -13.778 -6.802  1.00 85.54  ? 11  DG  A OP2   1 
ATOM   209 O  "O5'" . DG  A 1 11 ? -14.935 -11.328 -7.035  1.00 73.18  ? 11  DG  A "O5'" 1 
ATOM   210 C  "C5'" . DG  A 1 11 ? -15.338 -10.036 -6.599  1.00 75.03  ? 11  DG  A "C5'" 1 
ATOM   211 C  "C4'" . DG  A 1 11 ? -14.865 -8.969  -7.569  1.00 78.34  ? 11  DG  A "C4'" 1 
ATOM   212 O  "O4'" . DG  A 1 11 ? -13.421 -8.824  -7.476  1.00 81.79  ? 11  DG  A "O4'" 1 
ATOM   213 C  "C3'" . DG  A 1 11 ? -15.162 -9.257  -9.040  1.00 72.53  ? 11  DG  A "C3'" 1 
ATOM   214 O  "O3'" . DG  A 1 11 ? -15.555 -8.060  -9.693  1.00 70.29  ? 11  DG  A "O3'" 1 
ATOM   215 C  "C2'" . DG  A 1 11 ? -13.822 -9.762  -9.566  1.00 70.11  ? 11  DG  A "C2'" 1 
ATOM   216 C  "C1'" . DG  A 1 11 ? -12.864 -8.899  -8.769  1.00 71.43  ? 11  DG  A "C1'" 1 
ATOM   217 N  N9    . DG  A 1 11 ? -11.517 -9.452  -8.670  1.00 65.35  ? 11  DG  A N9    1 
ATOM   218 C  C8    . DG  A 1 11 ? -11.174 -10.755 -8.410  1.00 67.51  ? 11  DG  A C8    1 
ATOM   219 N  N7    . DG  A 1 11 ? -9.888  -10.957 -8.375  1.00 64.36  ? 11  DG  A N7    1 
ATOM   220 C  C5    . DG  A 1 11 ? -9.343  -9.712  -8.641  1.00 62.65  ? 11  DG  A C5    1 
ATOM   221 C  C6    . DG  A 1 11 ? -7.992  -9.316  -8.736  1.00 61.76  ? 11  DG  A C6    1 
ATOM   222 O  O6    . DG  A 1 11 ? -6.979  -10.013 -8.598  1.00 67.86  ? 11  DG  A O6    1 
ATOM   223 N  N1    . DG  A 1 11 ? -7.872  -7.960  -9.022  1.00 53.76  ? 11  DG  A N1    1 
ATOM   224 C  C2    . DG  A 1 11 ? -8.926  -7.097  -9.194  1.00 56.94  ? 11  DG  A C2    1 
ATOM   225 N  N2    . DG  A 1 11 ? -8.611  -5.822  -9.467  1.00 61.16  ? 11  DG  A N2    1 
ATOM   226 N  N3    . DG  A 1 11 ? -10.200 -7.456  -9.104  1.00 59.41  ? 11  DG  A N3    1 
ATOM   227 C  C4    . DG  A 1 11 ? -10.332 -8.774  -8.826  1.00 61.98  ? 11  DG  A C4    1 
ATOM   228 P  P     . DA  A 1 12 ? -16.348 -8.127  -11.088 1.00 81.82  ? 12  DA  A P     1 
ATOM   229 O  OP1   . DA  A 1 12 ? -16.847 -6.764  -11.385 1.00 65.56  ? 12  DA  A OP1   1 
ATOM   230 O  OP2   . DA  A 1 12 ? -17.299 -9.259  -11.007 1.00 96.67  ? 12  DA  A OP2   1 
ATOM   231 O  "O5'" . DA  A 1 12 ? -15.227 -8.565  -12.139 1.00 73.20  ? 12  DA  A "O5'" 1 
ATOM   232 C  "C5'" . DA  A 1 12 ? -14.938 -7.743  -13.257 1.00 80.15  ? 12  DA  A "C5'" 1 
ATOM   233 C  "C4'" . DA  A 1 12 ? -14.119 -6.533  -12.848 1.00 73.64  ? 12  DA  A "C4'" 1 
ATOM   234 O  "O4'" . DA  A 1 12 ? -13.037 -6.950  -11.978 1.00 75.43  ? 12  DA  A "O4'" 1 
ATOM   235 C  "C3'" . DA  A 1 12 ? -13.439 -5.826  -14.000 1.00 64.45  ? 12  DA  A "C3'" 1 
ATOM   236 O  "O3'" . DA  A 1 12 ? -13.195 -4.468  -13.663 1.00 65.18  ? 12  DA  A "O3'" 1 
ATOM   237 C  "C2'" . DA  A 1 12 ? -12.143 -6.609  -14.118 1.00 60.12  ? 12  DA  A "C2'" 1 
ATOM   238 C  "C1'" . DA  A 1 12 ? -11.801 -6.795  -12.652 1.00 64.00  ? 12  DA  A "C1'" 1 
ATOM   239 N  N9    . DA  A 1 12 ? -10.976 -7.964  -12.377 1.00 64.32  ? 12  DA  A N9    1 
ATOM   240 C  C8    . DA  A 1 12 ? -11.405 -9.207  -12.000 1.00 65.98  ? 12  DA  A C8    1 
ATOM   241 N  N7    . DA  A 1 12 ? -10.432 -10.063 -11.797 1.00 62.55  ? 12  DA  A N7    1 
ATOM   242 C  C5    . DA  A 1 12 ? -9.288  -9.328  -12.054 1.00 64.47  ? 12  DA  A C5    1 
ATOM   243 C  C6    . DA  A 1 12 ? -7.922  -9.658  -12.018 1.00 62.67  ? 12  DA  A C6    1 
ATOM   244 N  N6    . DA  A 1 12 ? -7.470  -10.874 -11.694 1.00 61.20  ? 12  DA  A N6    1 
ATOM   245 N  N1    . DA  A 1 12 ? -7.032  -8.690  -12.332 1.00 57.94  ? 12  DA  A N1    1 
ATOM   246 C  C2    . DA  A 1 12 ? -7.492  -7.475  -12.656 1.00 59.30  ? 12  DA  A C2    1 
ATOM   247 N  N3    . DA  A 1 12 ? -8.751  -7.047  -12.726 1.00 57.91  ? 12  DA  A N3    1 
ATOM   248 C  C4    . DA  A 1 12 ? -9.607  -8.031  -12.411 1.00 63.04  ? 12  DA  A C4    1 
ATOM   249 P  P     . DC  B 2 1  ? -0.451  10.887  -24.021 1.00 72.20  ? 12  DC  B P     1 
ATOM   250 O  OP1   . DC  B 2 1  ? -0.317  12.298  -24.445 1.00 83.97  ? 12  DC  B OP1   1 
ATOM   251 O  OP2   . DC  B 2 1  ? 0.614   9.905   -24.318 1.00 82.87  ? 12  DC  B OP2   1 
ATOM   252 O  "O5'" . DC  B 2 1  ? -0.748  10.835  -22.450 1.00 56.84  ? 12  DC  B "O5'" 1 
ATOM   253 C  "C5'" . DC  B 2 1  ? 0.098   11.505  -21.536 1.00 68.62  ? 12  DC  B "C5'" 1 
ATOM   254 C  "C4'" . DC  B 2 1  ? -0.684  12.518  -20.716 1.00 65.73  ? 12  DC  B "C4'" 1 
ATOM   255 O  "O4'" . DC  B 2 1  ? -1.841  11.895  -20.139 1.00 66.44  ? 12  DC  B "O4'" 1 
ATOM   256 C  "C3'" . DC  B 2 1  ? 0.061   13.077  -19.522 1.00 69.63  ? 12  DC  B "C3'" 1 
ATOM   257 O  "O3'" . DC  B 2 1  ? 0.797   14.216  -19.908 1.00 74.18  ? 12  DC  B "O3'" 1 
ATOM   258 C  "C2'" . DC  B 2 1  ? -1.056  13.436  -18.527 1.00 56.21  ? 12  DC  B "C2'" 1 
ATOM   259 C  "C1'" . DC  B 2 1  ? -2.283  12.700  -19.071 1.00 57.42  ? 12  DC  B "C1'" 1 
ATOM   260 N  N1    . DC  B 2 1  ? -2.974  11.835  -18.058 1.00 61.46  ? 12  DC  B N1    1 
ATOM   261 C  C2    . DC  B 2 1  ? -3.649  12.428  -16.984 1.00 60.13  ? 12  DC  B C2    1 
ATOM   262 O  O2    . DC  B 2 1  ? -3.657  13.659  -16.880 1.00 65.80  ? 12  DC  B O2    1 
ATOM   263 N  N3    . DC  B 2 1  ? -4.276  11.633  -16.084 1.00 54.89  ? 12  DC  B N3    1 
ATOM   264 C  C4    . DC  B 2 1  ? -4.249  10.312  -16.228 1.00 53.71  ? 12  DC  B C4    1 
ATOM   265 N  N4    . DC  B 2 1  ? -4.884  9.573   -15.316 1.00 54.90  ? 12  DC  B N4    1 
ATOM   266 C  C5    . DC  B 2 1  ? -3.574  9.687   -17.315 1.00 59.53  ? 12  DC  B C5    1 
ATOM   267 C  C6    . DC  B 2 1  ? -2.958  10.479  -18.198 1.00 67.22  ? 12  DC  B C6    1 
ATOM   268 P  P     . DG  B 2 2  ? 2.175   14.558  -19.165 1.00 81.43  ? 13  DG  B P     1 
ATOM   269 O  OP1   . DG  B 2 2  ? 2.883   15.563  -19.991 1.00 99.61  ? 13  DG  B OP1   1 
ATOM   270 O  OP2   . DG  B 2 2  ? 2.832   13.272  -18.832 1.00 75.36  ? 13  DG  B OP2   1 
ATOM   271 O  "O5'" . DG  B 2 2  ? 1.708   15.235  -17.797 1.00 60.66  ? 13  DG  B "O5'" 1 
ATOM   272 C  "C5'" . DG  B 2 2  ? 0.793   16.320  -17.819 1.00 68.43  ? 13  DG  B "C5'" 1 
ATOM   273 C  "C4'" . DG  B 2 2  ? 0.322   16.635  -16.418 1.00 71.04  ? 13  DG  B "C4'" 1 
ATOM   274 O  "O4'" . DG  B 2 2  ? -0.681  15.663  -16.007 1.00 72.61  ? 13  DG  B "O4'" 1 
ATOM   275 C  "C3'" . DG  B 2 2  ? 1.425   16.577  -15.358 1.00 74.19  ? 13  DG  B "C3'" 1 
ATOM   276 O  "O3'" . DG  B 2 2  ? 1.329   17.702  -14.494 1.00 78.75  ? 13  DG  B "O3'" 1 
ATOM   277 C  "C2'" . DG  B 2 2  ? 1.131   15.270  -14.622 1.00 69.79  ? 13  DG  B "C2'" 1 
ATOM   278 C  "C1'" . DG  B 2 2  ? -0.382  15.227  -14.703 1.00 66.78  ? 13  DG  B "C1'" 1 
ATOM   279 N  N9    . DG  B 2 2  ? -0.940  13.890  -14.490 1.00 59.65  ? 13  DG  B N9    1 
ATOM   280 C  C8    . DG  B 2 2  ? -0.702  12.762  -15.240 1.00 63.23  ? 13  DG  B C8    1 
ATOM   281 N  N7    . DG  B 2 2  ? -1.330  11.706  -14.803 1.00 56.46  ? 13  DG  B N7    1 
ATOM   282 C  C5    . DG  B 2 2  ? -2.020  12.159  -13.689 1.00 51.10  ? 13  DG  B C5    1 
ATOM   283 C  C6    . DG  B 2 2  ? -2.870  11.463  -12.807 1.00 49.31  ? 13  DG  B C6    1 
ATOM   284 O  O6    . DG  B 2 2  ? -3.189  10.270  -12.837 1.00 49.56  ? 13  DG  B O6    1 
ATOM   285 N  N1    . DG  B 2 2  ? -3.371  12.293  -11.808 1.00 48.05  ? 13  DG  B N1    1 
ATOM   286 C  C2    . DG  B 2 2  ? -3.085  13.628  -11.681 1.00 50.37  ? 13  DG  B C2    1 
ATOM   287 N  N2    . DG  B 2 2  ? -3.664  14.261  -10.650 1.00 47.42  ? 13  DG  B N2    1 
ATOM   288 N  N3    . DG  B 2 2  ? -2.286  14.296  -12.504 1.00 52.38  ? 13  DG  B N3    1 
ATOM   289 C  C4    . DG  B 2 2  ? -1.791  13.500  -13.481 1.00 51.22  ? 13  DG  B C4    1 
ATOM   290 P  P     . DT  B 2 3  ? 2.565   18.114  -13.553 1.00 94.32  ? 14  DT  B P     1 
ATOM   291 O  OP1   . DT  B 2 3  ? 2.926   19.508  -13.894 1.00 96.46  ? 14  DT  B OP1   1 
ATOM   292 O  OP2   . DT  B 2 3  ? 3.593   17.048  -13.618 1.00 73.31  ? 14  DT  B OP2   1 
ATOM   293 O  "O5'" . DT  B 2 3  ? 1.940   18.090  -12.086 1.00 74.09  ? 14  DT  B "O5'" 1 
ATOM   294 C  "C5'" . DT  B 2 3  ? 0.994   17.099  -11.752 1.00 63.82  ? 14  DT  B "C5'" 1 
ATOM   295 C  "C4'" . DT  B 2 3  ? 0.371   17.389  -10.411 1.00 71.76  ? 14  DT  B "C4'" 1 
ATOM   296 O  "O4'" . DT  B 2 3  ? -0.576  16.345  -10.090 1.00 69.44  ? 14  DT  B "O4'" 1 
ATOM   297 C  "C3'" . DT  B 2 3  ? 1.354   17.416  -9.261  1.00 73.19  ? 14  DT  B "C3'" 1 
ATOM   298 O  "O3'" . DT  B 2 3  ? 0.880   18.269  -8.239  1.00 75.39  ? 14  DT  B "O3'" 1 
ATOM   299 C  "C2'" . DT  B 2 3  ? 1.387   15.956  -8.815  1.00 76.98  ? 14  DT  B "C2'" 1 
ATOM   300 C  "C1'" . DT  B 2 3  ? -0.038  15.481  -9.108  1.00 67.43  ? 14  DT  B "C1'" 1 
ATOM   301 N  N1    . DT  B 2 3  ? -0.100  14.076  -9.627  1.00 56.42  ? 14  DT  B N1    1 
ATOM   302 C  C2    . DT  B 2 3  ? -0.861  13.141  -8.957  1.00 53.43  ? 14  DT  B C2    1 
ATOM   303 O  O2    . DT  B 2 3  ? -1.502  13.396  -7.952  1.00 53.80  ? 14  DT  B O2    1 
ATOM   304 N  N3    . DT  B 2 3  ? -0.844  11.888  -9.509  1.00 50.75  ? 14  DT  B N3    1 
ATOM   305 C  C4    . DT  B 2 3  ? -0.160  11.482  -10.640 1.00 53.48  ? 14  DT  B C4    1 
ATOM   306 O  O4    . DT  B 2 3  ? -0.207  10.331  -11.060 1.00 51.99  ? 14  DT  B O4    1 
ATOM   307 C  C5    . DT  B 2 3  ? 0.618   12.509  -11.292 1.00 58.99  ? 14  DT  B C5    1 
ATOM   308 C  C7    . DT  B 2 3  ? 1.404   12.183  -12.527 1.00 59.16  ? 14  DT  B C7    1 
ATOM   309 C  C6    . DT  B 2 3  ? 0.613   13.740  -10.759 1.00 55.58  ? 14  DT  B C6    1 
ATOM   310 P  P     . DC  B 2 4  ? 1.752   18.491  -6.910  1.00 92.89  ? 15  DC  B P     1 
ATOM   311 O  OP1   . DC  B 2 4  ? 1.414   19.830  -6.375  1.00 87.19  ? 15  DC  B OP1   1 
ATOM   312 O  OP2   . DC  B 2 4  ? 3.160   18.139  -7.218  1.00 83.97  ? 15  DC  B OP2   1 
ATOM   313 O  "O5'" . DC  B 2 4  ? 1.183   17.391  -5.907  1.00 76.52  ? 15  DC  B "O5'" 1 
ATOM   314 C  "C5'" . DC  B 2 4  ? -0.216  17.250  -5.757  1.00 74.95  ? 15  DC  B "C5'" 1 
ATOM   315 C  "C4'" . DC  B 2 4  ? -0.543  16.340  -4.592  1.00 76.48  ? 15  DC  B "C4'" 1 
ATOM   316 O  "O4'" . DC  B 2 4  ? -0.707  14.977  -5.060  1.00 72.00  ? 15  DC  B "O4'" 1 
ATOM   317 C  "C3'" . DC  B 2 4  ? 0.516   16.282  -3.499  1.00 76.34  ? 15  DC  B "C3'" 1 
ATOM   318 O  "O3'" . DC  B 2 4  ? -0.128  16.215  -2.241  1.00 86.43  ? 15  DC  B "O3'" 1 
ATOM   319 C  "C2'" . DC  B 2 4  ? 1.270   14.990  -3.821  1.00 70.11  ? 15  DC  B "C2'" 1 
ATOM   320 C  "C1'" . DC  B 2 4  ? 0.137   14.115  -4.327  1.00 65.76  ? 15  DC  B "C1'" 1 
ATOM   321 N  N1    . DC  B 2 4  ? 0.560   13.017  -5.241  1.00 59.81  ? 15  DC  B N1    1 
ATOM   322 C  C2    . DC  B 2 4  ? 0.094   11.714  -5.021  1.00 54.29  ? 15  DC  B C2    1 
ATOM   323 O  O2    . DC  B 2 4  ? -0.639  11.491  -4.051  1.00 55.87  ? 15  DC  B O2    1 
ATOM   324 N  N3    . DC  B 2 4  ? 0.466   10.731  -5.875  1.00 48.51  ? 15  DC  B N3    1 
ATOM   325 C  C4    . DC  B 2 4  ? 1.258   11.012  -6.912  1.00 52.44  ? 15  DC  B C4    1 
ATOM   326 N  N4    . DC  B 2 4  ? 1.598   10.011  -7.726  1.00 56.02  ? 15  DC  B N4    1 
ATOM   327 C  C5    . DC  B 2 4  ? 1.736   12.333  -7.156  1.00 57.64  ? 15  DC  B C5    1 
ATOM   328 C  C6    . DC  B 2 4  ? 1.361   13.296  -6.308  1.00 58.45  ? 15  DC  B C6    1 
ATOM   329 P  P     . DA  B 2 5  ? 0.714   16.361  -0.884  1.00 98.09  ? 16  DA  B P     1 
ATOM   330 O  OP1   . DA  B 2 5  ? -0.050  17.260  0.011   1.00 86.78  ? 16  DA  B OP1   1 
ATOM   331 O  OP2   . DA  B 2 5  ? 2.122   16.658  -1.239  1.00 87.21  ? 16  DA  B OP2   1 
ATOM   332 O  "O5'" . DA  B 2 5  ? 0.676   14.896  -0.263  1.00 83.27  ? 16  DA  B "O5'" 1 
ATOM   333 C  "C5'" . DA  B 2 5  ? -0.542  14.374  0.251   1.00 80.13  ? 16  DA  B "C5'" 1 
ATOM   334 C  "C4'" . DA  B 2 5  ? -0.316  13.019  0.897   1.00 81.02  ? 16  DA  B "C4'" 1 
ATOM   335 O  "O4'" . DA  B 2 5  ? 0.090   12.060  -0.115  1.00 74.34  ? 16  DA  B "O4'" 1 
ATOM   336 C  "C3'" . DA  B 2 5  ? 0.787   12.981  1.948   1.00 78.46  ? 16  DA  B "C3'" 1 
ATOM   337 O  "O3'" . DA  B 2 5  ? 0.511   11.956  2.888   1.00 74.70  ? 16  DA  B "O3'" 1 
ATOM   338 C  "C2'" . DA  B 2 5  ? 2.009   12.639  1.107   1.00 74.58  ? 16  DA  B "C2'" 1 
ATOM   339 C  "C1'" . DA  B 2 5  ? 1.413   11.627  0.142   1.00 68.78  ? 16  DA  B "C1'" 1 
ATOM   340 N  N9    . DA  B 2 5  ? 2.115   11.551  -1.129  1.00 61.10  ? 16  DA  B N9    1 
ATOM   341 C  C8    . DA  B 2 5  ? 2.815   12.547  -1.747  1.00 62.11  ? 16  DA  B C8    1 
ATOM   342 N  N7    . DA  B 2 5  ? 3.339   12.187  -2.894  1.00 59.09  ? 16  DA  B N7    1 
ATOM   343 C  C5    . DA  B 2 5  ? 2.949   10.868  -3.037  1.00 57.03  ? 16  DA  B C5    1 
ATOM   344 C  C6    . DA  B 2 5  ? 3.177   9.912   -4.048  1.00 61.51  ? 16  DA  B C6    1 
ATOM   345 N  N6    . DA  B 2 5  ? 3.890   10.164  -5.150  1.00 65.17  ? 16  DA  B N6    1 
ATOM   346 N  N1    . DA  B 2 5  ? 2.646   8.684   -3.879  1.00 56.67  ? 16  DA  B N1    1 
ATOM   347 C  C2    . DA  B 2 5  ? 1.934   8.437   -2.774  1.00 57.87  ? 16  DA  B C2    1 
ATOM   348 N  N3    . DA  B 2 5  ? 1.655   9.251   -1.758  1.00 57.64  ? 16  DA  B N3    1 
ATOM   349 C  C4    . DA  B 2 5  ? 2.195   10.461  -1.956  1.00 57.40  ? 16  DA  B C4    1 
ATOM   350 P  P     . DC  B 2 6  ? 1.064   12.069  4.390   1.00 86.00  ? 17  DC  B P     1 
ATOM   351 O  OP1   . DC  B 2 6  ? -0.089  11.886  5.301   1.00 90.77  ? 17  DC  B OP1   1 
ATOM   352 O  OP2   . DC  B 2 6  ? 1.887   13.296  4.475   1.00 86.20  ? 17  DC  B OP2   1 
ATOM   353 O  "O5'" . DC  B 2 6  ? 2.034   10.805  4.537   1.00 78.77  ? 17  DC  B "O5'" 1 
ATOM   354 C  "C5'" . DC  B 2 6  ? 2.923   10.471  3.490   1.00 65.88  ? 17  DC  B "C5'" 1 
ATOM   355 C  "C4'" . DC  B 2 6  ? 2.645   9.074   2.982   1.00 71.49  ? 17  DC  B "C4'" 1 
ATOM   356 O  "O4'" . DC  B 2 6  ? 2.807   9.034   1.542   1.00 69.98  ? 17  DC  B "O4'" 1 
ATOM   357 C  "C3'" . DC  B 2 6  ? 3.571   8.005   3.550   1.00 82.74  ? 17  DC  B "C3'" 1 
ATOM   358 O  "O3'" . DC  B 2 6  ? 2.825   6.868   3.928   1.00 88.45  ? 17  DC  B "O3'" 1 
ATOM   359 C  "C2'" . DC  B 2 6  ? 4.529   7.703   2.396   1.00 81.02  ? 17  DC  B "C2'" 1 
ATOM   360 C  "C1'" . DC  B 2 6  ? 3.653   7.962   1.185   1.00 70.24  ? 17  DC  B "C1'" 1 
ATOM   361 N  N1    . DC  B 2 6  ? 4.401   8.363   -0.040  1.00 62.42  ? 17  DC  B N1    1 
ATOM   362 C  C2    . DC  B 2 6  ? 4.532   7.462   -1.102  1.00 64.35  ? 17  DC  B C2    1 
ATOM   363 O  O2    . DC  B 2 6  ? 4.041   6.331   -0.997  1.00 65.28  ? 17  DC  B O2    1 
ATOM   364 N  N3    . DC  B 2 6  ? 5.195   7.855   -2.219  1.00 58.48  ? 17  DC  B N3    1 
ATOM   365 C  C4    . DC  B 2 6  ? 5.710   9.084   -2.291  1.00 57.59  ? 17  DC  B C4    1 
ATOM   366 N  N4    . DC  B 2 6  ? 6.355   9.427   -3.409  1.00 57.07  ? 17  DC  B N4    1 
ATOM   367 C  C5    . DC  B 2 6  ? 5.582   10.017  -1.222  1.00 57.62  ? 17  DC  B C5    1 
ATOM   368 C  C6    . DC  B 2 6  ? 4.924   9.619   -0.128  1.00 59.68  ? 17  DC  B C6    1 
ATOM   369 P  P     . DT  B 2 7  ? 3.448   5.825   4.976   1.00 110.53 ? 18  DT  B P     1 
ATOM   370 O  OP1   . DT  B 2 7  ? 2.359   4.940   5.450   1.00 111.31 ? 18  DT  B OP1   1 
ATOM   371 O  OP2   . DT  B 2 7  ? 4.245   6.599   5.954   1.00 100.48 ? 18  DT  B OP2   1 
ATOM   372 O  "O5'" . DT  B 2 7  ? 4.464   4.977   4.086   1.00 88.00  ? 18  DT  B "O5'" 1 
ATOM   373 C  "C5'" . DT  B 2 7  ? 4.609   3.598   4.316   1.00 88.53  ? 18  DT  B "C5'" 1 
ATOM   374 C  "C4'" . DT  B 2 7  ? 4.921   2.876   3.025   1.00 79.60  ? 18  DT  B "C4'" 1 
ATOM   375 O  "O4'" . DT  B 2 7  ? 5.224   3.837   1.978   1.00 75.21  ? 18  DT  B "O4'" 1 
ATOM   376 C  "C3'" . DT  B 2 7  ? 6.123   1.939   3.097   1.00 84.27  ? 18  DT  B "C3'" 1 
ATOM   377 O  "O3'" . DT  B 2 7  ? 5.786   0.709   2.497   1.00 78.43  ? 18  DT  B "O3'" 1 
ATOM   378 C  "C2'" . DT  B 2 7  ? 7.209   2.686   2.309   1.00 86.62  ? 18  DT  B "C2'" 1 
ATOM   379 C  "C1'" . DT  B 2 7  ? 6.364   3.398   1.275   1.00 78.53  ? 18  DT  B "C1'" 1 
ATOM   380 N  N1    . DT  B 2 7  ? 7.006   4.589   0.612   1.00 71.73  ? 18  DT  B N1    1 
ATOM   381 C  C2    . DT  B 2 7  ? 7.339   4.513   -0.724  1.00 74.57  ? 18  DT  B C2    1 
ATOM   382 O  O2    . DT  B 2 7  ? 7.182   3.508   -1.398  1.00 78.56  ? 18  DT  B O2    1 
ATOM   383 N  N3    . DT  B 2 7  ? 7.878   5.660   -1.248  1.00 69.26  ? 18  DT  B N3    1 
ATOM   384 C  C4    . DT  B 2 7  ? 8.104   6.856   -0.590  1.00 64.65  ? 18  DT  B C4    1 
ATOM   385 O  O4    . DT  B 2 7  ? 8.592   7.833   -1.149  1.00 60.36  ? 18  DT  B O4    1 
ATOM   386 C  C5    . DT  B 2 7  ? 7.723   6.876   0.799   1.00 65.11  ? 18  DT  B C5    1 
ATOM   387 C  C7    . DT  B 2 7  ? 7.927   8.121   1.611   1.00 59.51  ? 18  DT  B C7    1 
ATOM   388 C  C6    . DT  B 2 7  ? 7.192   5.756   1.329   1.00 71.67  ? 18  DT  B C6    1 
ATOM   389 P  P     . DC  B 2 8  ? 6.349   -0.663  3.108   1.00 88.89  ? 19  DC  B P     1 
ATOM   390 O  OP1   . DC  B 2 8  ? 5.337   -1.715  2.862   1.00 102.02 ? 19  DC  B OP1   1 
ATOM   391 O  OP2   . DC  B 2 8  ? 6.800   -0.382  4.489   1.00 89.40  ? 19  DC  B OP2   1 
ATOM   392 O  "O5'" . DC  B 2 8  ? 7.629   -0.970  2.202   1.00 95.33  ? 19  DC  B "O5'" 1 
ATOM   393 C  "C5'" . DC  B 2 8  ? 7.529   -0.852  0.786   1.00 98.71  ? 19  DC  B "C5'" 1 
ATOM   394 C  "C4'" . DC  B 2 8  ? 8.877   -1.065  0.121   1.00 98.11  ? 19  DC  B "C4'" 1 
ATOM   395 O  "O4'" . DC  B 2 8  ? 9.429   0.211   -0.303  1.00 96.51  ? 19  DC  B "O4'" 1 
ATOM   396 C  "C3'" . DC  B 2 8  ? 9.944   -1.697  1.004   1.00 96.96  ? 19  DC  B "C3'" 1 
ATOM   397 O  "O3'" . DC  B 2 8  ? 10.814  -2.451  0.196   1.00 96.94  ? 19  DC  B "O3'" 1 
ATOM   398 C  "C2'" . DC  B 2 8  ? 10.653  -0.473  1.572   1.00 96.04  ? 19  DC  B "C2'" 1 
ATOM   399 C  "C1'" . DC  B 2 8  ? 10.664  0.436   0.352   1.00 93.80  ? 19  DC  B "C1'" 1 
ATOM   400 N  N1    . DC  B 2 8  ? 10.758  1.886   0.677   1.00 85.80  ? 19  DC  B N1    1 
ATOM   401 C  C2    . DC  B 2 8  ? 10.938  2.812   -0.356  1.00 80.93  ? 19  DC  B C2    1 
ATOM   402 O  O2    . DC  B 2 8  ? 11.022  2.405   -1.522  1.00 81.83  ? 19  DC  B O2    1 
ATOM   403 N  N3    . DC  B 2 8  ? 11.014  4.131   -0.051  1.00 74.33  ? 19  DC  B N3    1 
ATOM   404 C  C4    . DC  B 2 8  ? 10.918  4.527   1.220   1.00 73.65  ? 19  DC  B C4    1 
ATOM   405 N  N4    . DC  B 2 8  ? 10.999  5.837   1.471   1.00 71.27  ? 19  DC  B N4    1 
ATOM   406 C  C5    . DC  B 2 8  ? 10.735  3.597   2.288   1.00 77.16  ? 19  DC  B C5    1 
ATOM   407 C  C6    . DC  B 2 8  ? 10.661  2.299   1.974   1.00 81.55  ? 19  DC  B C6    1 
ATOM   408 P  P     . DA  B 2 9  ? 11.241  -3.936  0.622   1.00 108.22 ? 20  DA  B P     1 
ATOM   409 O  OP1   . DA  B 2 9  ? 10.031  -4.785  0.571   1.00 114.01 ? 20  DA  B OP1   1 
ATOM   410 O  OP2   . DA  B 2 9  ? 12.012  -3.832  1.882   1.00 103.21 ? 20  DA  B OP2   1 
ATOM   411 O  "O5'" . DA  B 2 9  ? 12.235  -4.381  -0.554  1.00 118.16 ? 20  DA  B "O5'" 1 
ATOM   412 C  "C5'" . DA  B 2 9  ? 11.837  -4.227  -1.923  1.00 118.11 ? 20  DA  B "C5'" 1 
ATOM   413 C  "C4'" . DA  B 2 9  ? 12.999  -3.771  -2.801  1.00 118.89 ? 20  DA  B "C4'" 1 
ATOM   414 O  "O4'" . DA  B 2 9  ? 13.394  -2.425  -2.437  1.00 111.58 ? 20  DA  B "O4'" 1 
ATOM   415 C  "C3'" . DA  B 2 9  ? 14.266  -4.612  -2.711  1.00 115.85 ? 20  DA  B "C3'" 1 
ATOM   416 O  "O3'" . DA  B 2 9  ? 14.947  -4.602  -3.962  1.00 114.92 ? 20  DA  B "O3'" 1 
ATOM   417 C  "C2'" . DA  B 2 9  ? 15.075  -3.899  -1.629  1.00 109.33 ? 20  DA  B "C2'" 1 
ATOM   418 C  "C1'" . DA  B 2 9  ? 14.668  -2.437  -1.815  1.00 103.76 ? 20  DA  B "C1'" 1 
ATOM   419 N  N9    . DA  B 2 9  ? 14.560  -1.703  -0.557  1.00 98.06  ? 20  DA  B N9    1 
ATOM   420 C  C8    . DA  B 2 9  ? 14.429  -2.231  0.698   1.00 98.95  ? 20  DA  B C8    1 
ATOM   421 N  N7    . DA  B 2 9  ? 14.344  -1.328  1.647   1.00 96.19  ? 20  DA  B N7    1 
ATOM   422 C  C5    . DA  B 2 9  ? 14.424  -0.124  0.965   1.00 90.96  ? 20  DA  B C5    1 
ATOM   423 C  C6    . DA  B 2 9  ? 14.395  1.218   1.395   1.00 80.09  ? 20  DA  B C6    1 
ATOM   424 N  N6    . DA  B 2 9  ? 14.272  1.584   2.677   1.00 72.14  ? 20  DA  B N6    1 
ATOM   425 N  N1    . DA  B 2 9  ? 14.495  2.171   0.455   1.00 76.48  ? 20  DA  B N1    1 
ATOM   426 C  C2    . DA  B 2 9  ? 14.619  1.810   -0.829  1.00 81.99  ? 20  DA  B C2    1 
ATOM   427 N  N3    . DA  B 2 9  ? 14.660  0.591   -1.355  1.00 83.89  ? 20  DA  B N3    1 
ATOM   428 C  C4    . DA  B 2 9  ? 14.556  -0.340  -0.396  1.00 91.05  ? 20  DA  B C4    1 
ATOM   429 P  P     . DT  C 3 1  ? 3.635   -11.129 -11.640 1.00 100.38 ? 0   DT  C P     1 
ATOM   430 O  OP1   . DT  C 3 1  ? 3.622   -11.767 -10.300 1.00 84.90  ? 0   DT  C OP1   1 
ATOM   431 O  OP2   . DT  C 3 1  ? 3.650   -11.938 -12.882 1.00 81.34  ? 0   DT  C OP2   1 
ATOM   432 O  "O5'" . DT  C 3 1  ? 2.409   -10.115 -11.751 1.00 60.00  ? 0   DT  C "O5'" 1 
ATOM   433 C  "C5'" . DT  C 3 1  ? 2.648   -8.732  -11.634 1.00 68.77  ? 0   DT  C "C5'" 1 
ATOM   434 C  "C4'" . DT  C 3 1  ? 1.574   -7.941  -12.340 1.00 57.57  ? 0   DT  C "C4'" 1 
ATOM   435 O  "O4'" . DT  C 3 1  ? 0.384   -8.749  -12.451 1.00 49.04  ? 0   DT  C "O4'" 1 
ATOM   436 C  "C3'" . DT  C 3 1  ? 1.151   -6.666  -11.608 1.00 54.60  ? 0   DT  C "C3'" 1 
ATOM   437 O  "O3'" . DT  C 3 1  ? 1.464   -5.515  -12.375 1.00 55.61  ? 0   DT  C "O3'" 1 
ATOM   438 C  "C2'" . DT  C 3 1  ? -0.360  -6.818  -11.418 1.00 54.53  ? 0   DT  C "C2'" 1 
ATOM   439 C  "C1'" . DT  C 3 1  ? -0.724  -7.900  -12.412 1.00 44.60  ? 0   DT  C "C1'" 1 
ATOM   440 N  N1    . DT  C 3 1  ? -1.911  -8.688  -12.009 1.00 42.69  ? 0   DT  C N1    1 
ATOM   441 C  C2    . DT  C 3 1  ? -3.166  -8.155  -12.188 1.00 50.94  ? 0   DT  C C2    1 
ATOM   442 O  O2    . DT  C 3 1  ? -3.362  -7.053  -12.667 1.00 53.54  ? 0   DT  C O2    1 
ATOM   443 N  N3    . DT  C 3 1  ? -4.195  -8.965  -11.788 1.00 54.32  ? 0   DT  C N3    1 
ATOM   444 C  C4    . DT  C 3 1  ? -4.096  -10.229 -11.236 1.00 46.07  ? 0   DT  C C4    1 
ATOM   445 O  O4    . DT  C 3 1  ? -5.078  -10.882 -10.908 1.00 43.12  ? 0   DT  C O4    1 
ATOM   446 C  C5    . DT  C 3 1  ? -2.754  -10.726 -11.072 1.00 45.84  ? 0   DT  C C5    1 
ATOM   447 C  C7    . DT  C 3 1  ? -2.526  -12.085 -10.483 1.00 50.37  ? 0   DT  C C7    1 
ATOM   448 C  C6    . DT  C 3 1  ? -1.737  -9.941  -11.461 1.00 46.14  ? 0   DT  C C6    1 
ATOM   449 P  P     . DC  C 3 2  ? 1.559   -4.084  -11.650 1.00 68.20  ? 1   DC  C P     1 
ATOM   450 O  OP1   . DC  C 3 2  ? 2.156   -3.140  -12.620 1.00 68.65  ? 1   DC  C OP1   1 
ATOM   451 O  OP2   . DC  C 3 2  ? 2.185   -4.291  -10.323 1.00 63.91  ? 1   DC  C OP2   1 
ATOM   452 O  "O5'" . DC  C 3 2  ? 0.034   -3.666  -11.399 1.00 50.58  ? 1   DC  C "O5'" 1 
ATOM   453 C  "C5'" . DC  C 3 2  ? -0.833  -3.465  -12.505 1.00 54.14  ? 1   DC  C "C5'" 1 
ATOM   454 C  "C4'" . DC  C 3 2  ? -2.132  -2.815  -12.067 1.00 47.02  ? 1   DC  C "C4'" 1 
ATOM   455 O  "O4'" . DC  C 3 2  ? -3.101  -3.836  -11.716 1.00 47.04  ? 1   DC  C "O4'" 1 
ATOM   456 C  "C3'" . DC  C 3 2  ? -2.017  -1.902  -10.855 1.00 49.59  ? 1   DC  C "C3'" 1 
ATOM   457 O  "O3'" . DC  C 3 2  ? -2.830  -0.752  -11.047 1.00 54.16  ? 1   DC  C "O3'" 1 
ATOM   458 C  "C2'" . DC  C 3 2  ? -2.525  -2.779  -9.710  1.00 49.05  ? 1   DC  C "C2'" 1 
ATOM   459 C  "C1'" . DC  C 3 2  ? -3.578  -3.627  -10.405 1.00 45.11  ? 1   DC  C "C1'" 1 
ATOM   460 N  N1    . DC  C 3 2  ? -3.793  -4.973  -9.775  1.00 45.49  ? 1   DC  C N1    1 
ATOM   461 C  C2    . DC  C 3 2  ? -5.093  -5.440  -9.535  1.00 48.94  ? 1   DC  C C2    1 
ATOM   462 O  O2    . DC  C 3 2  ? -6.060  -4.726  -9.834  1.00 53.22  ? 1   DC  C O2    1 
ATOM   463 N  N3    . DC  C 3 2  ? -5.255  -6.666  -8.974  1.00 44.59  ? 1   DC  C N3    1 
ATOM   464 C  C4    . DC  C 3 2  ? -4.188  -7.407  -8.668  1.00 46.80  ? 1   DC  C C4    1 
ATOM   465 N  N4    . DC  C 3 2  ? -4.396  -8.607  -8.118  1.00 52.87  ? 1   DC  C N4    1 
ATOM   466 C  C5    . DC  C 3 2  ? -2.866  -6.950  -8.911  1.00 42.40  ? 1   DC  C C5    1 
ATOM   467 C  C6    . DC  C 3 2  ? -2.717  -5.741  -9.456  1.00 43.77  ? 1   DC  C C6    1 
ATOM   468 P  P     . DA  C 3 3  ? -2.600  0.566   -10.157 1.00 59.06  ? 2   DA  C P     1 
ATOM   469 O  OP1   . DA  C 3 3  ? -2.732  1.732   -11.061 1.00 52.58  ? 2   DA  C OP1   1 
ATOM   470 O  OP2   . DA  C 3 3  ? -1.371  0.390   -9.348  1.00 50.46  ? 2   DA  C OP2   1 
ATOM   471 O  "O5'" . DA  C 3 3  ? -3.841  0.560   -9.156  1.00 44.61  ? 2   DA  C "O5'" 1 
ATOM   472 C  "C5'" . DA  C 3 3  ? -5.146  0.792   -9.658  1.00 51.86  ? 2   DA  C "C5'" 1 
ATOM   473 C  "C4'" . DA  C 3 3  ? -6.178  0.453   -8.608  1.00 48.77  ? 2   DA  C "C4'" 1 
ATOM   474 O  "O4'" . DA  C 3 3  ? -6.362  -0.977  -8.573  1.00 55.51  ? 2   DA  C "O4'" 1 
ATOM   475 C  "C3'" . DA  C 3 3  ? -5.769  0.819   -7.201  1.00 43.78  ? 2   DA  C "C3'" 1 
ATOM   476 O  "O3'" . DA  C 3 3  ? -6.110  2.182   -6.908  1.00 42.78  ? 2   DA  C "O3'" 1 
ATOM   477 C  "C2'" . DA  C 3 3  ? -6.565  -0.160  -6.358  1.00 42.69  ? 2   DA  C "C2'" 1 
ATOM   478 C  "C1'" . DA  C 3 3  ? -6.640  -1.393  -7.247  1.00 50.07  ? 2   DA  C "C1'" 1 
ATOM   479 N  N9    . DA  C 3 3  ? -5.689  -2.434  -6.877  1.00 42.68  ? 2   DA  C N9    1 
ATOM   480 C  C8    . DA  C 3 3  ? -4.331  -2.355  -6.919  1.00 43.89  ? 2   DA  C C8    1 
ATOM   481 N  N7    . DA  C 3 3  ? -3.725  -3.453  -6.535  1.00 49.63  ? 2   DA  C N7    1 
ATOM   482 C  C5    . DA  C 3 3  ? -4.763  -4.314  -6.218  1.00 45.34  ? 2   DA  C C5    1 
ATOM   483 C  C6    . DA  C 3 3  ? -4.787  -5.643  -5.746  1.00 45.48  ? 2   DA  C C6    1 
ATOM   484 N  N6    . DA  C 3 3  ? -3.681  -6.360  -5.504  1.00 43.97  ? 2   DA  C N6    1 
ATOM   485 N  N1    . DA  C 3 3  ? -5.992  -6.208  -5.532  1.00 47.75  ? 2   DA  C N1    1 
ATOM   486 C  C2    . DA  C 3 3  ? -7.094  -5.490  -5.780  1.00 48.82  ? 2   DA  C C2    1 
ATOM   487 N  N3    . DA  C 3 3  ? -7.197  -4.236  -6.218  1.00 44.40  ? 2   DA  C N3    1 
ATOM   488 C  C4    . DA  C 3 3  ? -5.983  -3.702  -6.423  1.00 42.49  ? 2   DA  C C4    1 
ATOM   489 P  P     . DA  C 3 4  ? -7.568  2.786   -7.217  1.00 48.41  ? 3   DA  C P     1 
ATOM   490 O  OP1   . DA  C 3 4  ? -8.629  1.920   -6.654  1.00 55.58  ? 3   DA  C OP1   1 
ATOM   491 O  OP2   . DA  C 3 4  ? -7.610  3.176   -8.645  1.00 46.65  ? 3   DA  C OP2   1 
ATOM   492 O  "O5'" . DA  C 3 4  ? -7.588  4.122   -6.346  1.00 48.69  ? 3   DA  C "O5'" 1 
ATOM   493 C  "C5'" . DA  C 3 4  ? -7.412  4.049   -4.938  1.00 48.61  ? 3   DA  C "C5'" 1 
ATOM   494 C  "C4'" . DA  C 3 4  ? -6.764  5.314   -4.413  1.00 50.31  ? 3   DA  C "C4'" 1 
ATOM   495 O  "O4'" . DA  C 3 4  ? -5.359  5.300   -4.738  1.00 55.13  ? 3   DA  C "O4'" 1 
ATOM   496 C  "C3'" . DA  C 3 4  ? -7.284  6.597   -5.025  1.00 51.87  ? 3   DA  C "C3'" 1 
ATOM   497 O  "O3'" . DA  C 3 4  ? -8.447  7.033   -4.324  1.00 64.89  ? 3   DA  C "O3'" 1 
ATOM   498 C  "C2'" . DA  C 3 4  ? -6.111  7.549   -4.810  1.00 50.92  ? 3   DA  C "C2'" 1 
ATOM   499 C  "C1'" . DA  C 3 4  ? -4.902  6.626   -4.936  1.00 53.51  ? 3   DA  C "C1'" 1 
ATOM   500 N  N9    . DA  C 3 4  ? -4.240  6.701   -6.233  1.00 48.72  ? 3   DA  C N9    1 
ATOM   501 C  C8    . DA  C 3 4  ? -4.160  5.716   -7.172  1.00 50.44  ? 3   DA  C C8    1 
ATOM   502 N  N7    . DA  C 3 4  ? -3.495  6.062   -8.246  1.00 51.29  ? 3   DA  C N7    1 
ATOM   503 C  C5    . DA  C 3 4  ? -3.113  7.364   -7.992  1.00 46.47  ? 3   DA  C C5    1 
ATOM   504 C  C6    . DA  C 3 4  ? -2.379  8.295   -8.743  1.00 46.08  ? 3   DA  C C6    1 
ATOM   505 N  N6    . DA  C 3 4  ? -1.884  8.033   -9.954  1.00 47.27  ? 3   DA  C N6    1 
ATOM   506 N  N1    . DA  C 3 4  ? -2.169  9.510   -8.200  1.00 51.61  ? 3   DA  C N1    1 
ATOM   507 C  C2    . DA  C 3 4  ? -2.666  9.766   -6.982  1.00 52.27  ? 3   DA  C C2    1 
ATOM   508 N  N3    . DA  C 3 4  ? -3.373  8.971   -6.182  1.00 46.86  ? 3   DA  C N3    1 
ATOM   509 C  C4    . DA  C 3 4  ? -3.564  7.774   -6.754  1.00 46.71  ? 3   DA  C C4    1 
ATOM   510 P  P     . DC  C 3 5  ? -9.871  7.089   -5.069  1.00 66.99  ? 4   DC  C P     1 
ATOM   511 O  OP1   . DC  C 3 5  ? -10.829 7.752   -4.155  1.00 59.35  ? 4   DC  C OP1   1 
ATOM   512 O  OP2   . DC  C 3 5  ? -10.182 5.737   -5.583  1.00 64.66  ? 4   DC  C OP2   1 
ATOM   513 O  "O5'" . DC  C 3 5  ? -9.602  8.030   -6.330  1.00 54.92  ? 4   DC  C "O5'" 1 
ATOM   514 C  "C5'" . DC  C 3 5  ? -10.125 9.349   -6.352  1.00 64.24  ? 4   DC  C "C5'" 1 
ATOM   515 C  "C4'" . DC  C 3 5  ? -9.237  10.306  -5.579  1.00 49.49  ? 4   DC  C "C4'" 1 
ATOM   516 O  "O4'" . DC  C 3 5  ? -7.868  9.844   -5.631  1.00 50.55  ? 4   DC  C "O4'" 1 
ATOM   517 C  "C3'" . DC  C 3 5  ? -9.200  11.713  -6.143  1.00 52.10  ? 4   DC  C "C3'" 1 
ATOM   518 O  "O3'" . DC  C 3 5  ? -10.202 12.506  -5.543  1.00 58.91  ? 4   DC  C "O3'" 1 
ATOM   519 C  "C2'" . DC  C 3 5  ? -7.815  12.189  -5.755  1.00 50.35  ? 4   DC  C "C2'" 1 
ATOM   520 C  "C1'" . DC  C 3 5  ? -7.002  10.921  -5.943  1.00 53.27  ? 4   DC  C "C1'" 1 
ATOM   521 N  N1    . DC  C 3 5  ? -6.468  10.701  -7.338  1.00 55.13  ? 4   DC  C N1    1 
ATOM   522 C  C2    . DC  C 3 5  ? -5.729  11.704  -8.003  1.00 50.44  ? 4   DC  C C2    1 
ATOM   523 O  O2    . DC  C 3 5  ? -5.531  12.795  -7.452  1.00 50.48  ? 4   DC  C O2    1 
ATOM   524 N  N3    . DC  C 3 5  ? -5.254  11.446  -9.248  1.00 42.69  ? 4   DC  C N3    1 
ATOM   525 C  C4    . DC  C 3 5  ? -5.476  10.262  -9.815  1.00 45.93  ? 4   DC  C C4    1 
ATOM   526 N  N4    . DC  C 3 5  ? -4.987  10.055  -11.036 1.00 54.71  ? 4   DC  C N4    1 
ATOM   527 C  C5    . DC  C 3 5  ? -6.207  9.235   -9.158  1.00 51.76  ? 4   DC  C C5    1 
ATOM   528 C  C6    . DC  C 3 5  ? -6.674  9.492   -7.935  1.00 55.40  ? 4   DC  C C6    1 
ATOM   529 P  P     . DG  C 3 6  ? -11.280 13.254  -6.467  1.00 69.81  ? 5   DG  C P     1 
ATOM   530 O  OP1   . DG  C 3 6  ? -12.562 13.243  -5.729  1.00 68.83  ? 5   DG  C OP1   1 
ATOM   531 O  OP2   . DG  C 3 6  ? -11.201 12.643  -7.816  1.00 52.18  ? 5   DG  C OP2   1 
ATOM   532 O  "O5'" . DG  C 3 6  ? -10.744 14.765  -6.558  1.00 72.77  ? 5   DG  C "O5'" 1 
ATOM   533 C  "C5'" . DG  C 3 6  ? -9.389  15.033  -6.923  1.00 61.50  ? 5   DG  C "C5'" 1 
ATOM   534 C  "C4'" . DG  C 3 6  ? -9.309  15.717  -8.273  1.00 60.16  ? 5   DG  C "C4'" 1 
ATOM   535 O  "O4'" . DG  C 3 6  ? -8.083  15.334  -8.941  1.00 57.63  ? 5   DG  C "O4'" 1 
ATOM   536 C  "C3'" . DG  C 3 6  ? -10.387 15.334  -9.258  1.00 63.76  ? 5   DG  C "C3'" 1 
ATOM   537 O  "O3'" . DG  C 3 6  ? -11.581 16.046  -8.986  1.00 68.66  ? 5   DG  C "O3'" 1 
ATOM   538 C  "C2'" . DG  C 3 6  ? -9.744  15.776  -10.565 1.00 62.21  ? 5   DG  C "C2'" 1 
ATOM   539 C  "C1'" . DG  C 3 6  ? -8.297  15.332  -10.345 1.00 50.96  ? 5   DG  C "C1'" 1 
ATOM   540 N  N9    . DG  C 3 6  ? -8.030  13.991  -10.858 1.00 48.22  ? 5   DG  C N9    1 
ATOM   541 C  C8    . DG  C 3 6  ? -8.474  12.802  -10.333 1.00 52.51  ? 5   DG  C C8    1 
ATOM   542 N  N7    . DG  C 3 6  ? -8.089  11.759  -11.014 1.00 51.89  ? 5   DG  C N7    1 
ATOM   543 C  C5    . DG  C 3 6  ? -7.347  12.291  -12.058 1.00 45.21  ? 5   DG  C C5    1 
ATOM   544 C  C6    . DG  C 3 6  ? -6.678  11.642  -13.118 1.00 47.15  ? 5   DG  C C6    1 
ATOM   545 O  O6    . DG  C 3 6  ? -6.609  10.427  -13.348 1.00 48.31  ? 5   DG  C O6    1 
ATOM   546 N  N1    . DG  C 3 6  ? -6.043  12.549  -13.959 1.00 46.74  ? 5   DG  C N1    1 
ATOM   547 C  C2    . DG  C 3 6  ? -6.058  13.912  -13.796 1.00 50.25  ? 5   DG  C C2    1 
ATOM   548 N  N2    . DG  C 3 6  ? -5.390  14.626  -14.714 1.00 55.36  ? 5   DG  C N2    1 
ATOM   549 N  N3    . DG  C 3 6  ? -6.684  14.535  -12.806 1.00 47.51  ? 5   DG  C N3    1 
ATOM   550 C  C4    . DG  C 3 6  ? -7.303  13.665  -11.978 1.00 45.00  ? 5   DG  C C4    1 
ATOM   551 O  "O5'" . DT  D 4 1  ? 19.670  7.380   12.017  1.00 110.78 ? 2   DT  D "O5'" 1 
ATOM   552 C  "C5'" . DT  D 4 1  ? 18.793  7.982   11.071  1.00 107.22 ? 2   DT  D "C5'" 1 
ATOM   553 C  "C4'" . DT  D 4 1  ? 19.578  8.623   9.941   1.00 102.31 ? 2   DT  D "C4'" 1 
ATOM   554 O  "O4'" . DT  D 4 1  ? 20.198  7.587   9.131   1.00 94.70  ? 2   DT  D "O4'" 1 
ATOM   555 C  "C3'" . DT  D 4 1  ? 18.749  9.471   8.976   1.00 101.61 ? 2   DT  D "C3'" 1 
ATOM   556 O  "O3'" . DT  D 4 1  ? 19.485  10.625  8.594   1.00 109.78 ? 2   DT  D "O3'" 1 
ATOM   557 C  "C2'" . DT  D 4 1  ? 18.527  8.531   7.796   1.00 95.23  ? 2   DT  D "C2'" 1 
ATOM   558 C  "C1'" . DT  D 4 1  ? 19.834  7.758   7.779   1.00 86.95  ? 2   DT  D "C1'" 1 
ATOM   559 N  N1    . DT  D 4 1  ? 19.724  6.416   7.151   1.00 86.95  ? 2   DT  D N1    1 
ATOM   560 C  C2    . DT  D 4 1  ? 20.215  6.228   5.882   1.00 91.41  ? 2   DT  D C2    1 
ATOM   561 O  O2    . DT  D 4 1  ? 20.743  7.115   5.233   1.00 90.81  ? 2   DT  D O2    1 
ATOM   562 N  N3    . DT  D 4 1  ? 20.071  4.955   5.394   1.00 90.85  ? 2   DT  D N3    1 
ATOM   563 C  C4    . DT  D 4 1  ? 19.494  3.874   6.037   1.00 84.26  ? 2   DT  D C4    1 
ATOM   564 O  O4    . DT  D 4 1  ? 19.411  2.767   5.514   1.00 76.84  ? 2   DT  D O4    1 
ATOM   565 C  C5    . DT  D 4 1  ? 18.998  4.140   7.366   1.00 87.94  ? 2   DT  D C5    1 
ATOM   566 C  C7    . DT  D 4 1  ? 18.352  3.044   8.162   1.00 88.83  ? 2   DT  D C7    1 
ATOM   567 C  C6    . DT  D 4 1  ? 19.136  5.383   7.854   1.00 89.52  ? 2   DT  D C6    1 
ATOM   568 P  P     . DC  D 4 2  ? 18.809  11.745  7.663   1.00 112.72 ? 3   DC  D P     1 
ATOM   569 O  OP1   . DC  D 4 2  ? 19.530  13.017  7.879   1.00 117.12 ? 3   DC  D OP1   1 
ATOM   570 O  OP2   . DC  D 4 2  ? 17.347  11.690  7.875   1.00 112.85 ? 3   DC  D OP2   1 
ATOM   571 O  "O5'" . DC  D 4 2  ? 19.138  11.257  6.181   1.00 87.61  ? 3   DC  D "O5'" 1 
ATOM   572 C  "C5'" . DC  D 4 2  ? 18.587  11.944  5.085   1.00 85.27  ? 3   DC  D "C5'" 1 
ATOM   573 C  "C4'" . DC  D 4 2  ? 19.363  11.640  3.823   1.00 94.07  ? 3   DC  D "C4'" 1 
ATOM   574 O  "O4'" . DC  D 4 2  ? 19.650  10.216  3.750   1.00 93.62  ? 3   DC  D "O4'" 1 
ATOM   575 C  "C3'" . DC  D 4 2  ? 18.639  11.994  2.533   1.00 98.89  ? 3   DC  D "C3'" 1 
ATOM   576 O  "O3'" . DC  D 4 2  ? 19.561  12.520  1.603   1.00 106.52 ? 3   DC  D "O3'" 1 
ATOM   577 C  "C2'" . DC  D 4 2  ? 18.068  10.653  2.071   1.00 100.32 ? 3   DC  D "C2'" 1 
ATOM   578 C  "C1'" . DC  D 4 2  ? 19.138  9.683   2.544   1.00 93.34  ? 3   DC  D "C1'" 1 
ATOM   579 N  N1    . DC  D 4 2  ? 18.638  8.284   2.809   1.00 94.94  ? 3   DC  D N1    1 
ATOM   580 C  C2    . DC  D 4 2  ? 17.807  8.022   3.916   1.00 93.05  ? 3   DC  D C2    1 
ATOM   581 O  O2    . DC  D 4 2  ? 17.473  8.952   4.661   1.00 98.45  ? 3   DC  D O2    1 
ATOM   582 N  N3    . DC  D 4 2  ? 17.383  6.750   4.135   1.00 85.71  ? 3   DC  D N3    1 
ATOM   583 C  C4    . DC  D 4 2  ? 17.759  5.770   3.313   1.00 82.71  ? 3   DC  D C4    1 
ATOM   584 N  N4    . DC  D 4 2  ? 17.319  4.535   3.571   1.00 76.16  ? 3   DC  D N4    1 
ATOM   585 C  C5    . DC  D 4 2  ? 18.600  6.015   2.189   1.00 84.10  ? 3   DC  D C5    1 
ATOM   586 C  C6    . DC  D 4 2  ? 19.017  7.269   1.981   1.00 92.14  ? 3   DC  D C6    1 
ATOM   587 P  P     . DT  D 4 3  ? 19.032  13.186  0.244   1.00 114.58 ? 4   DT  D P     1 
ATOM   588 O  OP1   . DT  D 4 3  ? 19.985  14.239  -0.167  1.00 123.77 ? 4   DT  D OP1   1 
ATOM   589 O  OP2   . DT  D 4 3  ? 17.604  13.522  0.444   1.00 107.95 ? 4   DT  D OP2   1 
ATOM   590 O  "O5'" . DT  D 4 3  ? 19.117  11.993  -0.810  1.00 104.94 ? 4   DT  D "O5'" 1 
ATOM   591 C  "C5'" . DT  D 4 3  ? 18.552  12.158  -2.086  1.00 111.96 ? 4   DT  D "C5'" 1 
ATOM   592 C  "C4'" . DT  D 4 3  ? 18.548  10.848  -2.847  1.00 110.15 ? 4   DT  D "C4'" 1 
ATOM   593 O  "O4'" . DT  D 4 3  ? 18.346  9.749   -1.933  1.00 108.04 ? 4   DT  D "O4'" 1 
ATOM   594 C  "C3'" . DT  D 4 3  ? 17.467  10.755  -3.912  1.00 96.92  ? 4   DT  D "C3'" 1 
ATOM   595 O  "O3'" . DT  D 4 3  ? 18.066  10.586  -5.162  1.00 95.13  ? 4   DT  D "O3'" 1 
ATOM   596 C  "C2'" . DT  D 4 3  ? 16.605  9.547   -3.524  1.00 94.00  ? 4   DT  D "C2'" 1 
ATOM   597 C  "C1'" . DT  D 4 3  ? 17.406  8.833   -2.447  1.00 94.75  ? 4   DT  D "C1'" 1 
ATOM   598 N  N1    . DT  D 4 3  ? 16.571  8.344   -1.300  1.00 90.08  ? 4   DT  D N1    1 
ATOM   599 C  C2    . DT  D 4 3  ? 16.021  9.256   -0.419  1.00 98.04  ? 4   DT  D C2    1 
ATOM   600 O  O2    . DT  D 4 3  ? 16.153  10.463  -0.530  1.00 109.84 ? 4   DT  D O2    1 
ATOM   601 N  N3    . DT  D 4 3  ? 15.294  8.702   0.602   1.00 86.19  ? 4   DT  D N3    1 
ATOM   602 C  C4    . DT  D 4 3  ? 15.072  7.363   0.833   1.00 77.46  ? 4   DT  D C4    1 
ATOM   603 O  O4    . DT  D 4 3  ? 14.406  6.960   1.781   1.00 69.59  ? 4   DT  D O4    1 
ATOM   604 C  C5    . DT  D 4 3  ? 15.679  6.468   -0.118  1.00 76.88  ? 4   DT  D C5    1 
ATOM   605 C  C7    . DT  D 4 3  ? 15.503  5.000   0.033   1.00 75.23  ? 4   DT  D C7    1 
ATOM   606 C  C6    . DT  D 4 3  ? 16.392  6.991   -1.126  1.00 78.36  ? 4   DT  D C6    1 
ATOM   607 P  P     . DG  D 4 4  ? 17.458  11.336  -6.440  1.00 118.43 ? 5   DG  D P     1 
ATOM   608 O  OP1   . DG  D 4 4  ? 18.541  12.127  -7.069  1.00 119.03 ? 5   DG  D OP1   1 
ATOM   609 O  OP2   . DG  D 4 4  ? 16.214  12.009  -5.998  1.00 109.35 ? 5   DG  D OP2   1 
ATOM   610 O  "O5'" . DG  D 4 4  ? 17.068  10.127  -7.403  1.00 108.34 ? 5   DG  D "O5'" 1 
ATOM   611 C  "C5'" . DG  D 4 4  ? 17.743  8.886   -7.269  1.00 99.33  ? 5   DG  D "C5'" 1 
ATOM   612 C  "C4'" . DG  D 4 4  ? 16.806  7.741   -7.579  1.00 92.66  ? 5   DG  D "C4'" 1 
ATOM   613 O  "O4'" . DG  D 4 4  ? 16.108  7.338   -6.372  1.00 90.57  ? 5   DG  D "O4'" 1 
ATOM   614 C  "C3'" . DG  D 4 4  ? 15.733  8.067   -8.611  1.00 87.05  ? 5   DG  D "C3'" 1 
ATOM   615 O  "O3'" . DG  D 4 4  ? 15.591  6.978   -9.493  1.00 90.37  ? 5   DG  D "O3'" 1 
ATOM   616 C  "C2'" . DG  D 4 4  ? 14.478  8.284   -7.763  1.00 82.00  ? 5   DG  D "C2'" 1 
ATOM   617 C  "C1'" . DG  D 4 4  ? 14.716  7.340   -6.594  1.00 81.84  ? 5   DG  D "C1'" 1 
ATOM   618 N  N9    . DG  D 4 4  ? 14.059  7.767   -5.361  1.00 75.51  ? 5   DG  D N9    1 
ATOM   619 C  C8    . DG  D 4 4  ? 13.799  9.059   -4.970  1.00 78.00  ? 5   DG  D C8    1 
ATOM   620 N  N7    . DG  D 4 4  ? 13.211  9.143   -3.808  1.00 74.65  ? 5   DG  D N7    1 
ATOM   621 C  C5    . DG  D 4 4  ? 13.060  7.823   -3.406  1.00 71.44  ? 5   DG  D C5    1 
ATOM   622 C  C6    . DG  D 4 4  ? 12.483  7.287   -2.228  1.00 67.35  ? 5   DG  D C6    1 
ATOM   623 O  O6    . DG  D 4 4  ? 11.974  7.899   -1.278  1.00 64.04  ? 5   DG  D O6    1 
ATOM   624 N  N1    . DG  D 4 4  ? 12.532  5.897   -2.215  1.00 64.78  ? 5   DG  D N1    1 
ATOM   625 C  C2    . DG  D 4 4  ? 13.074  5.119   -3.212  1.00 67.28  ? 5   DG  D C2    1 
ATOM   626 N  N2    . DG  D 4 4  ? 13.030  3.794   -3.018  1.00 68.44  ? 5   DG  D N2    1 
ATOM   627 N  N3    . DG  D 4 4  ? 13.619  5.606   -4.322  1.00 68.15  ? 5   DG  D N3    1 
ATOM   628 C  C4    . DG  D 4 4  ? 13.577  6.961   -4.350  1.00 72.19  ? 5   DG  D C4    1 
ATOM   629 P  P     . DA  D 4 5  ? 14.803  7.145   -10.880 1.00 102.64 ? 6   DA  D P     1 
ATOM   630 O  OP1   . DA  D 4 5  ? 15.788  6.963   -11.972 1.00 99.85  ? 6   DA  D OP1   1 
ATOM   631 O  OP2   . DA  D 4 5  ? 13.989  8.382   -10.817 1.00 89.47  ? 6   DA  D OP2   1 
ATOM   632 O  "O5'" . DA  D 4 5  ? 13.813  5.893   -10.878 1.00 95.85  ? 6   DA  D "O5'" 1 
ATOM   633 C  "C5'" . DA  D 4 5  ? 14.266  4.645   -10.361 1.00 86.65  ? 6   DA  D "C5'" 1 
ATOM   634 C  "C4'" . DA  D 4 5  ? 13.155  3.935   -9.608  1.00 80.26  ? 6   DA  D "C4'" 1 
ATOM   635 O  "O4'" . DA  D 4 5  ? 12.871  4.634   -8.375  1.00 76.74  ? 6   DA  D "O4'" 1 
ATOM   636 C  "C3'" . DA  D 4 5  ? 11.828  3.840   -10.363 1.00 80.16  ? 6   DA  D "C3'" 1 
ATOM   637 O  "O3'" . DA  D 4 5  ? 11.482  2.483   -10.539 1.00 77.61  ? 6   DA  D "O3'" 1 
ATOM   638 C  "C2'" . DA  D 4 5  ? 10.819  4.573   -9.467  1.00 68.99  ? 6   DA  D "C2'" 1 
ATOM   639 C  "C1'" . DA  D 4 5  ? 11.498  4.541   -8.109  1.00 66.86  ? 6   DA  D "C1'" 1 
ATOM   640 N  N9    . DA  D 4 5  ? 11.123  5.655   -7.248  1.00 60.82  ? 6   DA  D N9    1 
ATOM   641 C  C8    . DA  D 4 5  ? 11.267  6.988   -7.516  1.00 64.62  ? 6   DA  D C8    1 
ATOM   642 N  N7    . DA  D 4 5  ? 10.840  7.772   -6.553  1.00 59.05  ? 6   DA  D N7    1 
ATOM   643 C  C5    . DA  D 4 5  ? 10.385  6.891   -5.587  1.00 61.93  ? 6   DA  D C5    1 
ATOM   644 C  C6    . DA  D 4 5  ? 9.809   7.090   -4.314  1.00 61.15  ? 6   DA  D C6    1 
ATOM   645 N  N6    . DA  D 4 5  ? 9.588   8.298   -3.788  1.00 59.57  ? 6   DA  D N6    1 
ATOM   646 N  N1    . DA  D 4 5  ? 9.467   5.993   -3.604  1.00 60.87  ? 6   DA  D N1    1 
ATOM   647 C  C2    . DA  D 4 5  ? 9.689   4.784   -4.136  1.00 63.30  ? 6   DA  D C2    1 
ATOM   648 N  N3    . DA  D 4 5  ? 10.224  4.473   -5.319  1.00 59.87  ? 6   DA  D N3    1 
ATOM   649 C  C4    . DA  D 4 5  ? 10.553  5.581   -6.000  1.00 61.64  ? 6   DA  D C4    1 
ATOM   650 P  P     . DG  D 4 6  ? 10.242  2.086   -11.474 1.00 80.65  ? 7   DG  D P     1 
ATOM   651 O  OP1   . DG  D 4 6  ? 10.635  0.861   -12.210 1.00 73.32  ? 7   DG  D OP1   1 
ATOM   652 O  OP2   . DG  D 4 6  ? 9.811   3.300   -12.206 1.00 79.15  ? 7   DG  D OP2   1 
ATOM   653 O  "O5'" . DG  D 4 6  ? 9.097   1.707   -10.427 1.00 72.60  ? 7   DG  D "O5'" 1 
ATOM   654 C  "C5'" . DG  D 4 6  ? 9.356   0.718   -9.453  1.00 70.34  ? 7   DG  D "C5'" 1 
ATOM   655 C  "C4'" . DG  D 4 6  ? 8.412   0.851   -8.276  1.00 71.10  ? 7   DG  D "C4'" 1 
ATOM   656 O  "O4'" . DG  D 4 6  ? 8.520   2.175   -7.695  1.00 70.09  ? 7   DG  D "O4'" 1 
ATOM   657 C  "C3'" . DG  D 4 6  ? 6.927   0.647   -8.598  1.00 69.28  ? 7   DG  D "C3'" 1 
ATOM   658 O  "O3'" . DG  D 4 6  ? 6.389   -0.328  -7.708  1.00 80.67  ? 7   DG  D "O3'" 1 
ATOM   659 C  "C2'" . DG  D 4 6  ? 6.315   2.035   -8.360  1.00 57.98  ? 7   DG  D "C2'" 1 
ATOM   660 C  "C1'" . DG  D 4 6  ? 7.240   2.580   -7.290  1.00 56.95  ? 7   DG  D "C1'" 1 
ATOM   661 N  N9    . DG  D 4 6  ? 7.226   4.035   -7.161  1.00 56.85  ? 7   DG  D N9    1 
ATOM   662 C  C8    . DG  D 4 6  ? 7.706   4.954   -8.064  1.00 59.00  ? 7   DG  D C8    1 
ATOM   663 N  N7    . DG  D 4 6  ? 7.568   6.190   -7.671  1.00 50.30  ? 7   DG  D N7    1 
ATOM   664 C  C5    . DG  D 4 6  ? 6.964   6.085   -6.426  1.00 47.32  ? 7   DG  D C5    1 
ATOM   665 C  C6    . DG  D 4 6  ? 6.569   7.096   -5.519  1.00 51.79  ? 7   DG  D C6    1 
ATOM   666 O  O6    . DG  D 4 6  ? 6.678   8.324   -5.642  1.00 51.45  ? 7   DG  D O6    1 
ATOM   667 N  N1    . DG  D 4 6  ? 5.993   6.560   -4.371  1.00 52.98  ? 7   DG  D N1    1 
ATOM   668 C  C2    . DG  D 4 6  ? 5.820   5.218   -4.131  1.00 53.45  ? 7   DG  D C2    1 
ATOM   669 N  N2    . DG  D 4 6  ? 5.243   4.895   -2.966  1.00 55.95  ? 7   DG  D N2    1 
ATOM   670 N  N3    . DG  D 4 6  ? 6.187   4.259   -4.973  1.00 48.79  ? 7   DG  D N3    1 
ATOM   671 C  C4    . DG  D 4 6  ? 6.749   4.766   -6.096  1.00 49.05  ? 7   DG  D C4    1 
ATOM   672 P  P     . DT  D 4 7  ? 5.003   -1.067  -8.036  1.00 72.75  ? 8   DT  D P     1 
ATOM   673 O  OP1   . DT  D 4 7  ? 5.241   -2.527  -7.998  1.00 72.62  ? 8   DT  D OP1   1 
ATOM   674 O  OP2   . DT  D 4 7  ? 4.452   -0.443  -9.262  1.00 66.39  ? 8   DT  D OP2   1 
ATOM   675 O  "O5'" . DT  D 4 7  ? 4.087   -0.695  -6.782  1.00 49.06  ? 8   DT  D "O5'" 1 
ATOM   676 C  "C5'" . DT  D 4 7  ? 4.479   0.361   -5.921  1.00 51.85  ? 8   DT  D "C5'" 1 
ATOM   677 C  "C4'" . DT  D 4 7  ? 3.477   0.542   -4.807  1.00 53.53  ? 8   DT  D "C4'" 1 
ATOM   678 O  "O4'" . DT  D 4 7  ? 3.469   1.931   -4.386  1.00 55.33  ? 8   DT  D "O4'" 1 
ATOM   679 C  "C3'" . DT  D 4 7  ? 2.046   0.254   -5.198  1.00 54.73  ? 8   DT  D "C3'" 1 
ATOM   680 O  "O3'" . DT  D 4 7  ? 1.306   -0.058  -4.033  1.00 53.48  ? 8   DT  D "O3'" 1 
ATOM   681 C  "C2'" . DT  D 4 7  ? 1.621   1.593   -5.788  1.00 54.88  ? 8   DT  D "C2'" 1 
ATOM   682 C  "C1'" . DT  D 4 7  ? 2.254   2.543   -4.786  1.00 47.47  ? 8   DT  D "C1'" 1 
ATOM   683 N  N1    . DT  D 4 7  ? 2.579   3.895   -5.321  1.00 45.74  ? 8   DT  D N1    1 
ATOM   684 C  C2    . DT  D 4 7  ? 2.313   4.996   -4.542  1.00 52.88  ? 8   DT  D C2    1 
ATOM   685 O  O2    . DT  D 4 7  ? 1.799   4.924   -3.440  1.00 57.67  ? 8   DT  D O2    1 
ATOM   686 N  N3    . DT  D 4 7  ? 2.664   6.195   -5.103  1.00 52.30  ? 8   DT  D N3    1 
ATOM   687 C  C4    . DT  D 4 7  ? 3.248   6.398   -6.337  1.00 50.06  ? 8   DT  D C4    1 
ATOM   688 O  O4    . DT  D 4 7  ? 3.524   7.517   -6.753  1.00 49.08  ? 8   DT  D O4    1 
ATOM   689 C  C5    . DT  D 4 7  ? 3.509   5.201   -7.101  1.00 45.76  ? 8   DT  D C5    1 
ATOM   690 C  C7    . DT  D 4 7  ? 4.141   5.298   -8.455  1.00 47.04  ? 8   DT  D C7    1 
ATOM   691 C  C6    . DT  D 4 7  ? 3.171   4.018   -6.561  1.00 45.58  ? 8   DT  D C6    1 
ATOM   692 P  P     . DG  D 4 8  ? 0.004   -0.984  -4.135  1.00 53.03  ? 9   DG  D P     1 
ATOM   693 O  OP1   . DG  D 4 8  ? 0.086   -1.997  -3.056  1.00 40.52  ? 9   DG  D OP1   1 
ATOM   694 O  OP2   . DG  D 4 8  ? -0.109  -1.417  -5.550  1.00 47.65  ? 9   DG  D OP2   1 
ATOM   695 O  "O5'" . DG  D 4 8  ? -1.197  0.027   -3.831  1.00 36.42  ? 9   DG  D "O5'" 1 
ATOM   696 C  "C5'" . DG  D 4 8  ? -1.344  0.580   -2.532  1.00 42.71  ? 9   DG  D "C5'" 1 
ATOM   697 C  "C4'" . DG  D 4 8  ? -2.333  1.734   -2.545  1.00 48.76  ? 9   DG  D "C4'" 1 
ATOM   698 O  "O4'" . DG  D 4 8  ? -1.730  2.877   -3.211  1.00 45.14  ? 9   DG  D "O4'" 1 
ATOM   699 C  "C3'" . DG  D 4 8  ? -3.643  1.456   -3.286  1.00 40.47  ? 9   DG  D "C3'" 1 
ATOM   700 O  "O3'" . DG  D 4 8  ? -4.728  2.104   -2.627  1.00 36.45  ? 9   DG  D "O3'" 1 
ATOM   701 C  "C2'" . DG  D 4 8  ? -3.380  2.081   -4.647  1.00 45.56  ? 9   DG  D "C2'" 1 
ATOM   702 C  "C1'" . DG  D 4 8  ? -2.578  3.306   -4.244  1.00 44.41  ? 9   DG  D "C1'" 1 
ATOM   703 N  N9    . DG  D 4 8  ? -1.771  3.856   -5.326  1.00 46.66  ? 9   DG  D N9    1 
ATOM   704 C  C8    . DG  D 4 8  ? -1.329  3.197   -6.447  1.00 50.18  ? 9   DG  D C8    1 
ATOM   705 N  N7    . DG  D 4 8  ? -0.636  3.953   -7.253  1.00 54.57  ? 9   DG  D N7    1 
ATOM   706 C  C5    . DG  D 4 8  ? -0.625  5.194   -6.630  1.00 51.43  ? 9   DG  D C5    1 
ATOM   707 C  C6    . DG  D 4 8  ? -0.026  6.409   -7.032  1.00 48.62  ? 9   DG  D C6    1 
ATOM   708 O  O6    . DG  D 4 8  ? 0.636   6.634   -8.055  1.00 46.54  ? 9   DG  D O6    1 
ATOM   709 N  N1    . DG  D 4 8  ? -0.255  7.425   -6.108  1.00 46.52  ? 9   DG  D N1    1 
ATOM   710 C  C2    . DG  D 4 8  ? -0.972  7.283   -4.943  1.00 47.20  ? 9   DG  D C2    1 
ATOM   711 N  N2    . DG  D 4 8  ? -1.091  8.376   -4.177  1.00 46.67  ? 9   DG  D N2    1 
ATOM   712 N  N3    . DG  D 4 8  ? -1.539  6.149   -4.558  1.00 49.69  ? 9   DG  D N3    1 
ATOM   713 C  C4    . DG  D 4 8  ? -1.324  5.151   -5.446  1.00 47.94  ? 9   DG  D C4    1 
ATOM   714 P  P     . DT  D 4 9  ? -5.414  1.439   -1.334  1.00 56.71  ? 10  DT  D P     1 
ATOM   715 O  OP1   . DT  D 4 9  ? -5.461  2.477   -0.279  1.00 59.80  ? 10  DT  D OP1   1 
ATOM   716 O  OP2   . DT  D 4 9  ? -4.739  0.148   -1.069  1.00 50.54  ? 10  DT  D OP2   1 
ATOM   717 O  "O5'" . DT  D 4 9  ? -6.918  1.133   -1.790  1.00 57.72  ? 10  DT  D "O5'" 1 
ATOM   718 C  "C5'" . DT  D 4 9  ? -7.192  0.738   -3.123  1.00 52.25  ? 10  DT  D "C5'" 1 
ATOM   719 C  "C4'" . DT  D 4 9  ? -8.309  -0.297  -3.188  1.00 52.55  ? 10  DT  D "C4'" 1 
ATOM   720 O  "O4'" . DT  D 4 9  ? -7.849  -1.430  -3.953  1.00 45.85  ? 10  DT  D "O4'" 1 
ATOM   721 C  "C3'" . DT  D 4 9  ? -8.749  -0.871  -1.849  1.00 58.73  ? 10  DT  D "C3'" 1 
ATOM   722 O  "O3'" . DT  D 4 9  ? -9.802  -0.084  -1.299  1.00 59.16  ? 10  DT  D "O3'" 1 
ATOM   723 C  "C2'" . DT  D 4 9  ? -9.251  -2.260  -2.228  1.00 52.28  ? 10  DT  D "C2'" 1 
ATOM   724 C  "C1'" . DT  D 4 9  ? -8.378  -2.626  -3.427  1.00 46.04  ? 10  DT  D "C1'" 1 
ATOM   725 N  N1    . DT  D 4 9  ? -7.253  -3.526  -3.100  1.00 39.24  ? 10  DT  D N1    1 
ATOM   726 C  C2    . DT  D 4 9  ? -7.520  -4.809  -2.695  1.00 49.88  ? 10  DT  D C2    1 
ATOM   727 O  O2    . DT  D 4 9  ? -8.647  -5.252  -2.585  1.00 55.00  ? 10  DT  D O2    1 
ATOM   728 N  N3    . DT  D 4 9  ? -6.413  -5.568  -2.429  1.00 49.75  ? 10  DT  D N3    1 
ATOM   729 C  C4    . DT  D 4 9  ? -5.094  -5.178  -2.524  1.00 42.91  ? 10  DT  D C4    1 
ATOM   730 O  O4    . DT  D 4 9  ? -4.169  -5.935  -2.260  1.00 43.56  ? 10  DT  D O4    1 
ATOM   731 C  C5    . DT  D 4 9  ? -4.882  -3.819  -2.958  1.00 42.90  ? 10  DT  D C5    1 
ATOM   732 C  C7    . DT  D 4 9  ? -3.489  -3.282  -3.100  1.00 39.66  ? 10  DT  D C7    1 
ATOM   733 C  C6    . DT  D 4 9  ? -5.961  -3.067  -3.223  1.00 41.38  ? 10  DT  D C6    1 
ATOM   734 P  P     . DG  D 4 10 ? -9.970  0.041   0.296   1.00 78.17  ? 11  DG  D P     1 
ATOM   735 O  OP1   . DG  D 4 10 ? -11.190 0.838   0.550   1.00 74.03  ? 11  DG  D OP1   1 
ATOM   736 O  OP2   . DG  D 4 10 ? -8.669  0.470   0.864   1.00 70.01  ? 11  DG  D OP2   1 
ATOM   737 O  "O5'" . DG  D 4 10 ? -10.235 -1.458  0.778   1.00 63.48  ? 11  DG  D "O5'" 1 
ATOM   738 C  "C5'" . DG  D 4 10 ? -11.466 -2.096  0.469   1.00 63.06  ? 11  DG  D "C5'" 1 
ATOM   739 C  "C4'" . DG  D 4 10 ? -11.443 -3.533  0.944   1.00 64.25  ? 11  DG  D "C4'" 1 
ATOM   740 O  "O4'" . DG  D 4 10 ? -10.335 -4.213  0.337   1.00 59.49  ? 11  DG  D "O4'" 1 
ATOM   741 C  "C3'" . DG  D 4 10 ? -11.228 -3.694  2.437   1.00 75.14  ? 11  DG  D "C3'" 1 
ATOM   742 O  "O3'" . DG  D 4 10 ? -12.500 -3.745  3.088   1.00 82.25  ? 11  DG  D "O3'" 1 
ATOM   743 C  "C2'" . DG  D 4 10 ? -10.446 -5.015  2.562   1.00 65.95  ? 11  DG  D "C2'" 1 
ATOM   744 C  "C1'" . DG  D 4 10 ? -9.960  -5.302  1.143   1.00 52.35  ? 11  DG  D "C1'" 1 
ATOM   745 N  N9    . DG  D 4 10 ? -8.517  -5.467  1.027   1.00 49.52  ? 11  DG  D N9    1 
ATOM   746 C  C8    . DG  D 4 10 ? -7.600  -4.494  0.711   1.00 54.13  ? 11  DG  D C8    1 
ATOM   747 N  N7    . DG  D 4 10 ? -6.373  -4.933  0.655   1.00 52.09  ? 11  DG  D N7    1 
ATOM   748 C  C5    . DG  D 4 10 ? -6.484  -6.287  0.943   1.00 57.85  ? 11  DG  D C5    1 
ATOM   749 C  C6    . DG  D 4 10 ? -5.484  -7.285  1.029   1.00 62.77  ? 11  DG  D C6    1 
ATOM   750 O  O6    . DG  D 4 10 ? -4.260  -7.163  0.860   1.00 60.27  ? 11  DG  D O6    1 
ATOM   751 N  N1    . DG  D 4 10 ? -6.025  -8.529  1.348   1.00 63.34  ? 11  DG  D N1    1 
ATOM   752 C  C2    . DG  D 4 10 ? -7.362  -8.774  1.561   1.00 64.95  ? 11  DG  D C2    1 
ATOM   753 N  N2    . DG  D 4 10 ? -7.694  -10.041 1.854   1.00 70.05  ? 11  DG  D N2    1 
ATOM   754 N  N3    . DG  D 4 10 ? -8.310  -7.847  1.479   1.00 59.86  ? 11  DG  D N3    1 
ATOM   755 C  C4    . DG  D 4 10 ? -7.800  -6.631  1.170   1.00 56.78  ? 11  DG  D C4    1 
ATOM   756 P  P     . DT  D 4 11 ? -12.698 -4.511  4.488   1.00 91.55  ? 12  DT  D P     1 
ATOM   757 O  OP1   . DT  D 4 11 ? -14.007 -4.077  5.021   1.00 89.50  ? 12  DT  D OP1   1 
ATOM   758 O  OP2   . DT  D 4 11 ? -11.484 -4.343  5.324   1.00 76.54  ? 12  DT  D OP2   1 
ATOM   759 O  "O5'" . DT  D 4 11 ? -12.828 -6.045  4.060   1.00 86.82  ? 12  DT  D "O5'" 1 
ATOM   760 C  "C5'" . DT  D 4 11 ? -13.477 -6.954  4.912   1.00 87.51  ? 12  DT  D "C5'" 1 
ATOM   761 C  "C4'" . DT  D 4 11 ? -12.545 -8.078  5.324   1.00 85.80  ? 12  DT  D "C4'" 1 
ATOM   762 O  "O4'" . DT  D 4 11 ? -11.225 -7.902  4.745   1.00 76.38  ? 12  DT  D "O4'" 1 
ATOM   763 C  "C3'" . DT  D 4 11 ? -12.322 -8.216  6.834   1.00 86.71  ? 12  DT  D "C3'" 1 
ATOM   764 O  "O3'" . DT  D 4 11 ? -12.680 -9.526  7.223   1.00 91.76  ? 12  DT  D "O3'" 1 
ATOM   765 C  "C2'" . DT  D 4 11 ? -10.811 -7.967  7.002   1.00 85.21  ? 12  DT  D "C2'" 1 
ATOM   766 C  "C1'" . DT  D 4 11 ? -10.303 -8.435  5.658   1.00 74.72  ? 12  DT  D "C1'" 1 
ATOM   767 N  N1    . DT  D 4 11 ? -8.922  -7.982  5.302   1.00 67.82  ? 12  DT  D N1    1 
ATOM   768 C  C2    . DT  D 4 11 ? -7.928  -8.926  5.179   1.00 75.22  ? 12  DT  D C2    1 
ATOM   769 O  O2    . DT  D 4 11 ? -8.112  -10.115 5.365   1.00 81.41  ? 12  DT  D O2    1 
ATOM   770 N  N3    . DT  D 4 11 ? -6.701  -8.428  4.833   1.00 71.59  ? 12  DT  D N3    1 
ATOM   771 C  C4    . DT  D 4 11 ? -6.373  -7.110  4.599   1.00 64.02  ? 12  DT  D C4    1 
ATOM   772 O  O4    . DT  D 4 11 ? -5.237  -6.762  4.294   1.00 62.23  ? 12  DT  D O4    1 
ATOM   773 C  C5    . DT  D 4 11 ? -7.462  -6.169  4.739   1.00 60.85  ? 12  DT  D C5    1 
ATOM   774 C  C7    . DT  D 4 11 ? -7.226  -4.708  4.507   1.00 62.24  ? 12  DT  D C7    1 
ATOM   775 C  C6    . DT  D 4 11 ? -8.672  -6.645  5.078   1.00 65.42  ? 12  DT  D C6    1 
ATOM   776 P  P     . DC  D 4 12 ? -12.837 -9.908  8.772   1.00 105.09 ? 13  DC  D P     1 
ATOM   777 O  OP1   . DC  D 4 12 ? -14.242 -10.333 8.965   1.00 94.26  ? 13  DC  D OP1   1 
ATOM   778 O  OP2   . DC  D 4 12 ? -12.275 -8.818  9.601   1.00 106.21 ? 13  DC  D OP2   1 
ATOM   779 O  "O5'" . DC  D 4 12 ? -11.877 -11.174 8.928   1.00 93.26  ? 13  DC  D "O5'" 1 
ATOM   780 C  "C5'" . DC  D 4 12 ? -10.684 -11.249 8.163   1.00 85.62  ? 13  DC  D "C5'" 1 
ATOM   781 C  "C4'" . DC  D 4 12 ? -9.782  -12.334 8.700   1.00 95.80  ? 13  DC  D "C4'" 1 
ATOM   782 O  "O4'" . DC  D 4 12 ? -8.417  -12.076 8.291   1.00 94.51  ? 13  DC  D "O4'" 1 
ATOM   783 C  "C3'" . DC  D 4 12 ? -9.736  -12.416 10.211  1.00 102.53 ? 13  DC  D "C3'" 1 
ATOM   784 O  "O3'" . DC  D 4 12 ? -9.403  -13.733 10.605  1.00 107.85 ? 13  DC  D "O3'" 1 
ATOM   785 C  "C2'" . DC  D 4 12 ? -8.634  -11.419 10.558  1.00 102.69 ? 13  DC  D "C2'" 1 
ATOM   786 C  "C1'" . DC  D 4 12 ? -7.667  -11.578 9.385   1.00 95.70  ? 13  DC  D "C1'" 1 
ATOM   787 N  N1    . DC  D 4 12 ? -7.030  -10.295 8.965   1.00 90.55  ? 13  DC  D N1    1 
ATOM   788 C  C2    . DC  D 4 12 ? -5.706  -10.293 8.503   1.00 86.85  ? 13  DC  D C2    1 
ATOM   789 O  O2    . DC  D 4 12 ? -5.083  -11.360 8.451   1.00 86.42  ? 13  DC  D O2    1 
ATOM   790 N  N3    . DC  D 4 12 ? -5.145  -9.117  8.124   1.00 83.56  ? 13  DC  D N3    1 
ATOM   791 C  C4    . DC  D 4 12 ? -5.852  -7.986  8.195   1.00 86.20  ? 13  DC  D C4    1 
ATOM   792 N  N4    . DC  D 4 12 ? -5.258  -6.852  7.811   1.00 85.71  ? 13  DC  D N4    1 
ATOM   793 C  C5    . DC  D 4 12 ? -7.200  -7.969  8.663   1.00 84.79  ? 13  DC  D C5    1 
ATOM   794 C  C6    . DC  D 4 12 ? -7.743  -9.134  9.032   1.00 86.93  ? 13  DC  D C6    1 
ATOM   795 P  P     . DT  D 4 13 ? -9.215  -14.091 12.157  1.00 113.96 ? 14  DT  D P     1 
ATOM   796 O  OP1   . DT  D 4 13 ? -9.602  -15.508 12.335  1.00 115.01 ? 14  DT  D OP1   1 
ATOM   797 O  OP2   . DT  D 4 13 ? -9.890  -13.040 12.954  1.00 108.54 ? 14  DT  D OP2   1 
ATOM   798 O  "O5'" . DT  D 4 13 ? -7.638  -13.962 12.378  1.00 106.34 ? 14  DT  D "O5'" 1 
ATOM   799 C  "C5'" . DT  D 4 13 ? -6.747  -14.595 11.468  1.00 100.49 ? 14  DT  D "C5'" 1 
ATOM   800 C  "C4'" . DT  D 4 13 ? -5.315  -14.516 11.967  1.00 107.48 ? 14  DT  D "C4'" 1 
ATOM   801 O  "O4'" . DT  D 4 13 ? -4.691  -13.296 11.488  1.00 104.33 ? 14  DT  D "O4'" 1 
ATOM   802 C  "C3'" . DT  D 4 13 ? -5.156  -14.505 13.488  1.00 114.25 ? 14  DT  D "C3'" 1 
ATOM   803 O  "O3'" . DT  D 4 13 ? -4.063  -15.334 13.854  1.00 119.15 ? 14  DT  D "O3'" 1 
ATOM   804 C  "C2'" . DT  D 4 13 ? -4.871  -13.033 13.793  1.00 107.19 ? 14  DT  D "C2'" 1 
ATOM   805 C  "C1'" . DT  D 4 13 ? -4.072  -12.633 12.567  1.00 100.67 ? 14  DT  D "C1'" 1 
ATOM   806 N  N1    . DT  D 4 13 ? -4.080  -11.167 12.286  1.00 96.67  ? 14  DT  D N1    1 
ATOM   807 C  C2    . DT  D 4 13 ? -2.958  -10.582 11.740  1.00 96.31  ? 14  DT  D C2    1 
ATOM   808 O  O2    . DT  D 4 13 ? -1.941  -11.203 11.479  1.00 93.38  ? 14  DT  D O2    1 
ATOM   809 N  N3    . DT  D 4 13 ? -3.070  -9.234  11.511  1.00 94.57  ? 14  DT  D N3    1 
ATOM   810 C  C4    . DT  D 4 13 ? -4.168  -8.429  11.765  1.00 95.58  ? 14  DT  D C4    1 
ATOM   811 O  O4    . DT  D 4 13 ? -4.171  -7.224  11.523  1.00 90.42  ? 14  DT  D O4    1 
ATOM   812 C  C5    . DT  D 4 13 ? -5.311  -9.106  12.335  1.00 91.86  ? 14  DT  D C5    1 
ATOM   813 C  C7    . DT  D 4 13 ? -6.558  -8.336  12.652  1.00 82.27  ? 14  DT  D C7    1 
ATOM   814 C  C6    . DT  D 4 13 ? -5.214  -10.427 12.565  1.00 91.44  ? 14  DT  D C6    1 
ATOM   815 P  P     . DG  D 4 14 ? -3.851  -15.784 15.381  1.00 124.30 ? 15  DG  D P     1 
ATOM   816 O  OP1   . DG  D 4 14 ? -3.852  -17.263 15.404  1.00 128.08 ? 15  DG  D OP1   1 
ATOM   817 O  OP2   . DG  D 4 14 ? -4.807  -15.033 16.228  1.00 114.33 ? 15  DG  D OP2   1 
ATOM   818 O  "O5'" . DG  D 4 14 ? -2.361  -15.304 15.709  1.00 107.88 ? 15  DG  D "O5'" 1 
ATOM   819 C  "C5'" . DG  D 4 14 ? -1.284  -15.707 14.869  1.00 105.31 ? 15  DG  D "C5'" 1 
ATOM   820 C  "C4'" . DG  D 4 14 ? -0.160  -14.692 14.932  1.00 106.00 ? 15  DG  D "C4'" 1 
ATOM   821 O  "O4'" . DG  D 4 14 ? -0.670  -13.396 14.528  1.00 105.53 ? 15  DG  D "O4'" 1 
ATOM   822 C  "C3'" . DG  D 4 14 ? 0.452   -14.510 16.321  1.00 109.18 ? 15  DG  D "C3'" 1 
ATOM   823 O  "O3'" . DG  D 4 14 ? 1.869   -14.559 16.256  1.00 121.55 ? 15  DG  D "O3'" 1 
ATOM   824 C  "C2'" . DG  D 4 14 ? -0.047  -13.141 16.776  1.00 104.48 ? 15  DG  D "C2'" 1 
ATOM   825 C  "C1'" . DG  D 4 14 ? -0.296  -12.414 15.463  1.00 100.48 ? 15  DG  D "C1'" 1 
ATOM   826 N  N9    . DG  D 4 14 ? -1.375  -11.435 15.569  1.00 97.68  ? 15  DG  D N9    1 
ATOM   827 C  C8    . DG  D 4 14 ? -2.619  -11.639 16.116  1.00 99.94  ? 15  DG  D C8    1 
ATOM   828 N  N7    . DG  D 4 14 ? -3.379  -10.580 16.095  1.00 97.41  ? 15  DG  D N7    1 
ATOM   829 C  C5    . DG  D 4 14 ? -2.589  -9.605  15.500  1.00 96.52  ? 15  DG  D C5    1 
ATOM   830 C  C6    . DG  D 4 14 ? -2.880  -8.251  15.207  1.00 91.52  ? 15  DG  D C6    1 
ATOM   831 O  O6    . DG  D 4 14 ? -3.929  -7.626  15.424  1.00 86.43  ? 15  DG  D O6    1 
ATOM   832 N  N1    . DG  D 4 14 ? -1.801  -7.611  14.600  1.00 92.63  ? 15  DG  D N1    1 
ATOM   833 C  C2    . DG  D 4 14 ? -0.594  -8.206  14.313  1.00 94.32  ? 15  DG  D C2    1 
ATOM   834 N  N2    . DG  D 4 14 ? 0.328   -7.427  13.727  1.00 88.91  ? 15  DG  D N2    1 
ATOM   835 N  N3    . DG  D 4 14 ? -0.308  -9.476  14.582  1.00 98.25  ? 15  DG  D N3    1 
ATOM   836 C  C4    . DG  D 4 14 ? -1.349  -10.113 15.173  1.00 97.66  ? 15  DG  D C4    1 
ATOM   837 P  P     . DC  D 4 15 ? 2.699   -15.235 17.455  1.00 140.02 ? 16  DC  D P     1 
ATOM   838 O  OP1   . DC  D 4 15 ? 3.154   -16.567 16.996  1.00 132.88 ? 16  DC  D OP1   1 
ATOM   839 O  OP2   . DC  D 4 15 ? 1.875   -15.124 18.681  1.00 128.53 ? 16  DC  D OP2   1 
ATOM   840 O  "O5'" . DC  D 4 15 ? 3.975   -14.286 17.634  1.00 123.00 ? 16  DC  D "O5'" 1 
ATOM   841 C  "C5'" . DC  D 4 15 ? 3.815   -12.959 18.121  1.00 111.12 ? 16  DC  D "C5'" 1 
ATOM   842 C  "C4'" . DC  D 4 15 ? 4.210   -11.950 17.060  1.00 107.14 ? 16  DC  D "C4'" 1 
ATOM   843 O  "O4'" . DC  D 4 15 ? 3.038   -11.200 16.645  1.00 105.67 ? 16  DC  D "O4'" 1 
ATOM   844 C  "C3'" . DC  D 4 15 ? 5.234   -10.910 17.510  1.00 99.79  ? 16  DC  D "C3'" 1 
ATOM   845 O  "O3'" . DC  D 4 15 ? 6.088   -10.573 16.427  1.00 95.90  ? 16  DC  D "O3'" 1 
ATOM   846 C  "C2'" . DC  D 4 15 ? 4.354   -9.733  17.913  1.00 96.21  ? 16  DC  D "C2'" 1 
ATOM   847 C  "C1'" . DC  D 4 15 ? 3.248   -9.823  16.873  1.00 101.18 ? 16  DC  D "C1'" 1 
ATOM   848 N  N1    . DC  D 4 15 ? 1.964   -9.215  17.318  1.00 99.95  ? 16  DC  D N1    1 
ATOM   849 C  C2    . DC  D 4 15 ? 1.741   -7.848  17.120  1.00 97.97  ? 16  DC  D C2    1 
ATOM   850 O  O2    . DC  D 4 15 ? 2.619   -7.166  16.575  1.00 99.65  ? 16  DC  D O2    1 
ATOM   851 N  N3    . DC  D 4 15 ? 0.565   -7.309  17.531  1.00 93.61  ? 16  DC  D N3    1 
ATOM   852 C  C4    . DC  D 4 15 ? -0.356  -8.079  18.115  1.00 93.97  ? 16  DC  D C4    1 
ATOM   853 N  N4    . DC  D 4 15 ? -1.498  -7.503  18.504  1.00 90.17  ? 16  DC  D N4    1 
ATOM   854 C  C5    . DC  D 4 15 ? -0.146  -9.474  18.325  1.00 96.69  ? 16  DC  D C5    1 
ATOM   855 C  C6    . DC  D 4 15 ? 1.016   -9.994  17.915  1.00 99.57  ? 16  DC  D C6    1 
HETATM 856 AS AS    . CAC E 5 .  ? -3.868  18.338  -12.180 1.00 168.01 ? 101 CAC B AS    1 
# 
loop_
_pdbx_poly_seq_scheme.asym_id 
_pdbx_poly_seq_scheme.entity_id 
_pdbx_poly_seq_scheme.seq_id 
_pdbx_poly_seq_scheme.mon_id 
_pdbx_poly_seq_scheme.ndb_seq_num 
_pdbx_poly_seq_scheme.pdb_seq_num 
_pdbx_poly_seq_scheme.auth_seq_num 
_pdbx_poly_seq_scheme.pdb_mon_id 
_pdbx_poly_seq_scheme.auth_mon_id 
_pdbx_poly_seq_scheme.pdb_strand_id 
_pdbx_poly_seq_scheme.pdb_ins_code 
_pdbx_poly_seq_scheme.hetero 
A 1 1  DG 1  1  1  DG DG A . n 
A 1 2  DA 2  2  2  DA DA A . n 
A 1 3  DG 3  3  3  DG DG A . n 
A 1 4  DC 4  4  4  DC DC A . n 
A 1 5  DA 5  5  5  DA DA A . n 
A 1 6  DG 6  6  6  DG DG A . n 
A 1 7  DA 7  7  7  DA DA A . n 
A 1 8  DC 8  8  8  DC DC A . n 
A 1 9  DA 9  9  9  DA DA A . n 
A 1 10 DT 10 10 10 DT DT A . n 
A 1 11 DG 11 11 11 DG DG A . n 
A 1 12 DA 12 12 12 DA DA A . n 
B 2 1  DC 1  12 12 DC DC B . n 
B 2 2  DG 2  13 13 DG DG B . n 
B 2 3  DT 3  14 14 DT DT B . n 
B 2 4  DC 4  15 15 DC DC B . n 
B 2 5  DA 5  16 16 DA DA B . n 
B 2 6  DC 6  17 17 DC DC B . n 
B 2 7  DT 7  18 18 DT DT B . n 
B 2 8  DC 8  19 19 DC DC B . n 
B 2 9  DA 9  20 20 DA DA B . n 
C 3 1  DT 1  0  0  DT DT C . n 
C 3 2  DC 2  1  1  DC DC C . n 
C 3 3  DA 3  2  2  DA DA C . n 
C 3 4  DA 4  3  3  DA DA C . n 
C 3 5  DC 5  4  4  DC DC C . n 
C 3 6  DG 6  5  5  DG DG C . n 
D 4 1  DT 1  2  2  DT DT D . n 
D 4 2  DC 2  3  3  DC DC D . n 
D 4 3  DT 3  4  4  DT DT D . n 
D 4 4  DG 4  5  5  DG DG D . n 
D 4 5  DA 5  6  6  DA DA D . n 
D 4 6  DG 6  7  7  DG DG D . n 
D 4 7  DT 7  8  8  DT DT D . n 
D 4 8  DG 8  9  9  DG DG D . n 
D 4 9  DT 9  10 10 DT DT D . n 
D 4 10 DG 10 11 11 DG DG D . n 
D 4 11 DT 11 12 12 DT DT D . n 
D 4 12 DC 12 13 13 DC DC D . n 
D 4 13 DT 13 14 14 DT DT D . n 
D 4 14 DG 14 15 15 DG DG D . n 
D 4 15 DC 15 16 16 DC DC D . n 
# 
_pdbx_nonpoly_scheme.asym_id         E 
_pdbx_nonpoly_scheme.entity_id       5 
_pdbx_nonpoly_scheme.mon_id          CAC 
_pdbx_nonpoly_scheme.ndb_seq_num     1 
_pdbx_nonpoly_scheme.pdb_seq_num     101 
_pdbx_nonpoly_scheme.auth_seq_num    1 
_pdbx_nonpoly_scheme.pdb_mon_id      CAC 
_pdbx_nonpoly_scheme.auth_mon_id     AS 
_pdbx_nonpoly_scheme.pdb_strand_id   B 
_pdbx_nonpoly_scheme.pdb_ins_code    . 
# 
_pdbx_struct_assembly.id                   1 
_pdbx_struct_assembly.details              author_and_software_defined_assembly 
_pdbx_struct_assembly.method_details       PISA 
_pdbx_struct_assembly.oligomeric_details   tetrameric 
_pdbx_struct_assembly.oligomeric_count     4 
# 
_pdbx_struct_assembly_gen.assembly_id       1 
_pdbx_struct_assembly_gen.oper_expression   1 
_pdbx_struct_assembly_gen.asym_id_list      A,B,C,D,E 
# 
loop_
_pdbx_struct_assembly_prop.biol_id 
_pdbx_struct_assembly_prop.type 
_pdbx_struct_assembly_prop.value 
_pdbx_struct_assembly_prop.details 
1 'ABSA (A^2)' 2540 ? 
1 MORE         -8   ? 
1 'SSA (A^2)'  7920 ? 
# 
_pdbx_struct_oper_list.id                   1 
_pdbx_struct_oper_list.type                 'identity operation' 
_pdbx_struct_oper_list.name                 1_555 
_pdbx_struct_oper_list.symmetry_operation   x,y,z 
_pdbx_struct_oper_list.matrix[1][1]         1.0000000000 
_pdbx_struct_oper_list.matrix[1][2]         0.0000000000 
_pdbx_struct_oper_list.matrix[1][3]         0.0000000000 
_pdbx_struct_oper_list.vector[1]            0.0000000000 
_pdbx_struct_oper_list.matrix[2][1]         0.0000000000 
_pdbx_struct_oper_list.matrix[2][2]         1.0000000000 
_pdbx_struct_oper_list.matrix[2][3]         0.0000000000 
_pdbx_struct_oper_list.vector[2]            0.0000000000 
_pdbx_struct_oper_list.matrix[3][1]         0.0000000000 
_pdbx_struct_oper_list.matrix[3][2]         0.0000000000 
_pdbx_struct_oper_list.matrix[3][3]         1.0000000000 
_pdbx_struct_oper_list.vector[3]            0.0000000000 
# 
loop_
_pdbx_audit_revision_history.ordinal 
_pdbx_audit_revision_history.data_content_type 
_pdbx_audit_revision_history.major_revision 
_pdbx_audit_revision_history.minor_revision 
_pdbx_audit_revision_history.revision_date 
1 'Structure model' 1 0 2021-07-14 
2 'Structure model' 1 1 2022-07-06 
3 'Structure model' 1 2 2023-10-18 
# 
_pdbx_audit_revision_details.ordinal             1 
_pdbx_audit_revision_details.revision_ordinal    1 
_pdbx_audit_revision_details.data_content_type   'Structure model' 
_pdbx_audit_revision_details.provider            repository 
_pdbx_audit_revision_details.type                'Initial release' 
_pdbx_audit_revision_details.description         ? 
_pdbx_audit_revision_details.details             ? 
# 
loop_
_pdbx_audit_revision_group.ordinal 
_pdbx_audit_revision_group.revision_ordinal 
_pdbx_audit_revision_group.data_content_type 
_pdbx_audit_revision_group.group 
1 2 'Structure model' 'Database references'    
2 3 'Structure model' 'Data collection'        
3 3 'Structure model' 'Refinement description' 
# 
loop_
_pdbx_audit_revision_category.ordinal 
_pdbx_audit_revision_category.revision_ordinal 
_pdbx_audit_revision_category.data_content_type 
_pdbx_audit_revision_category.category 
1 2 'Structure model' citation                      
2 2 'Structure model' citation_author               
3 2 'Structure model' database_2                    
4 3 'Structure model' chem_comp_atom                
5 3 'Structure model' chem_comp_bond                
6 3 'Structure model' pdbx_initial_refinement_model 
# 
loop_
_pdbx_audit_revision_item.ordinal 
_pdbx_audit_revision_item.revision_ordinal 
_pdbx_audit_revision_item.data_content_type 
_pdbx_audit_revision_item.item 
1  2 'Structure model' '_citation.country'                   
2  2 'Structure model' '_citation.journal_abbrev'            
3  2 'Structure model' '_citation.journal_id_CSD'            
4  2 'Structure model' '_citation.journal_id_ISSN'           
5  2 'Structure model' '_citation.journal_volume'            
6  2 'Structure model' '_citation.page_first'                
7  2 'Structure model' '_citation.page_last'                 
8  2 'Structure model' '_citation.pdbx_database_id_DOI'      
9  2 'Structure model' '_citation.pdbx_database_id_PubMed'   
10 2 'Structure model' '_citation.title'                     
11 2 'Structure model' '_citation.year'                      
12 2 'Structure model' '_database_2.pdbx_DOI'                
13 2 'Structure model' '_database_2.pdbx_database_accession' 
# 
loop_
_software.citation_id 
_software.classification 
_software.compiler_name 
_software.compiler_version 
_software.contact_author 
_software.contact_author_email 
_software.date 
_software.description 
_software.dependencies 
_software.hardware 
_software.language 
_software.location 
_software.mods 
_software.name 
_software.os 
_software.os_version 
_software.type 
_software.version 
_software.pdbx_ordinal 
? refinement        ? ? ? ? ? ? ? ? ? ? ? PHENIX      ? ? ? 1.11.1_2575 1 
? 'data reduction'  ? ? ? ? ? ? ? ? ? ? ? HKL-2000    ? ? ? .           2 
? 'data scaling'    ? ? ? ? ? ? ? ? ? ? ? HKL-2000    ? ? ? .           3 
? 'data extraction' ? ? ? ? ? ? ? ? ? ? ? PDB_EXTRACT ? ? ? 3.25        4 
? phasing           ? ? ? ? ? ? ? ? ? ? ? PHASER      ? ? ? .           5 
# 
_pdbx_entry_details.entry_id                 6XO6 
_pdbx_entry_details.nonpolymer_details       ? 
_pdbx_entry_details.sequence_details         ? 
_pdbx_entry_details.compound_details         ? 
_pdbx_entry_details.source_details           ? 
_pdbx_entry_details.has_ligand_of_interest   N 
# 
_pdbx_validate_rmsd_angle.id                         1 
_pdbx_validate_rmsd_angle.PDB_model_num              1 
_pdbx_validate_rmsd_angle.auth_atom_id_1             "O4'" 
_pdbx_validate_rmsd_angle.auth_asym_id_1             A 
_pdbx_validate_rmsd_angle.auth_comp_id_1             DA 
_pdbx_validate_rmsd_angle.auth_seq_id_1              9 
_pdbx_validate_rmsd_angle.PDB_ins_code_1             ? 
_pdbx_validate_rmsd_angle.label_alt_id_1             ? 
_pdbx_validate_rmsd_angle.auth_atom_id_2             "C1'" 
_pdbx_validate_rmsd_angle.auth_asym_id_2             A 
_pdbx_validate_rmsd_angle.auth_comp_id_2             DA 
_pdbx_validate_rmsd_angle.auth_seq_id_2              9 
_pdbx_validate_rmsd_angle.PDB_ins_code_2             ? 
_pdbx_validate_rmsd_angle.label_alt_id_2             ? 
_pdbx_validate_rmsd_angle.auth_atom_id_3             N9 
_pdbx_validate_rmsd_angle.auth_asym_id_3             A 
_pdbx_validate_rmsd_angle.auth_comp_id_3             DA 
_pdbx_validate_rmsd_angle.auth_seq_id_3              9 
_pdbx_validate_rmsd_angle.PDB_ins_code_3             ? 
_pdbx_validate_rmsd_angle.label_alt_id_3             ? 
_pdbx_validate_rmsd_angle.angle_value                111.42 
_pdbx_validate_rmsd_angle.angle_target_value         108.30 
_pdbx_validate_rmsd_angle.angle_deviation            3.12 
_pdbx_validate_rmsd_angle.angle_standard_deviation   0.30 
_pdbx_validate_rmsd_angle.linker_flag                N 
# 
loop_
_pdbx_unobs_or_zero_occ_atoms.id 
_pdbx_unobs_or_zero_occ_atoms.PDB_model_num 
_pdbx_unobs_or_zero_occ_atoms.polymer_flag 
_pdbx_unobs_or_zero_occ_atoms.occupancy_flag 
_pdbx_unobs_or_zero_occ_atoms.auth_asym_id 
_pdbx_unobs_or_zero_occ_atoms.auth_comp_id 
_pdbx_unobs_or_zero_occ_atoms.auth_seq_id 
_pdbx_unobs_or_zero_occ_atoms.PDB_ins_code 
_pdbx_unobs_or_zero_occ_atoms.auth_atom_id 
_pdbx_unobs_or_zero_occ_atoms.label_alt_id 
_pdbx_unobs_or_zero_occ_atoms.label_asym_id 
_pdbx_unobs_or_zero_occ_atoms.label_comp_id 
_pdbx_unobs_or_zero_occ_atoms.label_seq_id 
_pdbx_unobs_or_zero_occ_atoms.label_atom_id 
1 1 N 1 B CAC 101 ? O1 ? E CAC 1 O1 
2 1 N 1 B CAC 101 ? O2 ? E CAC 1 O2 
3 1 N 1 B CAC 101 ? C1 ? E CAC 1 C1 
4 1 N 1 B CAC 101 ? C2 ? E CAC 1 C2 
# 
loop_
_chem_comp_atom.comp_id 
_chem_comp_atom.atom_id 
_chem_comp_atom.type_symbol 
_chem_comp_atom.pdbx_aromatic_flag 
_chem_comp_atom.pdbx_stereo_config 
_chem_comp_atom.pdbx_ordinal 
CAC AS     AS N N 1   
CAC O1     O  N N 2   
CAC O2     O  N N 3   
CAC C1     C  N N 4   
CAC C2     C  N N 5   
CAC H11    H  N N 6   
CAC H12    H  N N 7   
CAC H13    H  N N 8   
CAC H21    H  N N 9   
CAC H22    H  N N 10  
CAC H23    H  N N 11  
DA  OP3    O  N N 12  
DA  P      P  N N 13  
DA  OP1    O  N N 14  
DA  OP2    O  N N 15  
DA  "O5'"  O  N N 16  
DA  "C5'"  C  N N 17  
DA  "C4'"  C  N R 18  
DA  "O4'"  O  N N 19  
DA  "C3'"  C  N S 20  
DA  "O3'"  O  N N 21  
DA  "C2'"  C  N N 22  
DA  "C1'"  C  N R 23  
DA  N9     N  Y N 24  
DA  C8     C  Y N 25  
DA  N7     N  Y N 26  
DA  C5     C  Y N 27  
DA  C6     C  Y N 28  
DA  N6     N  N N 29  
DA  N1     N  Y N 30  
DA  C2     C  Y N 31  
DA  N3     N  Y N 32  
DA  C4     C  Y N 33  
DA  HOP3   H  N N 34  
DA  HOP2   H  N N 35  
DA  "H5'"  H  N N 36  
DA  "H5''" H  N N 37  
DA  "H4'"  H  N N 38  
DA  "H3'"  H  N N 39  
DA  "HO3'" H  N N 40  
DA  "H2'"  H  N N 41  
DA  "H2''" H  N N 42  
DA  "H1'"  H  N N 43  
DA  H8     H  N N 44  
DA  H61    H  N N 45  
DA  H62    H  N N 46  
DA  H2     H  N N 47  
DC  OP3    O  N N 48  
DC  P      P  N N 49  
DC  OP1    O  N N 50  
DC  OP2    O  N N 51  
DC  "O5'"  O  N N 52  
DC  "C5'"  C  N N 53  
DC  "C4'"  C  N R 54  
DC  "O4'"  O  N N 55  
DC  "C3'"  C  N S 56  
DC  "O3'"  O  N N 57  
DC  "C2'"  C  N N 58  
DC  "C1'"  C  N R 59  
DC  N1     N  N N 60  
DC  C2     C  N N 61  
DC  O2     O  N N 62  
DC  N3     N  N N 63  
DC  C4     C  N N 64  
DC  N4     N  N N 65  
DC  C5     C  N N 66  
DC  C6     C  N N 67  
DC  HOP3   H  N N 68  
DC  HOP2   H  N N 69  
DC  "H5'"  H  N N 70  
DC  "H5''" H  N N 71  
DC  "H4'"  H  N N 72  
DC  "H3'"  H  N N 73  
DC  "HO3'" H  N N 74  
DC  "H2'"  H  N N 75  
DC  "H2''" H  N N 76  
DC  "H1'"  H  N N 77  
DC  H41    H  N N 78  
DC  H42    H  N N 79  
DC  H5     H  N N 80  
DC  H6     H  N N 81  
DG  OP3    O  N N 82  
DG  P      P  N N 83  
DG  OP1    O  N N 84  
DG  OP2    O  N N 85  
DG  "O5'"  O  N N 86  
DG  "C5'"  C  N N 87  
DG  "C4'"  C  N R 88  
DG  "O4'"  O  N N 89  
DG  "C3'"  C  N S 90  
DG  "O3'"  O  N N 91  
DG  "C2'"  C  N N 92  
DG  "C1'"  C  N R 93  
DG  N9     N  Y N 94  
DG  C8     C  Y N 95  
DG  N7     N  Y N 96  
DG  C5     C  Y N 97  
DG  C6     C  N N 98  
DG  O6     O  N N 99  
DG  N1     N  N N 100 
DG  C2     C  N N 101 
DG  N2     N  N N 102 
DG  N3     N  N N 103 
DG  C4     C  Y N 104 
DG  HOP3   H  N N 105 
DG  HOP2   H  N N 106 
DG  "H5'"  H  N N 107 
DG  "H5''" H  N N 108 
DG  "H4'"  H  N N 109 
DG  "H3'"  H  N N 110 
DG  "HO3'" H  N N 111 
DG  "H2'"  H  N N 112 
DG  "H2''" H  N N 113 
DG  "H1'"  H  N N 114 
DG  H8     H  N N 115 
DG  H1     H  N N 116 
DG  H21    H  N N 117 
DG  H22    H  N N 118 
DT  OP3    O  N N 119 
DT  P      P  N N 120 
DT  OP1    O  N N 121 
DT  OP2    O  N N 122 
DT  "O5'"  O  N N 123 
DT  "C5'"  C  N N 124 
DT  "C4'"  C  N R 125 
DT  "O4'"  O  N N 126 
DT  "C3'"  C  N S 127 
DT  "O3'"  O  N N 128 
DT  "C2'"  C  N N 129 
DT  "C1'"  C  N R 130 
DT  N1     N  N N 131 
DT  C2     C  N N 132 
DT  O2     O  N N 133 
DT  N3     N  N N 134 
DT  C4     C  N N 135 
DT  O4     O  N N 136 
DT  C5     C  N N 137 
DT  C7     C  N N 138 
DT  C6     C  N N 139 
DT  HOP3   H  N N 140 
DT  HOP2   H  N N 141 
DT  "H5'"  H  N N 142 
DT  "H5''" H  N N 143 
DT  "H4'"  H  N N 144 
DT  "H3'"  H  N N 145 
DT  "HO3'" H  N N 146 
DT  "H2'"  H  N N 147 
DT  "H2''" H  N N 148 
DT  "H1'"  H  N N 149 
DT  H3     H  N N 150 
DT  H71    H  N N 151 
DT  H72    H  N N 152 
DT  H73    H  N N 153 
DT  H6     H  N N 154 
# 
loop_
_chem_comp_bond.comp_id 
_chem_comp_bond.atom_id_1 
_chem_comp_bond.atom_id_2 
_chem_comp_bond.value_order 
_chem_comp_bond.pdbx_aromatic_flag 
_chem_comp_bond.pdbx_stereo_config 
_chem_comp_bond.pdbx_ordinal 
CAC AS    O1     doub N N 1   
CAC AS    O2     sing N N 2   
CAC AS    C1     sing N N 3   
CAC AS    C2     sing N N 4   
CAC C1    H11    sing N N 5   
CAC C1    H12    sing N N 6   
CAC C1    H13    sing N N 7   
CAC C2    H21    sing N N 8   
CAC C2    H22    sing N N 9   
CAC C2    H23    sing N N 10  
DA  OP3   P      sing N N 11  
DA  OP3   HOP3   sing N N 12  
DA  P     OP1    doub N N 13  
DA  P     OP2    sing N N 14  
DA  P     "O5'"  sing N N 15  
DA  OP2   HOP2   sing N N 16  
DA  "O5'" "C5'"  sing N N 17  
DA  "C5'" "C4'"  sing N N 18  
DA  "C5'" "H5'"  sing N N 19  
DA  "C5'" "H5''" sing N N 20  
DA  "C4'" "O4'"  sing N N 21  
DA  "C4'" "C3'"  sing N N 22  
DA  "C4'" "H4'"  sing N N 23  
DA  "O4'" "C1'"  sing N N 24  
DA  "C3'" "O3'"  sing N N 25  
DA  "C3'" "C2'"  sing N N 26  
DA  "C3'" "H3'"  sing N N 27  
DA  "O3'" "HO3'" sing N N 28  
DA  "C2'" "C1'"  sing N N 29  
DA  "C2'" "H2'"  sing N N 30  
DA  "C2'" "H2''" sing N N 31  
DA  "C1'" N9     sing N N 32  
DA  "C1'" "H1'"  sing N N 33  
DA  N9    C8     sing Y N 34  
DA  N9    C4     sing Y N 35  
DA  C8    N7     doub Y N 36  
DA  C8    H8     sing N N 37  
DA  N7    C5     sing Y N 38  
DA  C5    C6     sing Y N 39  
DA  C5    C4     doub Y N 40  
DA  C6    N6     sing N N 41  
DA  C6    N1     doub Y N 42  
DA  N6    H61    sing N N 43  
DA  N6    H62    sing N N 44  
DA  N1    C2     sing Y N 45  
DA  C2    N3     doub Y N 46  
DA  C2    H2     sing N N 47  
DA  N3    C4     sing Y N 48  
DC  OP3   P      sing N N 49  
DC  OP3   HOP3   sing N N 50  
DC  P     OP1    doub N N 51  
DC  P     OP2    sing N N 52  
DC  P     "O5'"  sing N N 53  
DC  OP2   HOP2   sing N N 54  
DC  "O5'" "C5'"  sing N N 55  
DC  "C5'" "C4'"  sing N N 56  
DC  "C5'" "H5'"  sing N N 57  
DC  "C5'" "H5''" sing N N 58  
DC  "C4'" "O4'"  sing N N 59  
DC  "C4'" "C3'"  sing N N 60  
DC  "C4'" "H4'"  sing N N 61  
DC  "O4'" "C1'"  sing N N 62  
DC  "C3'" "O3'"  sing N N 63  
DC  "C3'" "C2'"  sing N N 64  
DC  "C3'" "H3'"  sing N N 65  
DC  "O3'" "HO3'" sing N N 66  
DC  "C2'" "C1'"  sing N N 67  
DC  "C2'" "H2'"  sing N N 68  
DC  "C2'" "H2''" sing N N 69  
DC  "C1'" N1     sing N N 70  
DC  "C1'" "H1'"  sing N N 71  
DC  N1    C2     sing N N 72  
DC  N1    C6     sing N N 73  
DC  C2    O2     doub N N 74  
DC  C2    N3     sing N N 75  
DC  N3    C4     doub N N 76  
DC  C4    N4     sing N N 77  
DC  C4    C5     sing N N 78  
DC  N4    H41    sing N N 79  
DC  N4    H42    sing N N 80  
DC  C5    C6     doub N N 81  
DC  C5    H5     sing N N 82  
DC  C6    H6     sing N N 83  
DG  OP3   P      sing N N 84  
DG  OP3   HOP3   sing N N 85  
DG  P     OP1    doub N N 86  
DG  P     OP2    sing N N 87  
DG  P     "O5'"  sing N N 88  
DG  OP2   HOP2   sing N N 89  
DG  "O5'" "C5'"  sing N N 90  
DG  "C5'" "C4'"  sing N N 91  
DG  "C5'" "H5'"  sing N N 92  
DG  "C5'" "H5''" sing N N 93  
DG  "C4'" "O4'"  sing N N 94  
DG  "C4'" "C3'"  sing N N 95  
DG  "C4'" "H4'"  sing N N 96  
DG  "O4'" "C1'"  sing N N 97  
DG  "C3'" "O3'"  sing N N 98  
DG  "C3'" "C2'"  sing N N 99  
DG  "C3'" "H3'"  sing N N 100 
DG  "O3'" "HO3'" sing N N 101 
DG  "C2'" "C1'"  sing N N 102 
DG  "C2'" "H2'"  sing N N 103 
DG  "C2'" "H2''" sing N N 104 
DG  "C1'" N9     sing N N 105 
DG  "C1'" "H1'"  sing N N 106 
DG  N9    C8     sing Y N 107 
DG  N9    C4     sing Y N 108 
DG  C8    N7     doub Y N 109 
DG  C8    H8     sing N N 110 
DG  N7    C5     sing Y N 111 
DG  C5    C6     sing N N 112 
DG  C5    C4     doub Y N 113 
DG  C6    O6     doub N N 114 
DG  C6    N1     sing N N 115 
DG  N1    C2     sing N N 116 
DG  N1    H1     sing N N 117 
DG  C2    N2     sing N N 118 
DG  C2    N3     doub N N 119 
DG  N2    H21    sing N N 120 
DG  N2    H22    sing N N 121 
DG  N3    C4     sing N N 122 
DT  OP3   P      sing N N 123 
DT  OP3   HOP3   sing N N 124 
DT  P     OP1    doub N N 125 
DT  P     OP2    sing N N 126 
DT  P     "O5'"  sing N N 127 
DT  OP2   HOP2   sing N N 128 
DT  "O5'" "C5'"  sing N N 129 
DT  "C5'" "C4'"  sing N N 130 
DT  "C5'" "H5'"  sing N N 131 
DT  "C5'" "H5''" sing N N 132 
DT  "C4'" "O4'"  sing N N 133 
DT  "C4'" "C3'"  sing N N 134 
DT  "C4'" "H4'"  sing N N 135 
DT  "O4'" "C1'"  sing N N 136 
DT  "C3'" "O3'"  sing N N 137 
DT  "C3'" "C2'"  sing N N 138 
DT  "C3'" "H3'"  sing N N 139 
DT  "O3'" "HO3'" sing N N 140 
DT  "C2'" "C1'"  sing N N 141 
DT  "C2'" "H2'"  sing N N 142 
DT  "C2'" "H2''" sing N N 143 
DT  "C1'" N1     sing N N 144 
DT  "C1'" "H1'"  sing N N 145 
DT  N1    C2     sing N N 146 
DT  N1    C6     sing N N 147 
DT  C2    O2     doub N N 148 
DT  C2    N3     sing N N 149 
DT  N3    C4     sing N N 150 
DT  N3    H3     sing N N 151 
DT  C4    O4     doub N N 152 
DT  C4    C5     sing N N 153 
DT  C5    C7     sing N N 154 
DT  C5    C6     doub N N 155 
DT  C7    H71    sing N N 156 
DT  C7    H72    sing N N 157 
DT  C7    H73    sing N N 158 
DT  C6    H6     sing N N 159 
# 
loop_
_ndb_struct_conf_na.entry_id 
_ndb_struct_conf_na.feature 
6XO6 'double helix'        
6XO6 'a-form double helix' 
6XO6 'b-form double helix' 
# 
loop_
_ndb_struct_na_base_pair.model_number 
_ndb_struct_na_base_pair.i_label_asym_id 
_ndb_struct_na_base_pair.i_label_comp_id 
_ndb_struct_na_base_pair.i_label_seq_id 
_ndb_struct_na_base_pair.i_symmetry 
_ndb_struct_na_base_pair.j_label_asym_id 
_ndb_struct_na_base_pair.j_label_comp_id 
_ndb_struct_na_base_pair.j_label_seq_id 
_ndb_struct_na_base_pair.j_symmetry 
_ndb_struct_na_base_pair.shear 
_ndb_struct_na_base_pair.stretch 
_ndb_struct_na_base_pair.stagger 
_ndb_struct_na_base_pair.buckle 
_ndb_struct_na_base_pair.propeller 
_ndb_struct_na_base_pair.opening 
_ndb_struct_na_base_pair.pair_number 
_ndb_struct_na_base_pair.pair_name 
_ndb_struct_na_base_pair.i_auth_asym_id 
_ndb_struct_na_base_pair.i_auth_seq_id 
_ndb_struct_na_base_pair.i_PDB_ins_code 
_ndb_struct_na_base_pair.j_auth_asym_id 
_ndb_struct_na_base_pair.j_auth_seq_id 
_ndb_struct_na_base_pair.j_PDB_ins_code 
_ndb_struct_na_base_pair.hbond_type_28 
_ndb_struct_na_base_pair.hbond_type_12 
1 A DG 3  1_555 D DC 15 1_555 0.378  -0.127 0.811  5.154  -18.616 -16.207 1  A_DG3:DC16_D A 3  ? D 16 ? 19 1 
1 A DC 4  1_555 D DG 14 1_555 -0.557 0.389  0.630  -0.687 -15.529 2.514   2  A_DC4:DG15_D A 4  ? D 15 ? 19 1 
1 A DA 5  1_555 D DT 13 1_555 0.773  0.514  0.263  -7.361 -13.154 -8.847  3  A_DA5:DT14_D A 5  ? D 14 ? 20 1 
1 A DG 6  1_555 D DC 12 1_555 0.239  -0.074 -0.219 -7.054 -8.523  -2.926  4  A_DG6:DC13_D A 6  ? D 13 ? 19 1 
1 A DA 7  1_555 D DT 11 1_555 1.222  0.254  -0.270 -3.124 -6.686  -12.917 5  A_DA7:DT12_D A 7  ? D 12 ? 20 1 
1 A DC 8  1_555 D DG 10 1_555 0.673  -0.444 0.139  0.590  -6.164  -3.469  6  A_DC8:DG11_D A 8  ? D 11 ? 19 1 
1 A DA 9  1_555 D DT 9  1_555 0.427  0.028  0.346  7.626  -9.819  -7.520  7  A_DA9:DT10_D A 9  ? D 10 ? 20 1 
1 A DT 10 1_555 C DA 3  1_555 -1.639 0.260  0.352  6.052  -10.715 7.741   8  A_DT10:DA2_C A 10 ? C 2  ? ?  ? 
1 A DG 11 1_555 C DC 2  1_555 0.057  -0.135 0.684  7.026  -10.332 -1.698  9  A_DG11:DC1_C A 11 ? C 1  ? 19 1 
1 A DA 12 1_555 C DT 1  1_555 0.622  -0.192 0.545  -1.298 -7.783  -15.689 10 A_DA12:DT0_C A 12 ? C 0  ? 20 1 
1 B DC 1  1_555 C DG 6  1_555 -0.219 -0.142 0.365  -0.607 -1.096  -4.489  11 B_DC12:DG5_C B 12 ? C 5  ? 19 1 
1 B DG 2  1_555 C DC 5  1_555 1.366  0.070  0.170  5.749  -11.758 -22.564 12 B_DG13:DC4_C B 13 ? C 4  ? ?  1 
1 B DT 3  1_555 C DA 4  1_555 -0.356 0.046  -0.171 0.773  -10.517 -2.659  13 B_DT14:DA3_C B 14 ? C 3  ? 20 1 
1 B DC 4  1_555 D DG 8  1_555 -0.766 0.400  0.087  -2.685 -5.489  3.049   14 B_DC15:DG9_D B 15 ? D 9  ? 19 1 
1 B DA 5  1_555 D DT 7  1_555 0.684  -0.148 0.319  8.934  -10.638 4.250   15 B_DA16:DT8_D B 16 ? D 8  ? 20 1 
1 B DC 6  1_555 D DG 6  1_555 -0.511 -0.379 -0.089 10.398 -13.849 -4.420  16 B_DC17:DG7_D B 17 ? D 7  ? 19 1 
1 B DT 7  1_555 D DA 5  1_555 -0.649 -0.163 -0.602 7.748  -17.784 -1.825  17 B_DT18:DA6_D B 18 ? D 6  ? 20 1 
1 B DC 8  1_555 D DG 4  1_555 0.297  0.217  -0.736 10.912 -19.413 12.322  18 B_DC19:DG5_D B 19 ? D 5  ? 19 1 
# 
loop_
_ndb_struct_na_base_pair_step.model_number 
_ndb_struct_na_base_pair_step.i_label_asym_id_1 
_ndb_struct_na_base_pair_step.i_label_comp_id_1 
_ndb_struct_na_base_pair_step.i_label_seq_id_1 
_ndb_struct_na_base_pair_step.i_symmetry_1 
_ndb_struct_na_base_pair_step.j_label_asym_id_1 
_ndb_struct_na_base_pair_step.j_label_comp_id_1 
_ndb_struct_na_base_pair_step.j_label_seq_id_1 
_ndb_struct_na_base_pair_step.j_symmetry_1 
_ndb_struct_na_base_pair_step.i_label_asym_id_2 
_ndb_struct_na_base_pair_step.i_label_comp_id_2 
_ndb_struct_na_base_pair_step.i_label_seq_id_2 
_ndb_struct_na_base_pair_step.i_symmetry_2 
_ndb_struct_na_base_pair_step.j_label_asym_id_2 
_ndb_struct_na_base_pair_step.j_label_comp_id_2 
_ndb_struct_na_base_pair_step.j_label_seq_id_2 
_ndb_struct_na_base_pair_step.j_symmetry_2 
_ndb_struct_na_base_pair_step.shift 
_ndb_struct_na_base_pair_step.slide 
_ndb_struct_na_base_pair_step.rise 
_ndb_struct_na_base_pair_step.tilt 
_ndb_struct_na_base_pair_step.roll 
_ndb_struct_na_base_pair_step.twist 
_ndb_struct_na_base_pair_step.x_displacement 
_ndb_struct_na_base_pair_step.y_displacement 
_ndb_struct_na_base_pair_step.helical_rise 
_ndb_struct_na_base_pair_step.inclination 
_ndb_struct_na_base_pair_step.tip 
_ndb_struct_na_base_pair_step.helical_twist 
_ndb_struct_na_base_pair_step.step_number 
_ndb_struct_na_base_pair_step.step_name 
_ndb_struct_na_base_pair_step.i_auth_asym_id_1 
_ndb_struct_na_base_pair_step.i_auth_seq_id_1 
_ndb_struct_na_base_pair_step.i_PDB_ins_code_1 
_ndb_struct_na_base_pair_step.j_auth_asym_id_1 
_ndb_struct_na_base_pair_step.j_auth_seq_id_1 
_ndb_struct_na_base_pair_step.j_PDB_ins_code_1 
_ndb_struct_na_base_pair_step.i_auth_asym_id_2 
_ndb_struct_na_base_pair_step.i_auth_seq_id_2 
_ndb_struct_na_base_pair_step.i_PDB_ins_code_2 
_ndb_struct_na_base_pair_step.j_auth_asym_id_2 
_ndb_struct_na_base_pair_step.j_auth_seq_id_2 
_ndb_struct_na_base_pair_step.j_PDB_ins_code_2 
1 A DG 3  1_555 D DC 15 1_555 A DC 4  1_555 D DG 14 1_555 0.886  -0.593 3.492 6.211  -0.503 30.156 -1.010 -0.337 3.607 -0.954 
-11.779 30.779 1  AA_DG3DC4:DG15DC16_DD A 3  ? D 16 ? A 4  ? D 15 ? 
1 A DC 4  1_555 D DG 14 1_555 A DA 5  1_555 D DT 13 1_555 -1.118 1.200  3.597 -2.039 1.779  43.995 1.413  1.276  3.686 2.371  
2.718   44.074 2  AA_DC4DA5:DT14DG15_DD A 4  ? D 15 ? A 5  ? D 14 ? 
1 A DA 5  1_555 D DT 13 1_555 A DG 6  1_555 D DC 12 1_555 0.085  -0.790 3.412 0.448  2.021  28.386 -2.085 -0.067 3.350 4.113  
-0.911  28.460 3  AA_DA5DG6:DC13DT14_DD A 5  ? D 14 ? A 6  ? D 13 ? 
1 A DG 6  1_555 D DC 12 1_555 A DA 7  1_555 D DT 11 1_555 -0.284 -0.320 3.230 -1.129 1.787  40.521 -0.658 0.285  3.220 2.579  
1.629   40.574 4  AA_DG6DA7:DT12DC13_DD A 6  ? D 13 ? A 7  ? D 12 ? 
1 A DA 7  1_555 D DT 11 1_555 A DC 8  1_555 D DG 10 1_555 0.938  -1.036 3.202 -4.331 0.918  30.280 -2.137 -2.597 3.010 1.745  
8.236   30.594 5  AA_DA7DC8:DG11DT12_DD A 7  ? D 12 ? A 8  ? D 11 ? 
1 A DC 8  1_555 D DG 10 1_555 A DA 9  1_555 D DT 9  1_555 -0.442 -1.323 2.886 -2.575 5.189  32.966 -3.032 0.403  2.678 9.056  
4.494   33.457 6  AA_DC8DA9:DT10DG11_DD A 8  ? D 11 ? A 9  ? D 10 ? 
1 A DA 9  1_555 D DT 9  1_555 A DT 10 1_555 C DA 3  1_555 -0.292 -2.021 3.183 -1.233 -0.853 17.105 -6.235 0.203  3.292 -2.862 
4.134   17.170 7  AA_DA9DT10:DA2DT10_CD A 9  ? D 10 ? A 10 ? C 2  ? 
1 A DT 10 1_555 C DA 3  1_555 A DG 11 1_555 C DC 2  1_555 -0.192 0.655  3.488 0.067  4.834  42.274 0.377  0.272  3.538 6.676  
-0.092  42.537 8  AA_DT10DG11:DC1DA2_CC A 10 ? C 2  ? A 11 ? C 1  ? 
1 A DG 11 1_555 C DC 2  1_555 A DA 12 1_555 C DT 1  1_555 -0.190 -0.619 3.442 -1.634 1.553  39.694 -1.100 0.080  3.421 2.284  
2.404   39.755 9  AA_DG11DA12:DT0DC1_CC A 11 ? C 1  ? A 12 ? C 0  ? 
1 B DC 1  1_555 C DG 6  1_555 B DG 2  1_555 C DC 5  1_555 -0.919 -1.492 3.051 -0.933 14.003 43.119 -3.026 1.122  2.493 18.477 
1.231   45.241 10 BB_DC12DG13:DC4DG5_CC B 12 ? C 5  ? B 13 ? C 4  ? 
1 B DG 2  1_555 C DC 5  1_555 B DT 3  1_555 C DA 4  1_555 0.376  -1.651 3.483 -0.042 -0.088 25.606 -3.698 -0.862 3.488 -0.199 
0.094   25.606 11 BB_DG13DT14:DA3DC4_CC B 13 ? C 4  ? B 14 ? C 3  ? 
1 B DT 3  1_555 C DA 4  1_555 B DC 4  1_555 D DG 8  1_555 -0.600 -1.116 3.322 -3.045 -2.953 24.509 -1.661 0.435  3.477 -6.890 
7.106   24.867 12 BB_DT14DC15:DG9DA3_DC B 14 ? C 3  ? B 15 ? D 9  ? 
1 B DC 4  1_555 D DG 8  1_555 B DA 5  1_555 D DT 7  1_555 -0.286 1.085  3.082 -1.106 5.605  41.731 0.952  0.288  3.201 7.824  
1.543   42.103 13 BB_DC15DA16:DT8DG9_DD B 15 ? D 9  ? B 16 ? D 8  ? 
1 B DA 5  1_555 D DT 7  1_555 B DC 6  1_555 D DG 6  1_555 0.341  -1.403 3.081 1.433  1.198  25.376 -3.507 -0.390 3.027 2.723  
-3.256  25.444 14 BB_DA16DC17:DG7DT8_DD B 16 ? D 8  ? B 17 ? D 7  ? 
1 B DC 6  1_555 D DG 6  1_555 B DT 7  1_555 D DA 5  1_555 -0.158 -0.359 3.311 4.475  2.562  35.838 -0.939 0.888  3.236 4.137  
-7.226  36.195 15 BB_DC17DT18:DA6DG7_DD B 17 ? D 7  ? B 18 ? D 6  ? 
1 B DT 7  1_555 D DA 5  1_555 B DC 8  1_555 D DG 4  1_555 0.457  0.900  3.246 6.653  6.127  38.932 0.595  0.117  3.374 9.045  
-9.821  39.930 16 BB_DT18DC19:DG5DA6_DD B 18 ? D 6  ? B 19 ? D 5  ? 
# 
loop_
_pdbx_audit_support.funding_organization 
_pdbx_audit_support.country 
_pdbx_audit_support.grant_number 
_pdbx_audit_support.ordinal 
'National Science Foundation (NSF, United States)'                                         'United States' 1360635     1 
'National Institutes of Health/National Institute of General Medical Sciences (NIH/NIGMS)' 'United States' R01GM104960 2 
'National Science Foundation (NSF, United States)'                                         'United States' NSF2004250  3 
# 
_pdbx_entity_nonpoly.entity_id   5 
_pdbx_entity_nonpoly.name        'CACODYLATE ION' 
_pdbx_entity_nonpoly.comp_id     CAC 
# 
_pdbx_initial_refinement_model.id               1 
_pdbx_initial_refinement_model.entity_id_list   ? 
_pdbx_initial_refinement_model.type             'experimental model' 
_pdbx_initial_refinement_model.source_name      PDB 
_pdbx_initial_refinement_model.accession_code   6XNA 
_pdbx_initial_refinement_model.details          ? 
# 
_pdbx_struct_assembly_auth_evidence.id                     1 
_pdbx_struct_assembly_auth_evidence.assembly_id            1 
_pdbx_struct_assembly_auth_evidence.experimental_support   none 
_pdbx_struct_assembly_auth_evidence.details                ? 
# 
